data_7JHH
#
_entry.id   7JHH
#
_cell.length_a   1.00
_cell.length_b   1.00
_cell.length_c   1.00
_cell.angle_alpha   90.00
_cell.angle_beta   90.00
_cell.angle_gamma   90.00
#
_symmetry.space_group_name_H-M   'P 1'
#
loop_
_entity.id
_entity.type
_entity.pdbx_description
1 polymer "5'-AMP-activated protein kinase catalytic subunit alpha-1"
2 polymer "5'-AMP-activated protein kinase subunit beta-2"
3 polymer "5'-AMP-activated protein kinase subunit gamma-1"
4 polymer 'Maltodextrin-binding protein'
5 polymer 'Fab light chain'
6 polymer 'Fab heavy chain'
7 polymer Nanobody
8 branched alpha-D-glucopyranose-(1-4)-alpha-D-glucopyranose
9 non-polymer "ADENOSINE-5'-TRIPHOSPHATE"
10 non-polymer "ADENOSINE-5'-DIPHOSPHATE"
11 non-polymer 'ADENOSINE MONOPHOSPHATE'
#
loop_
_entity_poly.entity_id
_entity_poly.type
_entity_poly.pdbx_seq_one_letter_code
_entity_poly.pdbx_strand_id
1 'polypeptide(L)'
;VKIGHYILGDTLGVGTFGKVKVGKHELTGHKVAVKILNRQKIRSLDVVGKIRREIQNLKLFRHPHIIKLYQVISTPSDIF
MVMEYVSGGELFDYICKNGRLDEKESRRLFQQILSGVDYCHRHMVVHRDLKPENVLLDAHMNAKIADFGLSNMMSDGEFL
RTSCGSPNYAAPEVISGRLYAGPEVDIWSSGVILYALLCGTLPFDDDHVPTLFKKICDGIFYTPQYLNPSVISLLKHMLQ
VDPMKRATIKDIREHEWFKQDLPKYLFPEDPSYSSTMIDDEALKEVCEKFECSEEEVLSCLYNRNHQDPLAVAYHLIIDN
RRIMNEAKDFYLATSPPDSFLDDHHLTRPHPERVPFLVAETPRARHTLDELNPQKSKHQGVRKAKWHLGIRSQSRPNDIM
AEVCRAIKQLDYEWKVVNPYYLRVRRKNPVTSTYSKMSLQLYQVDSRTYLLDFRSIDDELTPRPGSHTIEFFEMCANLIK
ILAQ
;
A
2 'polypeptide(L)'
;MARPTVIRWSEGGKEVFISGSFNNWSTKIPLIKSHNDFVAILDLPEGEHQYKFFVDGQWVHDPSEPVVTSQLGTINNLIH
VKKSDFEVFDALKLDSMESSETSCRDLSSSPPGPYGQEMYAFRSAARFKSPPILPPHLLQVILNKDTNISCDPALLPEPN
HVMLNHLYALSIKDSVMVLSATHRYKKKYVTTLLYKPI
;
B
3 'polypeptide(L)'
;MGSNNSVYTSFMKSHRCYDLIPTSSKLVVFDTSLQVKKAFFALVTNGVRAAPLWDSKKQSFVGMLTITDFINILHRYYKS
ALVQIYELEEHKIETWREVYLQDSFKPLVCISPNASLFDAVSSLIRNKIHRLPVIDPESGNTLYILTHKRILKFLKLFIT
EFPKPEFMSKSLEELQIGTYANIAMVRTTTPVYVALGIFVQHRVSALPVVDEKGRVVDIYSKFDVINLAAEKTYNNLDVS
VTKALQHRSHYFEGVLKCYLHETLETIINRLVEAEVHRLVVVDENDVVKGIVSLSDILQALVLTGG
;
G
4 'polypeptide(L)'
;MAKIEEGKLVIWINGDKGYNGLAEVGKKFEKDTGIKVTVEHPDKLEEKFPQVAATGDGPDIIFWAHDRFGGYAQSGLLAE
ITPAAAFQDKLYPFTWDAVRYNGKLIAYPIAVEALSLIYNKDLLPNPPKTWEEIPALDKELKAKGKSALMFNLQEPYFTW
PLIAADGGYAFKYENGKYDIKDVGVDNAGAKAGLTFLVDLIKNKHMNADTDYSIAEAAFNKGETAMTINGPWAWSNIDTS
AVNYGVTVLPTFKGQPSKPFVGVLSAGINAASPNKELAKEFLENYLLTDEGLEAVNKDKPLGAVALKSYEEELAKDPRIA
ATMENAQKGEIMPNIPQMSAFWYAVRTAVINAASGRQTVDEALKDAQTNAAEF
;
M
5 'polypeptide(L)'
;SDIQMTQSPSSLSASVGDRVTITCRASQSVSSAVAWYQQKPGKAPKLLIYSASSLYSGVPSRFSGSRSGTDFTLTISSLQ
PEDFATYYCQQSSSGPITFGQGTKVEIKRTVAAPSVFIFPPSDSQLKSGTASVVCLLNNFYPREAKVQWKVDNALQSGNS
QESVTEQDSKDSTYSLSSTLTLSKADYEKHKVYACEVTHQGLSSPVTKSFNRGEC
;
L
6 'polypeptide(L)'
;EISEVQLVESGGGLVQPGGSLRLSCAASGFNIYYYSIHWVRQAPGKGLEWVASIYPYSGSTSYADSVKGRFTISADTSKN
TAYLQMNSLRAEDTAVYYCARYYPYFISYYSKMEAMDYWGQGTLVTVSSASTKGPSVFPLAPSSKSTSGGTAALGCLVKD
YFPEPVTVSWNSGALTSGVHTFPAVLQSSGLYSLSSVVTVPSSSLGTQTYICNVNHKPSNTKVDKKVEPKSCDKTHT
;
H
7 'polypeptide(L)'
;MKYLLPTAAAGLLLLAAQPAMAMHHHHHHGENLYFQGSQVQLQESGGGLVQPGGSLRLSCAASGRTISRYAMSWFRQAPG
KEREFVAVARRSGDGAFYADSVQGRFTVSRDDAKNTVYLQMNSLKPEDTAVYYCAIDSDTFYSGSYDYWGQGTQVTVSS
;
N
#
loop_
_chem_comp.id
_chem_comp.type
_chem_comp.name
_chem_comp.formula
ADP non-polymer ADENOSINE-5'-DIPHOSPHATE 'C10 H15 N5 O10 P2'
AMP non-polymer 'ADENOSINE MONOPHOSPHATE' 'C10 H14 N5 O7 P'
ATP non-polymer ADENOSINE-5'-TRIPHOSPHATE 'C10 H16 N5 O13 P3'
GLC D-saccharide, alpha linking alpha-D-glucopyranose 'C6 H12 O6'
#
# COMPACT_ATOMS: atom_id res chain seq x y z
N VAL A 1 -19.39 15.29 12.00
CA VAL A 1 -18.65 16.48 11.61
C VAL A 1 -17.43 16.72 12.49
N LYS A 2 -16.87 15.64 13.01
CA LYS A 2 -15.70 15.71 13.89
C LYS A 2 -14.78 14.54 13.56
N ILE A 3 -13.64 14.83 12.94
CA ILE A 3 -12.66 13.79 12.61
C ILE A 3 -11.29 14.23 13.11
N GLY A 4 -10.60 13.32 13.78
CA GLY A 4 -9.35 13.66 14.47
C GLY A 4 -9.59 14.64 15.60
N HIS A 5 -9.16 15.88 15.40
CA HIS A 5 -9.49 17.01 16.26
C HIS A 5 -10.02 18.16 15.43
N TYR A 6 -10.75 17.84 14.37
CA TYR A 6 -11.23 18.80 13.39
C TYR A 6 -12.75 18.80 13.40
N ILE A 7 -13.35 19.95 13.70
CA ILE A 7 -14.78 20.14 13.49
C ILE A 7 -14.99 20.61 12.06
N LEU A 8 -16.22 20.45 11.57
CA LEU A 8 -16.53 20.78 10.18
C LEU A 8 -17.50 21.95 10.11
N GLY A 9 -17.15 22.94 9.29
CA GLY A 9 -17.97 24.10 9.06
C GLY A 9 -18.91 23.94 7.89
N ASP A 10 -19.32 25.08 7.33
CA ASP A 10 -20.24 25.13 6.20
C ASP A 10 -19.60 24.53 4.95
N THR A 11 -20.37 23.72 4.23
CA THR A 11 -19.93 23.09 2.99
C THR A 11 -19.63 24.14 1.92
N LEU A 12 -18.44 24.03 1.31
CA LEU A 12 -18.06 24.95 0.25
C LEU A 12 -18.85 24.69 -1.02
N GLY A 13 -18.88 23.46 -1.49
CA GLY A 13 -19.59 23.14 -2.71
C GLY A 13 -19.63 21.64 -2.94
N VAL A 14 -20.48 21.25 -3.88
CA VAL A 14 -20.62 19.85 -4.30
C VAL A 14 -20.52 19.83 -5.83
N GLY A 15 -19.29 19.68 -6.35
CA GLY A 15 -19.07 19.77 -7.77
C GLY A 15 -19.61 18.61 -8.57
N THR A 16 -19.15 17.39 -8.30
CA THR A 16 -19.64 16.21 -9.00
C THR A 16 -20.32 15.22 -8.06
N PHE A 17 -19.60 14.70 -7.07
CA PHE A 17 -20.19 13.79 -6.10
C PHE A 17 -19.62 14.04 -4.71
N GLY A 18 -18.40 14.60 -4.66
CA GLY A 18 -17.75 14.82 -3.38
C GLY A 18 -18.27 16.06 -2.68
N LYS A 19 -18.46 15.94 -1.37
CA LYS A 19 -18.92 17.05 -0.54
C LYS A 19 -17.71 17.64 0.17
N VAL A 20 -17.28 18.83 -0.27
CA VAL A 20 -16.07 19.45 0.25
C VAL A 20 -16.45 20.38 1.39
N LYS A 21 -15.89 20.15 2.57
CA LYS A 21 -16.15 20.97 3.73
C LYS A 21 -14.86 21.52 4.29
N VAL A 22 -14.97 22.64 5.00
CA VAL A 22 -13.83 23.22 5.70
C VAL A 22 -13.74 22.60 7.09
N GLY A 23 -12.54 22.15 7.45
CA GLY A 23 -12.27 21.62 8.77
C GLY A 23 -11.46 22.61 9.58
N LYS A 24 -11.70 22.61 10.88
CA LYS A 24 -11.08 23.57 11.79
C LYS A 24 -10.60 22.84 13.02
N HIS A 25 -9.34 23.10 13.38
CA HIS A 25 -8.70 22.46 14.52
C HIS A 25 -8.90 23.38 15.72
N GLU A 26 -9.64 22.92 16.72
CA GLU A 26 -10.00 23.78 17.85
C GLU A 26 -8.80 24.13 18.71
N LEU A 27 -7.80 23.26 18.77
CA LEU A 27 -6.62 23.53 19.59
C LEU A 27 -5.70 24.54 18.94
N THR A 28 -5.36 24.32 17.66
CA THR A 28 -4.31 25.08 16.99
C THR A 28 -4.82 26.16 16.05
N GLY A 29 -6.10 26.13 15.68
CA GLY A 29 -6.65 27.13 14.79
C GLY A 29 -6.13 27.06 13.36
N HIS A 30 -6.22 25.88 12.74
CA HIS A 30 -5.72 25.65 11.40
C HIS A 30 -6.85 25.15 10.50
N LYS A 31 -6.89 25.66 9.27
CA LYS A 31 -7.95 25.35 8.32
C LYS A 31 -7.51 24.26 7.38
N VAL A 32 -8.27 23.17 7.35
CA VAL A 32 -8.03 22.01 6.50
C VAL A 32 -9.26 21.91 5.60
N ALA A 33 -9.21 21.07 4.56
CA ALA A 33 -10.35 20.88 3.66
C ALA A 33 -10.63 19.39 3.58
N VAL A 34 -11.72 18.96 4.21
CA VAL A 34 -12.12 17.56 4.11
C VAL A 34 -12.94 17.38 2.83
N LYS A 35 -12.92 16.15 2.32
CA LYS A 35 -13.73 15.79 1.17
C LYS A 35 -14.46 14.49 1.51
N ILE A 36 -15.79 14.56 1.49
CA ILE A 36 -16.67 13.43 1.68
C ILE A 36 -16.88 12.73 0.33
N LEU A 37 -16.75 11.41 0.32
CA LEU A 37 -16.96 10.57 -0.85
C LEU A 37 -18.02 9.54 -0.48
N ASN A 38 -19.24 9.72 -0.96
CA ASN A 38 -20.31 8.77 -0.71
C ASN A 38 -20.01 7.46 -1.42
N ARG A 39 -20.06 6.35 -0.67
CA ARG A 39 -19.80 5.04 -1.25
C ARG A 39 -20.92 4.57 -2.17
N GLN A 40 -22.12 5.14 -2.05
CA GLN A 40 -23.23 4.77 -2.90
C GLN A 40 -22.97 5.11 -4.37
N LYS A 41 -22.30 6.25 -4.62
CA LYS A 41 -22.21 6.78 -5.97
C LYS A 41 -21.20 6.02 -6.83
N ILE A 42 -19.96 5.86 -6.34
CA ILE A 42 -18.86 5.46 -7.22
C ILE A 42 -18.01 4.32 -6.68
N ARG A 43 -18.47 3.65 -5.62
CA ARG A 43 -17.71 2.55 -5.04
C ARG A 43 -18.42 1.23 -5.35
N SER A 44 -17.69 0.33 -6.02
CA SER A 44 -18.19 -1.00 -6.34
C SER A 44 -17.71 -2.09 -5.39
N LEU A 45 -16.47 -1.99 -4.92
CA LEU A 45 -15.88 -2.98 -4.03
C LEU A 45 -15.58 -2.33 -2.68
N ASP A 46 -15.88 -3.06 -1.61
CA ASP A 46 -15.85 -2.53 -0.25
C ASP A 46 -14.75 -3.19 0.60
N VAL A 47 -13.76 -3.81 -0.06
CA VAL A 47 -12.68 -4.47 0.65
C VAL A 47 -11.76 -3.42 1.29
N VAL A 48 -11.38 -3.66 2.55
CA VAL A 48 -10.55 -2.72 3.29
C VAL A 48 -9.12 -2.66 2.75
N GLY A 49 -8.68 -3.70 2.01
CA GLY A 49 -7.36 -3.68 1.41
C GLY A 49 -7.19 -2.59 0.37
N LYS A 50 -8.27 -2.22 -0.32
CA LYS A 50 -8.22 -1.08 -1.23
C LYS A 50 -8.00 0.23 -0.47
N ILE A 51 -8.60 0.35 0.72
CA ILE A 51 -8.36 1.51 1.57
C ILE A 51 -6.92 1.53 2.08
N ARG A 52 -6.36 0.34 2.35
CA ARG A 52 -4.96 0.24 2.73
C ARG A 52 -4.03 0.66 1.59
N ARG A 53 -4.38 0.27 0.36
CA ARG A 53 -3.62 0.73 -0.81
C ARG A 53 -3.74 2.24 -1.00
N GLU A 54 -4.91 2.80 -0.68
CA GLU A 54 -5.07 4.26 -0.72
C GLU A 54 -4.16 4.95 0.29
N ILE A 55 -4.12 4.43 1.52
CA ILE A 55 -3.28 4.99 2.58
C ILE A 55 -1.80 4.89 2.23
N GLN A 56 -1.41 3.78 1.59
CA GLN A 56 -0.01 3.61 1.21
C GLN A 56 0.36 4.51 0.02
N ASN A 57 -0.52 4.61 -0.98
CA ASN A 57 -0.18 5.30 -2.21
C ASN A 57 -0.28 6.82 -2.07
N LEU A 58 -1.41 7.32 -1.58
CA LEU A 58 -1.77 8.73 -1.76
C LEU A 58 -0.93 9.66 -0.88
N LYS A 59 -0.51 9.19 0.30
CA LYS A 59 0.15 10.07 1.26
C LYS A 59 1.55 10.48 0.82
N LEU A 60 2.28 9.57 0.16
CA LEU A 60 3.71 9.73 -0.09
C LEU A 60 4.02 10.63 -1.30
N PHE A 61 3.02 11.25 -1.92
CA PHE A 61 3.26 12.13 -3.07
C PHE A 61 3.31 13.58 -2.59
N ARG A 62 4.47 13.96 -2.08
CA ARG A 62 4.70 15.30 -1.53
C ARG A 62 5.29 16.21 -2.60
N HIS A 63 4.60 17.32 -2.91
CA HIS A 63 5.08 18.28 -3.90
C HIS A 63 4.62 19.67 -3.50
N PRO A 64 5.45 20.70 -3.68
CA PRO A 64 5.08 22.05 -3.23
C PRO A 64 4.00 22.74 -4.06
N HIS A 65 3.48 22.11 -5.12
CA HIS A 65 2.39 22.70 -5.90
C HIS A 65 1.25 21.71 -6.12
N ILE A 66 1.32 20.54 -5.49
CA ILE A 66 0.20 19.60 -5.43
C ILE A 66 -0.42 19.73 -4.05
N ILE A 67 -1.75 19.76 -3.99
CA ILE A 67 -2.43 19.69 -2.70
C ILE A 67 -2.13 18.34 -2.06
N LYS A 68 -1.43 18.38 -0.93
CA LYS A 68 -1.03 17.16 -0.26
C LYS A 68 -2.21 16.55 0.48
N LEU A 69 -2.26 15.23 0.50
CA LEU A 69 -3.28 14.50 1.25
C LEU A 69 -2.67 14.00 2.54
N TYR A 70 -3.42 14.12 3.63
CA TYR A 70 -2.90 13.88 4.97
C TYR A 70 -3.32 12.52 5.50
N GLN A 71 -4.62 12.25 5.53
CA GLN A 71 -5.10 10.91 5.81
C GLN A 71 -6.47 10.69 5.20
N VAL A 72 -6.78 9.41 4.99
CA VAL A 72 -8.04 8.94 4.43
C VAL A 72 -8.73 8.16 5.54
N ILE A 73 -9.72 8.77 6.16
CA ILE A 73 -10.47 8.16 7.25
C ILE A 73 -11.63 7.38 6.68
N SER A 74 -11.73 6.10 7.08
CA SER A 74 -12.79 5.24 6.62
C SER A 74 -14.04 5.44 7.47
N THR A 75 -15.18 5.05 6.91
CA THR A 75 -16.50 5.27 7.49
C THR A 75 -17.41 4.24 6.84
N PRO A 76 -18.34 3.62 7.58
CA PRO A 76 -19.32 2.74 6.93
C PRO A 76 -20.19 3.41 5.89
N SER A 77 -20.49 4.70 6.06
CA SER A 77 -21.31 5.40 5.08
C SER A 77 -20.48 6.10 4.01
N ASP A 78 -19.35 6.71 4.37
CA ASP A 78 -18.61 7.57 3.46
C ASP A 78 -17.11 7.28 3.46
N ILE A 79 -16.35 8.13 2.78
CA ILE A 79 -14.88 8.16 2.85
C ILE A 79 -14.46 9.61 3.03
N PHE A 80 -13.69 9.88 4.08
CA PHE A 80 -13.23 11.23 4.35
C PHE A 80 -11.77 11.36 3.98
N MET A 81 -11.41 12.45 3.30
CA MET A 81 -10.00 12.69 3.02
C MET A 81 -9.64 14.12 3.40
N VAL A 82 -8.59 14.29 4.20
CA VAL A 82 -8.21 15.63 4.67
C VAL A 82 -7.13 16.19 3.76
N MET A 83 -7.56 16.91 2.71
CA MET A 83 -6.64 17.66 1.88
C MET A 83 -6.34 19.01 2.52
N GLU A 84 -5.26 19.64 2.08
CA GLU A 84 -4.94 20.94 2.66
C GLU A 84 -5.84 22.01 2.06
N TYR A 85 -6.01 23.10 2.81
CA TYR A 85 -6.94 24.16 2.46
C TYR A 85 -6.20 25.41 2.02
N VAL A 86 -6.74 26.07 1.01
CA VAL A 86 -6.22 27.34 0.50
C VAL A 86 -7.38 28.30 0.31
N SER A 87 -7.18 29.55 0.72
CA SER A 87 -8.24 30.54 0.78
C SER A 87 -8.35 31.41 -0.48
N GLY A 88 -7.72 31.02 -1.58
CA GLY A 88 -7.69 31.88 -2.75
C GLY A 88 -8.71 31.51 -3.82
N GLY A 89 -9.39 30.39 -3.64
CA GLY A 89 -10.45 29.99 -4.55
C GLY A 89 -9.94 29.35 -5.83
N GLU A 90 -10.88 28.98 -6.68
CA GLU A 90 -10.60 28.33 -7.94
C GLU A 90 -9.94 29.28 -8.93
N LEU A 91 -9.22 28.70 -9.89
CA LEU A 91 -8.61 29.50 -10.95
C LEU A 91 -9.65 30.08 -11.88
N PHE A 92 -10.72 29.33 -12.16
CA PHE A 92 -11.78 29.78 -13.05
C PHE A 92 -12.52 30.99 -12.48
N ASP A 93 -12.71 31.01 -11.16
CA ASP A 93 -13.30 32.19 -10.52
C ASP A 93 -12.37 33.38 -10.59
N TYR A 94 -11.07 33.15 -10.52
CA TYR A 94 -10.09 34.24 -10.64
C TYR A 94 -10.07 34.80 -12.06
N ILE A 95 -10.23 33.93 -13.06
CA ILE A 95 -10.32 34.35 -14.46
C ILE A 95 -11.60 35.14 -14.70
N CYS A 96 -12.72 34.66 -14.16
CA CYS A 96 -13.99 35.39 -14.31
C CYS A 96 -13.99 36.70 -13.53
N LYS A 97 -13.18 36.80 -12.47
CA LYS A 97 -13.09 38.05 -11.73
C LYS A 97 -12.22 39.08 -12.46
N ASN A 98 -11.02 38.68 -12.89
CA ASN A 98 -10.05 39.64 -13.40
C ASN A 98 -9.93 39.65 -14.92
N GLY A 99 -10.68 38.80 -15.62
CA GLY A 99 -10.62 38.80 -17.08
C GLY A 99 -9.29 38.29 -17.62
N ARG A 100 -8.77 39.00 -18.62
CA ARG A 100 -7.47 38.67 -19.18
C ARG A 100 -6.36 39.02 -18.19
N LEU A 101 -5.39 38.11 -18.06
CA LEU A 101 -4.26 38.31 -17.18
C LEU A 101 -3.02 38.74 -17.96
N ASP A 102 -2.04 39.25 -17.23
CA ASP A 102 -0.75 39.58 -17.80
C ASP A 102 0.00 38.30 -18.15
N GLU A 103 0.91 38.41 -19.13
CA GLU A 103 1.66 37.25 -19.59
C GLU A 103 2.65 36.75 -18.55
N LYS A 104 3.24 37.67 -17.77
CA LYS A 104 4.22 37.28 -16.76
C LYS A 104 3.60 36.54 -15.58
N GLU A 105 2.31 36.74 -15.32
CA GLU A 105 1.62 35.98 -14.29
C GLU A 105 1.02 34.68 -14.84
N SER A 106 0.60 34.70 -16.10
CA SER A 106 0.06 33.50 -16.72
C SER A 106 1.16 32.46 -16.91
N ARG A 107 2.38 32.89 -17.26
CA ARG A 107 3.49 31.95 -17.35
C ARG A 107 3.90 31.45 -15.96
N ARG A 108 3.73 32.28 -14.92
CA ARG A 108 4.07 31.86 -13.57
C ARG A 108 3.09 30.81 -13.05
N LEU A 109 1.81 30.93 -13.42
CA LEU A 109 0.86 29.89 -13.07
C LEU A 109 1.04 28.65 -13.95
N PHE A 110 1.39 28.84 -15.22
CA PHE A 110 1.50 27.72 -16.16
C PHE A 110 2.69 26.85 -15.85
N GLN A 111 3.82 27.45 -15.43
CA GLN A 111 4.98 26.66 -15.04
C GLN A 111 4.71 25.83 -13.80
N GLN A 112 3.94 26.38 -12.85
CA GLN A 112 3.63 25.63 -11.63
C GLN A 112 2.64 24.50 -11.91
N ILE A 113 1.67 24.74 -12.80
CA ILE A 113 0.73 23.68 -13.18
C ILE A 113 1.45 22.58 -13.95
N LEU A 114 2.38 22.97 -14.84
CA LEU A 114 3.10 21.96 -15.61
C LEU A 114 4.10 21.20 -14.74
N SER A 115 4.68 21.86 -13.73
CA SER A 115 5.54 21.15 -12.80
C SER A 115 4.77 20.37 -11.74
N GLY A 116 3.46 20.58 -11.65
CA GLY A 116 2.64 19.71 -10.83
C GLY A 116 2.14 18.51 -11.61
N VAL A 117 2.01 18.66 -12.93
CA VAL A 117 1.64 17.53 -13.77
C VAL A 117 2.86 16.66 -14.07
N ASP A 118 4.06 17.27 -14.12
CA ASP A 118 5.28 16.51 -14.36
C ASP A 118 5.66 15.66 -13.15
N TYR A 119 5.37 16.13 -11.93
CA TYR A 119 5.60 15.32 -10.75
C TYR A 119 4.69 14.10 -10.73
N CYS A 120 3.44 14.27 -11.17
CA CYS A 120 2.52 13.16 -11.26
C CYS A 120 2.95 12.16 -12.34
N HIS A 121 3.46 12.66 -13.47
CA HIS A 121 3.92 11.76 -14.52
C HIS A 121 5.22 11.06 -14.16
N ARG A 122 6.07 11.71 -13.34
CA ARG A 122 7.25 11.01 -12.82
C ARG A 122 6.85 9.95 -11.80
N HIS A 123 5.80 10.21 -11.01
CA HIS A 123 5.30 9.22 -10.07
C HIS A 123 4.11 8.43 -10.64
N MET A 124 4.04 8.32 -11.97
CA MET A 124 3.23 7.34 -12.69
C MET A 124 1.73 7.49 -12.46
N VAL A 125 1.24 8.72 -12.30
CA VAL A 125 -0.18 8.95 -12.10
C VAL A 125 -0.62 10.12 -12.98
N VAL A 126 -1.85 10.06 -13.49
CA VAL A 126 -2.37 11.09 -14.37
C VAL A 126 -3.60 11.73 -13.73
N HIS A 127 -3.91 12.93 -14.18
CA HIS A 127 -5.07 13.70 -13.74
C HIS A 127 -5.96 13.94 -14.96
N ARG A 128 -6.86 13.00 -15.24
CA ARG A 128 -7.64 13.03 -16.47
C ARG A 128 -8.65 14.18 -16.46
N ASP A 129 -9.26 14.46 -15.32
CA ASP A 129 -10.24 15.54 -15.22
C ASP A 129 -9.54 16.79 -14.67
N LEU A 130 -8.76 17.42 -15.54
CA LEU A 130 -8.05 18.65 -15.22
C LEU A 130 -8.78 19.83 -15.83
N LYS A 131 -9.00 20.86 -15.03
CA LYS A 131 -9.80 22.02 -15.44
C LYS A 131 -9.42 23.19 -14.55
N PRO A 132 -9.73 24.43 -14.97
CA PRO A 132 -9.52 25.59 -14.07
C PRO A 132 -10.39 25.60 -12.82
N GLU A 133 -11.42 24.76 -12.74
CA GLU A 133 -12.17 24.62 -11.50
C GLU A 133 -11.58 23.55 -10.58
N ASN A 134 -10.56 22.83 -11.03
CA ASN A 134 -9.87 21.85 -10.19
C ASN A 134 -8.41 22.24 -9.94
N VAL A 135 -8.08 23.51 -10.11
CA VAL A 135 -6.80 24.06 -9.65
C VAL A 135 -7.09 25.31 -8.83
N LEU A 136 -6.56 25.35 -7.62
CA LEU A 136 -6.84 26.36 -6.63
C LEU A 136 -5.66 27.31 -6.47
N LEU A 137 -5.92 28.45 -5.85
CA LEU A 137 -4.89 29.42 -5.52
C LEU A 137 -4.73 29.51 -4.02
N ASP A 138 -3.50 29.76 -3.57
CA ASP A 138 -3.23 29.95 -2.16
C ASP A 138 -3.26 31.45 -1.82
N ALA A 139 -2.78 31.80 -0.63
CA ALA A 139 -2.64 33.21 -0.28
C ALA A 139 -1.50 33.86 -1.05
N HIS A 140 -0.44 33.10 -1.36
CA HIS A 140 0.73 33.61 -2.04
C HIS A 140 0.63 33.50 -3.57
N MET A 141 -0.60 33.38 -4.10
CA MET A 141 -0.91 33.45 -5.53
C MET A 141 -0.20 32.36 -6.35
N ASN A 142 -0.08 31.17 -5.77
CA ASN A 142 0.51 30.04 -6.47
C ASN A 142 -0.61 29.23 -7.14
N ALA A 143 -0.26 28.04 -7.64
CA ALA A 143 -1.21 27.15 -8.27
C ALA A 143 -1.13 25.79 -7.58
N LYS A 144 -2.29 25.22 -7.25
CA LYS A 144 -2.38 23.96 -6.51
C LYS A 144 -3.35 23.04 -7.23
N ILE A 145 -2.84 21.93 -7.77
CA ILE A 145 -3.72 20.94 -8.39
C ILE A 145 -4.48 20.19 -7.29
N ALA A 146 -5.80 20.11 -7.43
CA ALA A 146 -6.65 19.62 -6.35
C ALA A 146 -6.51 18.11 -6.16
N ASP A 147 -6.57 17.33 -7.24
CA ASP A 147 -6.61 15.90 -7.11
C ASP A 147 -5.88 15.23 -8.27
N PHE A 148 -5.40 14.02 -8.02
CA PHE A 148 -4.88 13.15 -9.06
C PHE A 148 -5.53 11.77 -9.06
N GLY A 149 -5.79 11.19 -7.89
CA GLY A 149 -6.39 9.87 -7.84
C GLY A 149 -7.90 9.86 -8.04
N LEU A 150 -8.56 10.98 -7.72
CA LEU A 150 -10.02 11.04 -7.76
C LEU A 150 -10.56 10.95 -9.18
N SER A 151 -9.86 11.54 -10.15
CA SER A 151 -10.34 11.52 -11.52
C SER A 151 -10.24 10.12 -12.13
N ASN A 152 -9.15 9.42 -11.81
CA ASN A 152 -8.82 8.13 -12.42
C ASN A 152 -9.90 7.08 -12.17
N MET A 153 -10.42 7.02 -10.93
CA MET A 153 -11.52 6.12 -10.63
C MET A 153 -12.80 6.56 -11.34
N MET A 154 -13.05 7.88 -11.43
CA MET A 154 -14.30 8.35 -12.02
C MET A 154 -14.30 8.19 -13.54
N SER A 155 -13.17 8.53 -14.19
CA SER A 155 -13.08 8.55 -15.65
C SER A 155 -13.29 7.17 -16.25
N ASP A 156 -12.78 6.14 -15.58
CA ASP A 156 -13.00 4.77 -16.04
C ASP A 156 -14.47 4.39 -15.90
N GLY A 157 -15.11 4.81 -14.81
CA GLY A 157 -16.50 4.41 -14.58
C GLY A 157 -17.48 5.04 -15.56
N GLU A 158 -17.43 6.37 -15.71
CA GLU A 158 -18.33 7.08 -16.60
C GLU A 158 -17.54 8.09 -17.45
N PHE A 159 -16.88 7.61 -18.51
CA PHE A 159 -16.23 8.53 -19.43
C PHE A 159 -17.25 9.26 -20.30
N LEU A 160 -18.31 8.55 -20.72
CA LEU A 160 -19.35 9.16 -21.53
C LEU A 160 -20.12 10.23 -20.77
N ARG A 161 -20.41 9.99 -19.49
CA ARG A 161 -21.12 10.98 -18.66
C ARG A 161 -20.25 12.21 -18.44
N THR A 162 -18.96 12.02 -18.20
CA THR A 162 -18.02 13.14 -18.04
C THR A 162 -17.91 13.94 -19.33
N SER A 163 -17.89 13.25 -20.47
CA SER A 163 -17.86 13.92 -21.77
C SER A 163 -19.14 14.70 -22.03
N CYS A 164 -20.30 14.11 -21.68
CA CYS A 164 -21.58 14.78 -21.88
C CYS A 164 -21.73 16.00 -20.98
N GLY A 165 -21.26 15.90 -19.73
CA GLY A 165 -21.35 17.02 -18.80
C GLY A 165 -20.50 18.20 -19.24
N SER A 166 -19.25 17.93 -19.61
CA SER A 166 -18.41 18.98 -20.16
C SER A 166 -17.67 18.44 -21.37
N PRO A 167 -18.03 18.85 -22.59
CA PRO A 167 -17.31 18.38 -23.78
C PRO A 167 -15.94 19.00 -23.94
N ASN A 168 -15.82 20.30 -23.63
CA ASN A 168 -14.56 21.03 -23.86
C ASN A 168 -13.44 20.51 -22.97
N TYR A 169 -13.72 20.23 -21.70
CA TYR A 169 -12.69 19.69 -20.82
C TYR A 169 -12.34 18.25 -21.21
N ALA A 170 -13.31 17.49 -21.69
CA ALA A 170 -13.07 16.12 -22.14
C ALA A 170 -12.20 16.11 -23.39
N ALA A 171 -11.34 15.09 -23.47
CA ALA A 171 -10.34 14.93 -24.52
C ALA A 171 -10.96 14.50 -25.84
N PRO A 172 -10.37 14.91 -26.98
CA PRO A 172 -10.84 14.42 -28.29
C PRO A 172 -10.77 12.90 -28.44
N GLU A 173 -9.83 12.25 -27.74
CA GLU A 173 -9.78 10.80 -27.74
C GLU A 173 -10.98 10.19 -27.04
N VAL A 174 -11.40 10.81 -25.92
CA VAL A 174 -12.53 10.30 -25.15
C VAL A 174 -13.83 10.46 -25.92
N ILE A 175 -13.98 11.55 -26.66
CA ILE A 175 -15.17 11.70 -27.48
C ILE A 175 -15.05 10.94 -28.79
N SER A 176 -13.85 10.52 -29.17
CA SER A 176 -13.66 9.67 -30.35
C SER A 176 -13.73 8.20 -30.00
N GLY A 177 -13.87 7.86 -28.73
CA GLY A 177 -14.08 6.48 -28.33
C GLY A 177 -12.83 5.71 -28.01
N ARG A 178 -11.72 6.39 -27.75
CA ARG A 178 -10.54 5.74 -27.22
C ARG A 178 -10.80 5.25 -25.81
N LEU A 179 -10.16 4.12 -25.46
CA LEU A 179 -10.45 3.47 -24.19
C LEU A 179 -9.88 4.26 -23.02
N TYR A 180 -8.57 4.45 -22.99
CA TYR A 180 -7.91 5.15 -21.90
C TYR A 180 -7.20 6.39 -22.42
N ALA A 181 -7.33 7.49 -21.69
CA ALA A 181 -6.74 8.75 -22.13
C ALA A 181 -5.23 8.76 -21.96
N GLY A 182 -4.75 8.41 -20.77
CA GLY A 182 -3.34 8.47 -20.48
C GLY A 182 -2.86 9.88 -20.24
N PRO A 183 -1.56 10.12 -20.39
CA PRO A 183 -1.03 11.48 -20.15
C PRO A 183 -1.32 12.48 -21.27
N GLU A 184 -1.90 12.04 -22.38
CA GLU A 184 -2.17 12.96 -23.49
C GLU A 184 -3.34 13.89 -23.19
N VAL A 185 -4.19 13.56 -22.23
CA VAL A 185 -5.22 14.51 -21.80
C VAL A 185 -4.61 15.60 -20.93
N ASP A 186 -3.47 15.33 -20.27
CA ASP A 186 -2.93 16.25 -19.29
C ASP A 186 -2.35 17.49 -19.94
N ILE A 187 -1.60 17.31 -21.04
CA ILE A 187 -0.98 18.45 -21.70
C ILE A 187 -2.03 19.26 -22.46
N TRP A 188 -3.06 18.59 -22.99
CA TRP A 188 -4.13 19.31 -23.68
C TRP A 188 -4.99 20.10 -22.70
N SER A 189 -5.22 19.54 -21.50
CA SER A 189 -5.94 20.28 -20.48
C SER A 189 -5.10 21.42 -19.93
N SER A 190 -3.78 21.25 -19.82
CA SER A 190 -2.93 22.36 -19.42
C SER A 190 -2.83 23.41 -20.53
N GLY A 191 -3.07 23.01 -21.78
CA GLY A 191 -3.13 23.95 -22.87
C GLY A 191 -4.41 24.78 -22.89
N VAL A 192 -5.55 24.15 -22.57
CA VAL A 192 -6.76 24.97 -22.47
C VAL A 192 -6.75 25.82 -21.20
N ILE A 193 -6.03 25.37 -20.16
CA ILE A 193 -5.80 26.22 -18.98
C ILE A 193 -4.90 27.40 -19.36
N LEU A 194 -3.89 27.17 -20.19
CA LEU A 194 -3.05 28.27 -20.67
C LEU A 194 -3.81 29.23 -21.56
N TYR A 195 -4.74 28.73 -22.36
CA TYR A 195 -5.58 29.62 -23.16
C TYR A 195 -6.55 30.41 -22.27
N ALA A 196 -7.00 29.82 -21.16
CA ALA A 196 -7.80 30.57 -20.21
C ALA A 196 -6.97 31.62 -19.48
N LEU A 197 -5.69 31.35 -19.24
CA LEU A 197 -4.82 32.32 -18.60
C LEU A 197 -4.32 33.40 -19.55
N LEU A 198 -4.41 33.17 -20.86
CA LEU A 198 -3.96 34.15 -21.83
C LEU A 198 -5.08 34.93 -22.49
N CYS A 199 -6.30 34.38 -22.57
CA CYS A 199 -7.40 35.07 -23.22
C CYS A 199 -8.65 35.19 -22.36
N GLY A 200 -8.77 34.46 -21.27
CA GLY A 200 -9.92 34.55 -20.38
C GLY A 200 -11.10 33.66 -20.74
N THR A 201 -11.40 33.54 -22.03
CA THR A 201 -12.54 32.75 -22.46
C THR A 201 -12.12 31.29 -22.65
N LEU A 202 -13.08 30.45 -23.03
CA LEU A 202 -12.81 29.06 -23.34
C LEU A 202 -12.70 28.88 -24.85
N PRO A 203 -11.71 28.13 -25.33
CA PRO A 203 -11.48 28.05 -26.78
C PRO A 203 -12.53 27.25 -27.52
N PHE A 204 -13.23 26.35 -26.84
CA PHE A 204 -14.17 25.40 -27.45
C PHE A 204 -15.51 25.55 -26.74
N ASP A 205 -16.32 26.51 -27.19
CA ASP A 205 -17.59 26.82 -26.56
C ASP A 205 -18.70 26.88 -27.60
N ASP A 206 -19.75 26.11 -27.38
CA ASP A 206 -20.94 26.08 -28.24
C ASP A 206 -22.17 25.82 -27.39
N ASP A 207 -23.33 26.13 -27.96
CA ASP A 207 -24.60 25.82 -27.29
C ASP A 207 -25.07 24.42 -27.62
N HIS A 208 -25.01 24.01 -28.89
CA HIS A 208 -25.46 22.69 -29.30
C HIS A 208 -24.31 21.69 -29.16
N VAL A 209 -24.56 20.62 -28.42
CA VAL A 209 -23.53 19.73 -27.90
C VAL A 209 -22.84 18.89 -28.98
N PRO A 210 -23.52 18.26 -29.97
CA PRO A 210 -22.75 17.57 -31.03
C PRO A 210 -21.95 18.52 -31.92
N THR A 211 -22.43 19.74 -32.14
CA THR A 211 -21.58 20.73 -32.82
C THR A 211 -20.37 21.11 -31.95
N LEU A 212 -20.51 21.04 -30.62
CA LEU A 212 -19.36 21.27 -29.78
C LEU A 212 -18.38 20.10 -29.87
N PHE A 213 -18.89 18.87 -30.02
CA PHE A 213 -18.00 17.73 -30.28
C PHE A 213 -17.29 17.87 -31.62
N LYS A 214 -17.98 18.40 -32.62
CA LYS A 214 -17.34 18.68 -33.91
C LYS A 214 -16.28 19.78 -33.77
N LYS A 215 -16.51 20.75 -32.89
CA LYS A 215 -15.51 21.78 -32.63
C LYS A 215 -14.31 21.21 -31.88
N ILE A 216 -14.52 20.20 -31.03
CA ILE A 216 -13.41 19.51 -30.38
C ILE A 216 -12.60 18.74 -31.42
N CYS A 217 -13.30 18.03 -32.32
CA CYS A 217 -12.62 17.26 -33.37
C CYS A 217 -11.92 18.16 -34.38
N ASP A 218 -12.37 19.40 -34.55
CA ASP A 218 -11.65 20.36 -35.38
C ASP A 218 -10.48 20.94 -34.61
N GLY A 219 -9.35 21.10 -35.31
CA GLY A 219 -8.15 21.60 -34.68
C GLY A 219 -7.95 23.10 -34.84
N ILE A 220 -9.05 23.85 -34.88
CA ILE A 220 -9.00 25.29 -35.03
C ILE A 220 -9.59 25.95 -33.80
N PHE A 221 -9.07 27.12 -33.46
CA PHE A 221 -9.56 27.90 -32.33
C PHE A 221 -9.29 29.37 -32.59
N TYR A 222 -9.89 30.22 -31.76
CA TYR A 222 -9.79 31.66 -31.96
C TYR A 222 -8.48 32.19 -31.40
N THR A 223 -7.93 33.21 -32.08
CA THR A 223 -6.68 33.81 -31.68
C THR A 223 -6.73 35.33 -31.86
N PRO A 224 -6.75 36.10 -30.79
CA PRO A 224 -6.73 37.56 -30.91
C PRO A 224 -5.31 38.06 -31.14
N GLN A 225 -5.19 39.39 -31.25
CA GLN A 225 -3.90 40.04 -31.41
C GLN A 225 -3.32 40.52 -30.09
N TYR A 226 -3.96 40.19 -28.97
CA TYR A 226 -3.47 40.63 -27.66
C TYR A 226 -2.26 39.85 -27.20
N LEU A 227 -2.01 38.68 -27.77
CA LEU A 227 -0.92 37.82 -27.34
C LEU A 227 0.13 37.71 -28.45
N ASN A 228 1.39 37.58 -28.02
CA ASN A 228 2.52 37.57 -28.95
C ASN A 228 2.54 36.28 -29.76
N PRO A 229 3.08 36.32 -30.99
CA PRO A 229 3.13 35.11 -31.82
C PRO A 229 4.18 34.09 -31.41
N SER A 230 4.99 34.38 -30.38
CA SER A 230 5.95 33.40 -29.91
C SER A 230 5.29 32.26 -29.13
N VAL A 231 4.11 32.51 -28.55
CA VAL A 231 3.42 31.50 -27.77
C VAL A 231 2.33 30.79 -28.58
N ILE A 232 1.91 31.36 -29.71
CA ILE A 232 0.87 30.71 -30.51
C ILE A 232 1.42 29.48 -31.23
N SER A 233 2.73 29.44 -31.50
CA SER A 233 3.33 28.22 -32.03
C SER A 233 3.35 27.12 -30.98
N LEU A 234 3.56 27.49 -29.71
CA LEU A 234 3.47 26.53 -28.63
C LEU A 234 2.04 26.05 -28.43
N LEU A 235 1.07 26.94 -28.61
CA LEU A 235 -0.34 26.55 -28.50
C LEU A 235 -0.76 25.64 -29.64
N LYS A 236 -0.25 25.88 -30.85
CA LYS A 236 -0.56 25.00 -31.98
C LYS A 236 0.16 23.66 -31.86
N HIS A 237 1.33 23.63 -31.22
CA HIS A 237 2.03 22.38 -31.00
C HIS A 237 1.52 21.64 -29.77
N MET A 238 0.72 22.31 -28.93
CA MET A 238 0.20 21.72 -27.70
C MET A 238 -1.25 21.29 -27.82
N LEU A 239 -2.06 21.97 -28.63
CA LEU A 239 -3.49 21.71 -28.73
C LEU A 239 -3.86 20.94 -29.98
N GLN A 240 -3.00 20.04 -30.44
CA GLN A 240 -3.34 19.19 -31.57
C GLN A 240 -4.38 18.15 -31.19
N VAL A 241 -5.32 17.92 -32.10
CA VAL A 241 -6.36 16.91 -31.85
C VAL A 241 -5.82 15.50 -32.01
N ASP A 242 -4.67 15.34 -32.65
CA ASP A 242 -4.04 14.04 -32.81
C ASP A 242 -2.83 13.95 -31.90
N PRO A 243 -2.72 12.91 -31.05
CA PRO A 243 -1.67 12.89 -30.03
C PRO A 243 -0.28 12.57 -30.55
N MET A 244 -0.11 12.30 -31.84
CA MET A 244 1.23 12.08 -32.38
C MET A 244 2.05 13.38 -32.41
N LYS A 245 1.40 14.51 -32.66
CA LYS A 245 2.06 15.81 -32.73
C LYS A 245 1.84 16.65 -31.48
N ARG A 246 1.18 16.11 -30.47
CA ARG A 246 0.93 16.85 -29.24
C ARG A 246 2.22 17.01 -28.44
N ALA A 247 2.37 18.16 -27.80
CA ALA A 247 3.60 18.51 -27.10
C ALA A 247 3.81 17.64 -25.86
N THR A 248 5.09 17.37 -25.56
CA THR A 248 5.49 16.67 -24.36
C THR A 248 6.05 17.67 -23.35
N ILE A 249 6.38 17.15 -22.16
CA ILE A 249 7.05 17.97 -21.14
C ILE A 249 8.43 18.39 -21.65
N LYS A 250 9.13 17.49 -22.35
CA LYS A 250 10.40 17.86 -22.97
C LYS A 250 10.20 18.86 -24.10
N ASP A 251 9.10 18.73 -24.86
CA ASP A 251 8.81 19.65 -25.94
C ASP A 251 8.33 21.02 -25.45
N ILE A 252 7.98 21.14 -24.17
CA ILE A 252 7.77 22.46 -23.60
C ILE A 252 9.05 22.96 -22.94
N ARG A 253 9.84 22.04 -22.36
CA ARG A 253 11.06 22.41 -21.66
C ARG A 253 12.16 22.85 -22.63
N GLU A 254 12.03 22.52 -23.92
CA GLU A 254 12.95 23.05 -24.93
C GLU A 254 12.36 24.22 -25.70
N HIS A 255 11.17 24.68 -25.35
CA HIS A 255 10.57 25.83 -26.02
C HIS A 255 11.15 27.13 -25.46
N GLU A 256 11.12 28.18 -26.28
CA GLU A 256 11.78 29.43 -25.94
C GLU A 256 10.99 30.24 -24.92
N TRP A 257 9.65 30.23 -25.02
CA TRP A 257 8.83 31.00 -24.10
C TRP A 257 8.84 30.43 -22.69
N PHE A 258 8.97 29.11 -22.57
CA PHE A 258 8.91 28.44 -21.28
C PHE A 258 10.18 28.63 -20.48
N LYS A 259 11.31 28.89 -21.12
CA LYS A 259 12.61 28.98 -20.48
C LYS A 259 13.00 30.40 -20.08
N GLN A 260 12.10 31.38 -20.25
CA GLN A 260 12.47 32.77 -20.02
C GLN A 260 12.63 33.07 -18.54
N ASP A 261 11.62 32.75 -17.74
CA ASP A 261 11.64 32.98 -16.29
C ASP A 261 11.25 31.67 -15.62
N LEU A 262 12.24 30.82 -15.36
CA LEU A 262 11.99 29.47 -14.86
C LEU A 262 12.69 29.27 -13.52
N PRO A 263 11.95 29.04 -12.44
CA PRO A 263 12.60 28.74 -11.15
C PRO A 263 13.22 27.35 -11.16
N LYS A 264 14.35 27.23 -10.45
CA LYS A 264 15.14 26.01 -10.51
C LYS A 264 14.53 24.85 -9.74
N TYR A 265 13.66 25.12 -8.76
CA TYR A 265 13.12 24.05 -7.93
C TYR A 265 11.98 23.28 -8.61
N LEU A 266 11.49 23.76 -9.76
CA LEU A 266 10.40 23.06 -10.44
C LEU A 266 10.86 21.74 -11.04
N PHE A 267 12.03 21.74 -11.68
CA PHE A 267 12.59 20.52 -12.26
C PHE A 267 13.82 20.11 -11.46
N PRO A 268 13.86 18.88 -10.92
CA PRO A 268 14.93 18.51 -9.98
C PRO A 268 16.33 18.43 -10.57
N GLU A 269 16.49 17.66 -11.64
CA GLU A 269 17.81 17.43 -12.24
C GLU A 269 17.66 17.45 -13.75
N ASP A 270 18.23 18.47 -14.39
CA ASP A 270 18.14 18.59 -15.84
C ASP A 270 19.04 17.61 -16.61
N PRO A 271 20.36 17.48 -16.33
CA PRO A 271 21.14 16.53 -17.16
C PRO A 271 20.86 15.06 -16.85
N SER A 272 20.53 14.73 -15.60
CA SER A 272 20.23 13.35 -15.22
C SER A 272 18.89 12.89 -15.82
N HIS A 378 19.06 10.03 35.21
CA HIS A 378 17.97 10.86 34.72
C HIS A 378 17.99 10.98 33.20
N GLN A 379 18.82 11.88 32.70
CA GLN A 379 18.93 12.11 31.27
C GLN A 379 19.65 10.96 30.59
N GLY A 380 19.30 10.71 29.33
CA GLY A 380 19.99 9.73 28.52
C GLY A 380 20.64 10.37 27.33
N VAL A 381 21.96 10.24 27.22
CA VAL A 381 22.73 10.90 26.17
C VAL A 381 23.59 9.86 25.45
N ARG A 382 23.55 9.88 24.12
CA ARG A 382 24.39 9.01 23.33
C ARG A 382 25.84 9.49 23.35
N LYS A 383 26.77 8.59 23.63
CA LYS A 383 28.19 8.92 23.63
C LYS A 383 28.67 9.22 22.21
N ALA A 384 29.57 10.18 22.09
CA ALA A 384 30.13 10.61 20.81
C ALA A 384 31.62 10.34 20.77
N LYS A 385 32.12 9.97 19.59
CA LYS A 385 33.53 9.65 19.39
C LYS A 385 34.22 10.84 18.75
N TRP A 386 34.90 11.64 19.57
CA TRP A 386 35.61 12.81 19.07
C TRP A 386 37.04 12.44 18.66
N HIS A 387 37.59 13.26 17.77
CA HIS A 387 38.97 13.13 17.30
C HIS A 387 39.84 14.23 17.90
N LEU A 388 41.13 14.21 17.53
CA LEU A 388 42.10 15.17 18.05
C LEU A 388 42.35 16.33 17.10
N GLY A 389 42.85 16.03 15.90
CA GLY A 389 43.21 17.09 14.97
C GLY A 389 42.71 16.83 13.56
N ILE A 390 43.61 16.90 12.58
CA ILE A 390 43.28 16.63 11.18
C ILE A 390 44.17 15.49 10.72
N ARG A 391 43.57 14.38 10.29
CA ARG A 391 44.30 13.17 9.94
C ARG A 391 44.42 13.08 8.42
N SER A 392 45.56 13.50 7.89
CA SER A 392 45.83 13.49 6.45
C SER A 392 46.91 12.46 6.15
N GLN A 393 46.60 11.52 5.26
CA GLN A 393 47.54 10.46 4.89
C GLN A 393 48.35 10.82 3.64
N SER A 394 49.10 11.92 3.75
CA SER A 394 49.93 12.38 2.65
C SER A 394 51.34 12.69 3.12
N ARG A 395 52.15 13.31 2.24
CA ARG A 395 53.52 13.63 2.57
C ARG A 395 53.59 14.84 3.49
N PRO A 396 54.52 14.85 4.46
CA PRO A 396 54.54 15.95 5.44
C PRO A 396 54.99 17.27 4.86
N ASN A 397 55.78 17.26 3.78
CA ASN A 397 56.17 18.51 3.13
C ASN A 397 55.04 19.10 2.29
N ASP A 398 54.02 18.31 1.96
CA ASP A 398 52.88 18.78 1.18
C ASP A 398 51.71 19.23 2.03
N ILE A 399 51.56 18.66 3.23
CA ILE A 399 50.47 19.07 4.12
C ILE A 399 50.71 20.49 4.64
N MET A 400 51.97 20.87 4.87
CA MET A 400 52.28 22.24 5.27
C MET A 400 52.01 23.21 4.14
N ALA A 401 52.24 22.80 2.89
CA ALA A 401 51.88 23.65 1.75
C ALA A 401 50.37 23.74 1.57
N GLU A 402 49.64 22.67 1.90
CA GLU A 402 48.19 22.71 1.85
C GLU A 402 47.62 23.64 2.92
N VAL A 403 48.20 23.60 4.12
CA VAL A 403 47.84 24.54 5.18
C VAL A 403 48.17 25.97 4.78
N CYS A 404 49.31 26.16 4.10
CA CYS A 404 49.70 27.47 3.59
C CYS A 404 48.71 28.00 2.55
N ARG A 405 48.30 27.13 1.61
CA ARG A 405 47.32 27.53 0.60
C ARG A 405 45.96 27.82 1.23
N ALA A 406 45.63 27.15 2.33
CA ALA A 406 44.37 27.43 3.01
C ALA A 406 44.41 28.77 3.73
N ILE A 407 45.49 29.02 4.50
CA ILE A 407 45.55 30.23 5.32
C ILE A 407 45.98 31.47 4.54
N LYS A 408 46.50 31.30 3.33
CA LYS A 408 46.81 32.48 2.51
C LYS A 408 45.54 33.13 1.98
N GLN A 409 44.51 32.33 1.70
CA GLN A 409 43.25 32.86 1.17
C GLN A 409 42.46 33.61 2.24
N LEU A 410 42.68 33.31 3.52
CA LEU A 410 41.89 33.90 4.60
C LEU A 410 42.53 35.16 5.17
N ASP A 411 43.62 35.64 4.57
CA ASP A 411 44.32 36.88 4.93
C ASP A 411 44.79 36.87 6.39
N TYR A 412 45.68 35.94 6.68
CA TYR A 412 46.24 35.78 8.02
C TYR A 412 47.68 36.28 8.05
N GLU A 413 48.17 36.54 9.26
CA GLU A 413 49.54 36.99 9.47
C GLU A 413 50.23 35.99 10.39
N TRP A 414 51.13 35.19 9.84
CA TRP A 414 51.71 34.09 10.59
C TRP A 414 53.22 34.10 10.53
N LYS A 415 53.84 33.55 11.57
CA LYS A 415 55.28 33.34 11.60
C LYS A 415 55.54 31.90 12.00
N VAL A 416 56.79 31.46 11.84
CA VAL A 416 57.17 30.08 12.11
C VAL A 416 58.26 30.08 13.17
N VAL A 417 58.41 28.94 13.84
CA VAL A 417 59.57 28.73 14.69
C VAL A 417 60.31 27.51 14.18
N ASN A 418 59.64 26.36 14.20
CA ASN A 418 60.10 25.15 13.55
C ASN A 418 59.55 25.11 12.14
N PRO A 419 60.03 24.18 11.29
CA PRO A 419 59.36 23.98 9.99
C PRO A 419 57.95 23.40 10.10
N TYR A 420 57.50 22.94 11.27
CA TYR A 420 56.13 22.48 11.45
C TYR A 420 55.46 23.12 12.66
N TYR A 421 55.94 24.28 13.11
CA TYR A 421 55.35 25.00 14.24
C TYR A 421 55.04 26.42 13.79
N LEU A 422 53.76 26.71 13.62
CA LEU A 422 53.32 27.92 12.92
C LEU A 422 52.38 28.71 13.83
N ARG A 423 52.83 29.89 14.27
CA ARG A 423 52.03 30.74 15.15
C ARG A 423 51.35 31.80 14.29
N VAL A 424 50.05 31.60 14.07
CA VAL A 424 49.27 32.50 13.22
C VAL A 424 48.59 33.55 14.10
N ARG A 425 48.17 34.64 13.44
CA ARG A 425 47.60 35.80 14.10
C ARG A 425 46.75 36.56 13.10
N ARG A 426 45.49 36.81 13.45
CA ARG A 426 44.59 37.56 12.58
C ARG A 426 44.00 38.75 13.33
N LYS A 427 43.80 39.84 12.58
CA LYS A 427 43.12 41.02 13.11
C LYS A 427 41.65 40.97 12.72
N ASN A 428 40.77 41.08 13.72
CA ASN A 428 39.34 41.06 13.46
C ASN A 428 38.91 42.33 12.74
N PRO A 429 37.95 42.26 11.81
CA PRO A 429 37.48 43.47 11.14
C PRO A 429 36.72 44.43 12.05
N VAL A 430 35.70 43.93 12.77
CA VAL A 430 34.91 44.82 13.62
C VAL A 430 35.59 45.04 14.98
N THR A 431 36.31 44.06 15.50
CA THR A 431 36.95 44.16 16.81
C THR A 431 38.40 44.56 16.63
N SER A 432 38.83 45.57 17.40
CA SER A 432 40.16 46.15 17.22
C SER A 432 41.30 45.23 17.61
N THR A 433 41.06 44.25 18.49
CA THR A 433 42.13 43.39 18.95
C THR A 433 42.40 42.27 17.93
N TYR A 434 43.50 41.56 18.18
CA TYR A 434 43.96 40.48 17.31
C TYR A 434 44.00 39.17 18.08
N SER A 435 43.74 38.07 17.38
CA SER A 435 43.73 36.74 17.96
C SER A 435 44.88 35.90 17.42
N LYS A 436 45.48 35.11 18.31
CA LYS A 436 46.68 34.32 18.01
C LYS A 436 46.43 32.85 18.32
N MET A 437 47.01 31.97 17.52
CA MET A 437 47.06 30.54 17.87
C MET A 437 48.28 29.91 17.21
N SER A 438 48.39 28.58 17.30
CA SER A 438 49.59 27.88 16.85
C SER A 438 49.24 26.48 16.36
N LEU A 439 49.55 26.22 15.09
CA LEU A 439 49.41 24.91 14.48
C LEU A 439 50.70 24.10 14.62
N GLN A 440 50.53 22.77 14.76
CA GLN A 440 51.64 21.85 14.95
C GLN A 440 51.31 20.50 14.33
N LEU A 441 52.26 19.94 13.58
CA LEU A 441 52.08 18.63 12.97
C LEU A 441 52.62 17.53 13.87
N TYR A 442 51.91 16.41 13.92
CA TYR A 442 52.24 15.25 14.72
C TYR A 442 52.24 14.00 13.85
N GLN A 443 53.07 13.03 14.22
CA GLN A 443 53.16 11.74 13.53
C GLN A 443 52.58 10.66 14.43
N VAL A 444 51.33 10.28 14.17
CA VAL A 444 50.77 9.14 14.88
C VAL A 444 51.27 7.82 14.28
N ASP A 445 51.50 7.80 12.95
CA ASP A 445 52.07 6.65 12.28
C ASP A 445 52.74 7.13 11.00
N SER A 446 53.37 6.20 10.28
CA SER A 446 54.05 6.55 9.04
C SER A 446 53.08 6.85 7.90
N ARG A 447 51.83 6.42 8.00
CA ARG A 447 50.85 6.67 6.96
C ARG A 447 50.19 8.04 7.12
N THR A 448 49.61 8.29 8.29
CA THR A 448 48.80 9.47 8.53
C THR A 448 49.53 10.46 9.43
N TYR A 449 49.25 11.75 9.20
CA TYR A 449 49.79 12.83 10.00
C TYR A 449 48.66 13.69 10.54
N LEU A 450 48.81 14.14 11.79
CA LEU A 450 47.75 14.85 12.49
C LEU A 450 48.11 16.32 12.64
N LEU A 451 47.15 17.19 12.38
CA LEU A 451 47.29 18.63 12.53
C LEU A 451 46.60 19.04 13.82
N ASP A 452 47.38 19.54 14.77
CA ASP A 452 46.93 19.90 16.11
C ASP A 452 46.93 21.41 16.29
N PHE A 453 45.84 21.93 16.84
CA PHE A 453 45.66 23.35 17.14
C PHE A 453 45.95 23.60 18.61
N ARG A 454 46.59 24.73 18.91
CA ARG A 454 46.76 25.13 20.31
C ARG A 454 46.61 26.64 20.44
N SER A 455 45.86 27.06 21.46
CA SER A 455 45.65 28.48 21.74
C SER A 455 46.65 29.00 22.77
N ILE A 456 46.76 30.32 22.83
CA ILE A 456 47.59 31.02 23.82
C ILE A 456 46.76 32.16 24.42
N ASP A 457 46.96 32.40 25.71
CA ASP A 457 46.17 33.39 26.44
C ASP A 457 46.71 34.81 26.26
N ASP A 458 45.78 35.76 26.14
CA ASP A 458 46.15 37.17 26.09
C ASP A 458 46.58 37.62 27.48
N GLU A 459 47.77 38.21 27.57
CA GLU A 459 48.38 38.47 28.87
C GLU A 459 47.83 39.73 29.53
N LEU A 460 47.85 40.86 28.82
CA LEU A 460 47.64 42.16 29.44
C LEU A 460 46.43 42.93 28.95
N THR A 461 45.95 42.67 27.73
CA THR A 461 44.96 43.58 27.16
C THR A 461 43.55 43.12 27.51
N PRO A 462 42.70 44.00 28.07
CA PRO A 462 41.29 43.65 28.26
C PRO A 462 40.52 43.66 26.95
N ARG A 463 40.70 42.62 26.13
CA ARG A 463 40.13 42.60 24.80
C ARG A 463 38.62 42.34 24.87
N PRO A 464 37.83 42.97 24.00
CA PRO A 464 36.39 42.69 23.97
C PRO A 464 36.07 41.45 23.16
N GLY A 465 34.78 41.17 22.98
CA GLY A 465 34.36 39.98 22.25
C GLY A 465 34.52 38.72 23.07
N SER A 466 35.28 37.76 22.55
CA SER A 466 35.56 36.52 23.28
C SER A 466 36.92 36.01 22.87
N HIS A 467 37.51 35.19 23.75
CA HIS A 467 38.82 34.62 23.48
C HIS A 467 38.71 33.28 22.77
N THR A 468 38.06 32.31 23.42
CA THR A 468 37.98 30.97 22.84
C THR A 468 36.99 30.88 21.69
N ILE A 469 36.00 31.77 21.63
CA ILE A 469 35.08 31.67 20.50
C ILE A 469 35.73 32.26 19.25
N GLU A 470 36.54 33.29 19.40
CA GLU A 470 37.38 33.73 18.28
C GLU A 470 38.47 32.71 17.97
N PHE A 471 38.90 31.91 18.96
CA PHE A 471 39.79 30.80 18.65
C PHE A 471 39.11 29.75 17.79
N PHE A 472 37.83 29.45 18.06
CA PHE A 472 37.11 28.54 17.18
C PHE A 472 36.78 29.19 15.83
N GLU A 473 36.68 30.52 15.79
CA GLU A 473 36.51 31.19 14.51
C GLU A 473 37.80 31.22 13.70
N MET A 474 38.95 31.09 14.34
CA MET A 474 40.21 30.88 13.62
C MET A 474 40.39 29.46 13.13
N CYS A 475 39.43 28.56 13.35
CA CYS A 475 39.59 27.16 13.01
C CYS A 475 38.45 26.68 12.12
N ALA A 476 37.26 27.23 12.33
CA ALA A 476 36.10 26.83 11.53
C ALA A 476 36.17 27.35 10.10
N ASN A 477 36.97 28.40 9.85
CA ASN A 477 37.24 28.82 8.50
C ASN A 477 38.37 28.02 7.86
N LEU A 478 39.18 27.35 8.67
CA LEU A 478 40.31 26.56 8.19
C LEU A 478 39.92 25.12 7.86
N ILE A 479 39.03 24.53 8.66
CA ILE A 479 38.57 23.16 8.44
C ILE A 479 37.83 23.06 7.10
N LYS A 480 37.03 24.08 6.77
CA LYS A 480 36.26 24.06 5.52
C LYS A 480 37.17 24.14 4.30
N ILE A 481 38.21 24.97 4.35
CA ILE A 481 39.12 25.10 3.22
C ILE A 481 40.02 23.87 3.10
N LEU A 482 40.49 23.33 4.23
CA LEU A 482 41.30 22.12 4.19
C LEU A 482 40.49 20.90 3.78
N ALA A 483 39.26 20.78 4.31
CA ALA A 483 38.31 19.70 4.01
C ALA A 483 38.91 18.32 4.30
N GLN A 484 39.60 18.20 5.43
CA GLN A 484 40.23 16.94 5.82
C GLN A 484 40.15 16.74 7.33
N ASP B 106 53.59 38.52 17.49
CA ASP B 106 53.43 38.01 18.85
C ASP B 106 54.56 38.54 19.73
N LEU B 107 54.20 39.33 20.74
CA LEU B 107 55.19 39.90 21.64
C LEU B 107 55.73 38.84 22.59
N SER B 108 54.88 37.91 23.02
CA SER B 108 55.32 36.88 23.95
C SER B 108 56.24 35.86 23.30
N SER B 109 56.07 35.62 21.99
CA SER B 109 56.91 34.67 21.28
C SER B 109 58.33 35.18 21.11
N SER B 110 59.27 34.24 21.04
CA SER B 110 60.67 34.52 20.71
C SER B 110 61.04 33.65 19.51
N PRO B 111 60.64 34.03 18.30
CA PRO B 111 60.88 33.18 17.14
C PRO B 111 62.27 33.40 16.57
N PRO B 112 62.75 32.50 15.71
CA PRO B 112 63.94 32.84 14.91
C PRO B 112 63.65 33.93 13.89
N GLY B 113 62.48 33.90 13.26
CA GLY B 113 62.09 34.95 12.34
C GLY B 113 60.95 35.79 12.88
N PRO B 114 61.20 37.10 13.05
CA PRO B 114 60.17 37.97 13.62
C PRO B 114 59.22 38.56 12.59
N TYR B 115 59.14 37.94 11.41
CA TYR B 115 58.43 38.53 10.27
C TYR B 115 56.93 38.62 10.52
N GLY B 116 56.27 37.49 10.72
CA GLY B 116 54.82 37.44 10.81
C GLY B 116 54.15 37.88 9.52
N GLN B 117 54.52 37.24 8.41
CA GLN B 117 54.08 37.66 7.08
C GLN B 117 53.52 36.48 6.32
N GLU B 118 52.51 36.76 5.50
CA GLU B 118 51.85 35.72 4.71
C GLU B 118 52.72 35.20 3.58
N MET B 119 53.69 35.98 3.09
CA MET B 119 54.49 35.55 1.95
C MET B 119 55.50 34.48 2.33
N TYR B 120 56.12 34.60 3.50
CA TYR B 120 57.20 33.70 3.91
C TYR B 120 56.63 32.39 4.46
N ALA B 121 56.09 31.57 3.55
CA ALA B 121 55.63 30.23 3.88
C ALA B 121 55.90 29.33 2.67
N PHE B 122 57.06 28.68 2.66
CA PHE B 122 57.50 27.89 1.52
C PHE B 122 57.85 26.48 1.95
N ARG B 123 57.53 25.51 1.10
CA ARG B 123 57.84 24.11 1.34
C ARG B 123 59.22 23.71 0.83
N SER B 124 60.07 24.69 0.48
CA SER B 124 61.39 24.43 -0.07
C SER B 124 62.45 24.23 1.00
N ALA B 125 62.06 23.88 2.22
CA ALA B 125 63.02 23.65 3.29
C ALA B 125 63.83 22.38 3.02
N ALA B 126 65.11 22.43 3.40
CA ALA B 126 66.01 21.30 3.15
C ALA B 126 65.71 20.12 4.05
N ARG B 127 65.12 20.37 5.23
CA ARG B 127 64.85 19.31 6.18
C ARG B 127 63.76 18.38 5.68
N PHE B 128 64.01 17.07 5.80
CA PHE B 128 63.00 16.04 5.55
C PHE B 128 62.66 15.32 6.85
N LYS B 129 62.70 16.03 7.98
CA LYS B 129 62.52 15.43 9.28
C LYS B 129 61.05 15.17 9.56
N SER B 130 60.76 14.00 10.12
CA SER B 130 59.41 13.65 10.49
C SER B 130 58.99 14.42 11.74
N PRO B 131 57.69 14.71 11.88
CA PRO B 131 57.20 15.33 13.13
C PRO B 131 57.23 14.34 14.28
N PRO B 132 57.27 14.82 15.52
CA PRO B 132 57.32 13.89 16.66
C PRO B 132 55.96 13.23 16.90
N ILE B 133 55.98 12.25 17.79
CA ILE B 133 54.80 11.45 18.10
C ILE B 133 53.98 12.11 19.19
N LEU B 134 52.66 11.92 19.11
CA LEU B 134 51.75 12.44 20.12
C LEU B 134 51.86 11.61 21.41
N PRO B 135 51.61 12.22 22.58
CA PRO B 135 51.68 11.47 23.82
C PRO B 135 50.53 10.47 23.92
N PRO B 136 50.71 9.38 24.67
CA PRO B 136 49.70 8.30 24.66
C PRO B 136 48.38 8.66 25.33
N HIS B 137 48.35 9.70 26.17
CA HIS B 137 47.09 10.11 26.80
C HIS B 137 46.08 10.61 25.78
N LEU B 138 46.55 11.22 24.69
CA LEU B 138 45.68 11.62 23.60
C LEU B 138 45.13 10.42 22.84
N LEU B 139 45.78 9.25 22.97
CA LEU B 139 45.23 8.00 22.47
C LEU B 139 43.91 7.64 23.16
N GLN B 140 43.66 8.17 24.36
CA GLN B 140 42.33 8.02 24.94
C GLN B 140 41.33 8.94 24.24
N VAL B 141 41.70 10.20 23.98
CA VAL B 141 40.68 11.17 23.59
C VAL B 141 40.28 11.03 22.13
N ILE B 142 41.08 10.33 21.32
CA ILE B 142 40.64 9.99 19.97
C ILE B 142 39.59 8.89 20.01
N LEU B 143 39.59 8.06 21.05
CA LEU B 143 38.72 6.89 21.09
C LEU B 143 37.60 6.98 22.11
N ASN B 144 37.84 7.55 23.29
CA ASN B 144 36.86 7.52 24.36
C ASN B 144 36.75 8.88 25.03
N LYS B 145 35.51 9.29 25.29
CA LYS B 145 35.21 10.43 26.14
C LYS B 145 34.27 9.95 27.25
N ASP B 146 34.52 10.39 28.47
CA ASP B 146 33.80 9.88 29.64
C ASP B 146 32.77 10.88 30.11
N THR B 147 31.55 10.41 30.31
CA THR B 147 30.46 11.21 30.86
C THR B 147 29.82 10.42 32.00
N ASN B 148 29.70 11.07 33.16
CA ASN B 148 29.21 10.40 34.36
C ASN B 148 27.68 10.40 34.35
N ILE B 149 27.08 9.22 34.24
CA ILE B 149 25.62 9.13 34.22
C ILE B 149 25.05 9.24 35.64
N SER B 150 25.82 8.84 36.66
CA SER B 150 25.32 8.89 38.04
C SER B 150 25.26 10.32 38.55
N CYS B 151 26.24 11.14 38.17
CA CYS B 151 26.23 12.56 38.51
C CYS B 151 25.33 13.31 37.53
N ASP B 152 25.34 14.64 37.62
CA ASP B 152 24.59 15.46 36.67
C ASP B 152 25.20 15.34 35.28
N PRO B 153 24.37 15.35 34.23
CA PRO B 153 24.93 15.30 32.86
C PRO B 153 25.68 16.56 32.47
N ALA B 154 25.33 17.72 33.06
CA ALA B 154 26.11 18.92 32.85
C ALA B 154 27.50 18.80 33.48
N LEU B 155 27.61 18.05 34.58
CA LEU B 155 28.89 17.80 35.21
C LEU B 155 29.62 16.68 34.45
N LEU B 156 30.94 16.74 34.47
CA LEU B 156 31.80 15.79 33.78
C LEU B 156 32.87 15.30 34.73
N PRO B 157 33.43 14.12 34.48
CA PRO B 157 34.64 13.71 35.20
C PRO B 157 35.84 14.55 34.81
N GLU B 158 36.85 14.53 35.66
CA GLU B 158 37.98 15.44 35.53
C GLU B 158 38.87 15.07 34.35
N PRO B 159 39.07 15.95 33.39
CA PRO B 159 39.97 15.64 32.26
C PRO B 159 41.42 15.80 32.66
N ASN B 160 42.29 15.29 31.79
CA ASN B 160 43.72 15.35 32.00
C ASN B 160 44.27 16.76 31.74
N HIS B 161 45.51 16.97 32.16
CA HIS B 161 46.16 18.28 32.05
C HIS B 161 46.71 18.55 30.65
N VAL B 162 46.77 17.54 29.78
CA VAL B 162 47.37 17.71 28.46
C VAL B 162 46.32 17.88 27.37
N MET B 163 45.07 17.50 27.62
CA MET B 163 44.01 17.52 26.62
C MET B 163 43.23 18.83 26.60
N LEU B 164 43.86 19.94 26.95
CA LEU B 164 43.11 21.17 27.24
C LEU B 164 42.64 21.89 25.98
N ASN B 165 43.57 22.40 25.18
CA ASN B 165 43.24 23.32 24.10
C ASN B 165 43.04 22.63 22.76
N HIS B 166 42.95 21.31 22.74
CA HIS B 166 42.87 20.57 21.49
C HIS B 166 41.44 20.52 20.97
N LEU B 167 41.32 20.47 19.64
CA LEU B 167 40.02 20.42 19.00
C LEU B 167 39.42 19.02 19.15
N TYR B 168 38.10 18.94 19.03
CA TYR B 168 37.38 17.67 19.09
C TYR B 168 36.27 17.69 18.04
N ALA B 169 36.56 17.14 16.86
CA ALA B 169 35.60 17.10 15.78
C ALA B 169 34.75 15.83 15.84
N LEU B 170 33.69 15.81 15.05
CA LEU B 170 32.77 14.69 14.98
C LEU B 170 32.31 14.51 13.55
N SER B 171 31.83 13.31 13.23
CA SER B 171 31.31 13.01 11.90
C SER B 171 30.06 13.82 11.62
N ILE B 172 30.01 14.40 10.42
CA ILE B 172 28.94 15.33 10.04
C ILE B 172 27.75 14.53 9.53
N LYS B 173 26.82 14.24 10.44
CA LYS B 173 25.59 13.57 10.05
C LYS B 173 24.65 14.50 9.29
N ASP B 174 24.76 15.80 9.54
CA ASP B 174 23.96 16.81 8.86
C ASP B 174 24.83 18.05 8.74
N SER B 175 24.21 19.21 8.51
CA SER B 175 24.93 20.44 8.21
C SER B 175 25.57 21.12 9.42
N VAL B 176 25.62 20.47 10.59
CA VAL B 176 26.31 21.05 11.74
C VAL B 176 27.80 20.76 11.64
N MET B 177 28.60 21.45 12.46
CA MET B 177 30.04 21.22 12.54
C MET B 177 30.41 21.20 14.02
N VAL B 178 30.58 20.00 14.56
CA VAL B 178 30.91 19.82 15.98
C VAL B 178 32.39 20.04 16.18
N LEU B 179 32.74 20.96 17.08
CA LEU B 179 34.13 21.22 17.44
C LEU B 179 34.16 21.83 18.83
N SER B 180 35.12 21.39 19.65
CA SER B 180 35.16 21.80 21.04
C SER B 180 36.59 21.81 21.55
N ALA B 181 36.77 22.38 22.75
CA ALA B 181 38.05 22.38 23.44
C ALA B 181 37.78 22.53 24.93
N THR B 182 38.53 21.78 25.74
CA THR B 182 38.31 21.70 27.18
C THR B 182 39.26 22.68 27.86
N HIS B 183 38.90 23.96 27.80
CA HIS B 183 39.79 25.02 28.27
C HIS B 183 39.89 25.02 29.79
N ARG B 184 40.92 25.70 30.28
CA ARG B 184 41.27 25.70 31.69
C ARG B 184 41.31 27.13 32.23
N TYR B 185 40.64 27.35 33.36
CA TYR B 185 40.68 28.63 34.05
C TYR B 185 41.81 28.56 35.08
N LYS B 186 41.83 29.45 36.06
CA LYS B 186 42.84 29.43 37.12
C LYS B 186 42.82 28.11 37.90
N LYS B 187 41.63 27.65 38.29
CA LYS B 187 41.52 26.38 38.98
C LYS B 187 40.42 25.50 38.39
N LYS B 188 39.42 26.11 37.77
CA LYS B 188 38.26 25.39 37.28
C LYS B 188 38.43 25.02 35.81
N TYR B 189 37.73 23.96 35.41
CA TYR B 189 37.78 23.45 34.04
C TYR B 189 36.46 23.73 33.34
N VAL B 190 36.55 24.21 32.11
CA VAL B 190 35.37 24.39 31.26
C VAL B 190 35.54 23.51 30.03
N THR B 191 34.42 23.27 29.34
CA THR B 191 34.41 22.43 28.14
C THR B 191 33.46 23.10 27.14
N THR B 192 34.03 23.87 26.22
CA THR B 192 33.25 24.74 25.35
C THR B 192 32.96 24.02 24.04
N LEU B 193 31.79 23.37 23.97
CA LEU B 193 31.28 22.88 22.70
C LEU B 193 30.77 24.05 21.86
N LEU B 194 31.15 24.07 20.58
CA LEU B 194 30.69 25.10 19.65
C LEU B 194 30.11 24.41 18.42
N TYR B 195 28.89 24.79 18.05
CA TYR B 195 28.17 24.19 16.95
C TYR B 195 27.90 25.27 15.90
N LYS B 196 28.31 24.99 14.67
CA LYS B 196 28.31 25.96 13.59
C LYS B 196 27.79 25.29 12.31
N PRO B 197 26.96 25.98 11.52
CA PRO B 197 26.56 25.41 10.23
C PRO B 197 27.72 25.39 9.24
N ILE B 198 27.73 24.35 8.41
CA ILE B 198 28.78 24.17 7.41
C ILE B 198 28.66 25.19 6.30
N ASN C 4 17.68 39.66 60.15
CA ASN C 4 16.81 39.10 59.12
C ASN C 4 17.63 38.39 58.05
N ASN C 5 17.82 39.06 56.91
CA ASN C 5 18.58 38.53 55.80
C ASN C 5 20.03 39.02 55.79
N SER C 6 20.51 39.56 56.91
CA SER C 6 21.86 40.11 56.98
C SER C 6 22.94 39.03 57.04
N VAL C 7 22.57 37.79 57.33
CA VAL C 7 23.56 36.70 57.36
C VAL C 7 23.74 36.08 55.97
N TYR C 8 22.75 36.17 55.09
CA TYR C 8 22.88 35.66 53.73
C TYR C 8 23.33 36.72 52.74
N THR C 9 22.97 37.98 52.98
CA THR C 9 23.38 39.07 52.09
C THR C 9 24.89 39.31 52.17
N SER C 10 25.43 39.33 53.38
CA SER C 10 26.88 39.45 53.55
C SER C 10 27.60 38.19 53.08
N PHE C 11 26.92 37.04 53.16
CA PHE C 11 27.48 35.79 52.64
C PHE C 11 27.65 35.86 51.12
N MET C 12 26.61 36.31 50.42
CA MET C 12 26.67 36.43 48.97
C MET C 12 27.54 37.59 48.51
N LYS C 13 27.71 38.63 49.34
CA LYS C 13 28.64 39.70 48.99
C LYS C 13 30.09 39.32 49.26
N SER C 14 30.34 38.44 50.21
CA SER C 14 31.72 38.04 50.49
C SER C 14 32.17 36.93 49.56
N HIS C 15 31.33 35.92 49.32
CA HIS C 15 31.69 34.81 48.45
C HIS C 15 31.43 35.17 47.00
N ARG C 16 32.47 35.05 46.18
CA ARG C 16 32.40 35.39 44.77
C ARG C 16 31.71 34.29 43.98
N CYS C 17 31.41 34.60 42.71
CA CYS C 17 30.90 33.62 41.76
C CYS C 17 31.98 32.64 41.30
N TYR C 18 33.25 32.97 41.56
CA TYR C 18 34.38 32.08 41.26
C TYR C 18 34.27 30.74 41.98
N ASP C 19 33.70 30.72 43.18
CA ASP C 19 33.46 29.45 43.86
C ASP C 19 32.22 28.72 43.35
N LEU C 20 31.35 29.42 42.61
CA LEU C 20 30.12 28.81 42.09
C LEU C 20 30.37 27.88 40.92
N ILE C 21 31.51 28.00 40.25
CA ILE C 21 31.79 27.17 39.08
C ILE C 21 32.19 25.77 39.55
N PRO C 22 31.61 24.70 38.99
CA PRO C 22 32.02 23.34 39.37
C PRO C 22 33.43 22.97 38.89
N THR C 23 33.87 21.77 39.24
CA THR C 23 35.21 21.32 38.87
C THR C 23 35.34 21.15 37.36
N SER C 24 34.44 20.40 36.75
CA SER C 24 34.35 20.31 35.30
C SER C 24 32.95 20.70 34.87
N SER C 25 32.83 21.27 33.67
CA SER C 25 31.57 21.85 33.23
C SER C 25 31.50 21.82 31.72
N LYS C 26 30.57 21.02 31.18
CA LYS C 26 30.30 21.04 29.75
C LYS C 26 29.48 22.28 29.39
N LEU C 27 29.87 22.94 28.31
CA LEU C 27 29.28 24.20 27.90
C LEU C 27 29.09 24.21 26.40
N VAL C 28 27.88 24.49 25.94
CA VAL C 28 27.57 24.58 24.51
C VAL C 28 27.32 26.04 24.15
N VAL C 29 27.76 26.42 22.96
CA VAL C 29 27.38 27.69 22.35
C VAL C 29 26.92 27.40 20.93
N PHE C 30 26.02 28.24 20.43
CA PHE C 30 25.42 28.07 19.12
C PHE C 30 25.76 29.26 18.24
N ASP C 31 26.15 28.98 17.00
CA ASP C 31 26.25 30.03 15.99
C ASP C 31 24.85 30.49 15.59
N THR C 32 24.70 31.79 15.36
CA THR C 32 23.39 32.38 15.12
C THR C 32 22.86 32.04 13.71
N SER C 33 23.74 31.69 12.77
CA SER C 33 23.32 31.31 11.44
C SER C 33 23.00 29.82 11.31
N LEU C 34 22.82 29.12 12.43
CA LEU C 34 22.48 27.71 12.43
C LEU C 34 20.97 27.53 12.39
N GLN C 35 20.53 26.42 11.80
CA GLN C 35 19.11 26.10 11.75
C GLN C 35 18.60 25.71 13.14
N VAL C 36 17.34 26.06 13.41
CA VAL C 36 16.75 25.81 14.72
C VAL C 36 16.35 24.37 14.95
N LYS C 37 16.31 23.55 13.90
CA LYS C 37 15.95 22.13 14.08
C LYS C 37 17.08 21.37 14.76
N LYS C 38 18.30 21.52 14.26
CA LYS C 38 19.43 20.75 14.76
C LYS C 38 19.97 21.29 16.09
N ALA C 39 19.62 22.52 16.46
CA ALA C 39 20.11 23.07 17.72
C ALA C 39 19.48 22.37 18.93
N PHE C 40 18.17 22.13 18.88
CA PHE C 40 17.54 21.43 19.98
C PHE C 40 17.82 19.93 19.94
N PHE C 41 18.13 19.37 18.77
CA PHE C 41 18.62 17.99 18.73
C PHE C 41 20.02 17.88 19.32
N ALA C 42 20.82 18.93 19.17
CA ALA C 42 22.12 18.98 19.84
C ALA C 42 21.97 19.17 21.34
N LEU C 43 20.95 19.91 21.77
CA LEU C 43 20.66 20.02 23.19
C LEU C 43 20.13 18.70 23.76
N VAL C 44 19.45 17.91 22.94
CA VAL C 44 19.10 16.54 23.32
C VAL C 44 20.35 15.69 23.45
N THR C 45 21.28 15.81 22.50
CA THR C 45 22.48 14.98 22.46
C THR C 45 23.40 15.28 23.64
N ASN C 46 23.60 16.56 23.97
CA ASN C 46 24.45 16.91 25.09
C ASN C 46 23.71 16.92 26.43
N GLY C 47 22.40 17.12 26.43
CA GLY C 47 21.61 17.08 27.64
C GLY C 47 21.43 18.41 28.35
N VAL C 48 22.29 19.39 28.10
CA VAL C 48 22.19 20.69 28.75
C VAL C 48 21.04 21.48 28.15
N ARG C 49 20.48 22.39 28.94
CA ARG C 49 19.26 23.10 28.59
C ARG C 49 19.48 24.53 28.10
N ALA C 50 20.71 25.02 28.08
CA ALA C 50 20.95 26.40 27.71
C ALA C 50 22.18 26.51 26.83
N ALA C 51 22.22 27.57 26.01
CA ALA C 51 23.32 27.81 25.08
C ALA C 51 23.46 29.29 24.77
N PRO C 52 24.54 29.94 25.19
CA PRO C 52 24.78 31.34 24.83
C PRO C 52 25.07 31.48 23.34
N LEU C 53 24.26 32.29 22.67
CA LEU C 53 24.36 32.45 21.22
C LEU C 53 25.54 33.34 20.86
N TRP C 54 26.17 33.04 19.73
CA TRP C 54 27.29 33.82 19.21
C TRP C 54 26.99 34.22 17.78
N ASP C 55 27.18 35.50 17.47
CA ASP C 55 26.95 36.05 16.14
C ASP C 55 28.30 36.31 15.50
N SER C 56 28.68 35.48 14.53
CA SER C 56 29.98 35.63 13.86
C SER C 56 30.04 36.86 12.98
N LYS C 57 28.90 37.37 12.52
CA LYS C 57 28.90 38.59 11.73
C LYS C 57 29.02 39.85 12.58
N LYS C 58 28.80 39.75 13.89
CA LYS C 58 28.96 40.87 14.79
C LYS C 58 30.04 40.68 15.84
N GLN C 59 30.51 39.44 16.03
CA GLN C 59 31.56 39.07 17.01
C GLN C 59 31.19 39.48 18.43
N SER C 60 30.02 39.04 18.87
CA SER C 60 29.53 39.33 20.21
C SER C 60 28.51 38.28 20.61
N PHE C 61 28.37 38.09 21.92
CA PHE C 61 27.35 37.19 22.47
C PHE C 61 25.99 37.84 22.31
N VAL C 62 25.21 37.36 21.34
CA VAL C 62 24.02 38.08 20.93
C VAL C 62 22.77 37.71 21.76
N GLY C 63 22.71 36.51 22.33
CA GLY C 63 21.52 36.12 23.04
C GLY C 63 21.59 34.72 23.61
N MET C 64 20.42 34.19 23.94
CA MET C 64 20.28 32.91 24.63
C MET C 64 19.14 32.12 23.98
N LEU C 65 19.42 30.86 23.65
CA LEU C 65 18.43 29.94 23.09
C LEU C 65 18.22 28.79 24.07
N THR C 66 16.98 28.60 24.50
CA THR C 66 16.67 27.63 25.56
C THR C 66 15.37 26.90 25.24
N ILE C 67 14.94 26.14 26.26
CA ILE C 67 13.70 25.38 26.20
C ILE C 67 12.50 26.30 26.07
N THR C 68 12.58 27.51 26.66
CA THR C 68 11.51 28.48 26.50
C THR C 68 11.36 28.93 25.05
N ASP C 69 12.49 29.10 24.35
CA ASP C 69 12.45 29.36 22.92
C ASP C 69 11.92 28.16 22.14
N PHE C 70 12.19 26.94 22.61
CA PHE C 70 11.59 25.75 22.01
C PHE C 70 10.07 25.76 22.15
N ILE C 71 9.57 26.18 23.31
CA ILE C 71 8.13 26.29 23.55
C ILE C 71 7.52 27.36 22.65
N ASN C 72 8.21 28.51 22.52
CA ASN C 72 7.71 29.59 21.68
C ASN C 72 7.67 29.19 20.20
N ILE C 73 8.67 28.45 19.73
CA ILE C 73 8.64 28.09 18.31
C ILE C 73 7.64 26.96 18.05
N LEU C 74 7.45 26.02 18.99
CA LEU C 74 6.44 25.00 18.79
C LEU C 74 5.04 25.45 19.19
N HIS C 75 4.90 26.66 19.71
CA HIS C 75 3.58 27.26 19.82
C HIS C 75 3.24 28.11 18.61
N ARG C 76 4.22 28.84 18.06
CA ARG C 76 3.93 29.72 16.93
C ARG C 76 3.91 28.94 15.62
N TYR C 77 5.04 28.32 15.25
CA TYR C 77 5.14 27.68 13.94
C TYR C 77 4.75 26.20 14.00
N TYR C 78 3.56 25.92 14.53
CA TYR C 78 3.01 24.57 14.58
C TYR C 78 1.57 24.64 14.12
N LYS C 79 1.28 24.04 12.96
CA LYS C 79 -0.03 24.12 12.35
C LYS C 79 -0.92 22.92 12.71
N SER C 80 -0.45 21.71 12.41
CA SER C 80 -1.24 20.51 12.69
C SER C 80 -0.31 19.33 12.91
N ALA C 81 -0.85 18.29 13.54
CA ALA C 81 -0.09 17.05 13.71
C ALA C 81 0.10 16.33 12.38
N LEU C 82 -0.90 16.40 11.49
CA LEU C 82 -0.77 15.77 10.19
C LEU C 82 0.20 16.53 9.29
N VAL C 83 0.19 17.86 9.36
CA VAL C 83 1.10 18.67 8.57
C VAL C 83 2.52 18.53 9.11
N GLN C 84 3.47 18.27 8.22
CA GLN C 84 4.87 18.28 8.61
C GLN C 84 5.31 19.70 8.94
N ILE C 85 6.16 19.83 9.94
CA ILE C 85 6.59 21.14 10.43
C ILE C 85 7.76 21.60 9.55
N TYR C 86 7.42 22.29 8.46
CA TYR C 86 8.44 22.77 7.55
C TYR C 86 9.21 23.96 8.12
N GLU C 87 8.55 24.75 8.98
CA GLU C 87 9.15 25.99 9.48
C GLU C 87 10.32 25.72 10.40
N LEU C 88 10.28 24.63 11.16
CA LEU C 88 11.40 24.27 12.03
C LEU C 88 12.61 23.84 11.21
N GLU C 89 12.38 23.25 10.04
CA GLU C 89 13.48 22.90 9.16
C GLU C 89 14.06 24.13 8.47
N GLU C 90 13.20 24.98 7.90
CA GLU C 90 13.69 26.05 7.05
C GLU C 90 14.18 27.27 7.83
N HIS C 91 13.63 27.54 9.01
CA HIS C 91 14.08 28.70 9.78
C HIS C 91 15.43 28.44 10.45
N LYS C 92 16.19 29.52 10.60
CA LYS C 92 17.45 29.53 11.33
C LYS C 92 17.29 30.40 12.58
N ILE C 93 18.33 30.39 13.42
CA ILE C 93 18.28 31.16 14.67
C ILE C 93 18.28 32.67 14.36
N GLU C 94 19.10 33.09 13.39
CA GLU C 94 19.09 34.49 12.96
C GLU C 94 17.77 34.86 12.31
N THR C 95 17.16 33.90 11.58
CA THR C 95 15.87 34.18 10.96
C THR C 95 14.76 34.23 11.98
N TRP C 96 14.78 33.33 12.96
CA TRP C 96 13.68 33.25 13.93
C TRP C 96 13.75 34.33 14.99
N ARG C 97 14.97 34.76 15.39
CA ARG C 97 15.06 35.78 16.43
C ARG C 97 14.70 37.18 15.94
N GLU C 98 14.83 37.44 14.63
CA GLU C 98 14.38 38.73 14.12
C GLU C 98 12.86 38.80 14.05
N VAL C 99 12.19 37.66 14.00
CA VAL C 99 10.73 37.63 14.08
C VAL C 99 10.27 37.66 15.53
N TYR C 100 10.93 36.89 16.40
CA TYR C 100 10.47 36.75 17.78
C TYR C 100 10.85 37.95 18.65
N LEU C 101 12.00 38.57 18.40
CA LEU C 101 12.45 39.74 19.16
C LEU C 101 12.12 41.04 18.45
N GLN C 102 10.99 41.09 17.74
CA GLN C 102 10.59 42.31 17.05
C GLN C 102 10.14 43.38 18.04
N ASP C 103 9.35 42.99 19.04
CA ASP C 103 8.85 43.95 20.02
C ASP C 103 9.77 44.13 21.21
N SER C 104 10.45 43.07 21.65
CA SER C 104 11.31 43.12 22.83
C SER C 104 12.77 43.00 22.38
N PHE C 105 13.53 44.06 22.56
CA PHE C 105 14.97 44.07 22.29
C PHE C 105 15.69 43.89 23.63
N LYS C 106 16.13 42.66 23.90
CA LYS C 106 16.79 42.34 25.16
C LYS C 106 18.17 41.77 24.90
N PRO C 107 19.24 42.51 25.15
CA PRO C 107 20.59 41.97 24.93
C PRO C 107 20.98 40.97 26.01
N LEU C 108 22.12 40.32 25.80
CA LEU C 108 22.60 39.29 26.71
C LEU C 108 23.14 39.95 27.98
N VAL C 109 22.56 39.58 29.12
CA VAL C 109 23.04 40.01 30.42
C VAL C 109 23.94 38.91 30.97
N CYS C 110 24.97 39.31 31.71
CA CYS C 110 25.94 38.38 32.27
C CYS C 110 26.56 39.01 33.53
N ILE C 111 27.59 38.37 34.05
CA ILE C 111 28.31 38.87 35.22
C ILE C 111 29.74 38.35 35.17
N SER C 112 30.67 39.18 35.62
CA SER C 112 32.05 38.74 35.79
C SER C 112 32.13 37.69 36.89
N PRO C 113 33.00 36.67 36.74
CA PRO C 113 33.15 35.68 37.82
C PRO C 113 33.85 36.23 39.04
N ASN C 114 34.58 37.35 38.92
CA ASN C 114 35.17 38.01 40.07
C ASN C 114 34.18 38.85 40.86
N ALA C 115 32.96 39.03 40.34
CA ALA C 115 31.94 39.78 41.05
C ALA C 115 31.29 38.93 42.13
N SER C 116 30.41 39.57 42.91
CA SER C 116 29.78 38.91 44.04
C SER C 116 28.56 38.11 43.59
N LEU C 117 28.18 37.14 44.42
CA LEU C 117 26.98 36.35 44.19
C LEU C 117 25.70 37.17 44.39
N PHE C 118 25.79 38.24 45.20
CA PHE C 118 24.64 39.13 45.42
C PHE C 118 24.18 39.78 44.12
N ASP C 119 25.14 40.24 43.31
CA ASP C 119 24.79 40.84 42.02
C ASP C 119 24.28 39.79 41.04
N ALA C 120 24.75 38.54 41.17
CA ALA C 120 24.24 37.46 40.33
C ALA C 120 22.80 37.13 40.65
N VAL C 121 22.45 37.10 41.94
CA VAL C 121 21.07 36.85 42.35
C VAL C 121 20.17 38.03 41.97
N SER C 122 20.68 39.26 42.13
CA SER C 122 19.93 40.45 41.76
C SER C 122 19.83 40.66 40.26
N SER C 123 20.65 39.96 39.46
CA SER C 123 20.48 39.97 38.01
C SER C 123 19.65 38.79 37.52
N LEU C 124 19.58 37.70 38.28
CA LEU C 124 18.67 36.62 37.95
C LEU C 124 17.22 37.02 38.22
N ILE C 125 16.95 37.61 39.38
CA ILE C 125 15.56 37.82 39.80
C ILE C 125 14.95 39.04 39.08
N ARG C 126 15.74 40.10 38.90
CA ARG C 126 15.21 41.33 38.31
C ARG C 126 14.94 41.17 36.82
N ASN C 127 15.81 40.46 36.11
CA ASN C 127 15.66 40.30 34.67
C ASN C 127 14.71 39.17 34.29
N LYS C 128 14.15 38.46 35.27
CA LYS C 128 13.28 37.29 35.10
C LYS C 128 13.96 36.22 34.25
N ILE C 129 15.19 35.90 34.62
CA ILE C 129 16.04 34.97 33.89
C ILE C 129 16.41 33.83 34.83
N HIS C 130 16.21 32.59 34.37
CA HIS C 130 16.61 31.43 35.16
C HIS C 130 18.10 31.17 35.01
N ARG C 131 18.62 31.24 33.79
CA ARG C 131 19.99 30.84 33.47
C ARG C 131 20.74 31.99 32.79
N LEU C 132 21.65 32.63 33.54
CA LEU C 132 22.56 33.58 32.90
C LEU C 132 23.99 33.07 32.98
N PRO C 133 24.77 33.22 31.91
CA PRO C 133 26.16 32.76 31.93
C PRO C 133 27.07 33.77 32.61
N VAL C 134 28.35 33.42 32.71
CA VAL C 134 29.38 34.31 33.21
C VAL C 134 30.40 34.56 32.10
N ILE C 135 30.93 35.78 32.05
CA ILE C 135 31.93 36.17 31.07
C ILE C 135 33.06 36.88 31.80
N ASP C 136 34.27 36.36 31.66
CA ASP C 136 35.45 36.99 32.24
C ASP C 136 35.84 38.21 31.40
N PRO C 137 35.84 39.42 31.96
CA PRO C 137 36.08 40.62 31.14
C PRO C 137 37.52 40.80 30.70
N GLU C 138 38.47 40.06 31.28
CA GLU C 138 39.86 40.18 30.84
C GLU C 138 40.06 39.48 29.50
N SER C 139 39.51 38.27 29.35
CA SER C 139 39.61 37.52 28.11
C SER C 139 38.40 37.77 27.21
N GLY C 140 37.20 37.54 27.74
CA GLY C 140 35.96 37.67 26.98
C GLY C 140 35.18 36.40 26.83
N ASN C 141 35.67 35.27 27.34
CA ASN C 141 35.06 33.98 27.09
C ASN C 141 33.99 33.65 28.12
N THR C 142 33.11 32.73 27.75
CA THR C 142 32.07 32.23 28.64
C THR C 142 32.54 30.95 29.32
N LEU C 143 32.23 30.84 30.61
CA LEU C 143 32.74 29.75 31.44
C LEU C 143 31.66 28.76 31.87
N TYR C 144 30.56 29.25 32.44
CA TYR C 144 29.55 28.37 33.01
C TYR C 144 28.23 29.10 33.05
N ILE C 145 27.14 28.32 33.00
CA ILE C 145 25.79 28.85 33.01
C ILE C 145 25.22 28.62 34.41
N LEU C 146 25.07 29.70 35.17
CA LEU C 146 24.58 29.58 36.54
C LEU C 146 23.10 29.26 36.57
N THR C 147 22.70 28.56 37.63
CA THR C 147 21.32 28.14 37.84
C THR C 147 20.99 28.40 39.30
N HIS C 148 19.70 28.64 39.58
CA HIS C 148 19.24 28.78 40.97
C HIS C 148 19.50 27.52 41.78
N LYS C 149 19.37 26.35 41.13
CA LYS C 149 19.62 25.07 41.79
C LYS C 149 21.09 24.95 42.22
N ARG C 150 22.01 25.39 41.36
CA ARG C 150 23.42 25.36 41.70
C ARG C 150 23.74 26.34 42.82
N ILE C 151 23.00 27.45 42.90
CA ILE C 151 23.19 28.40 43.99
C ILE C 151 22.72 27.81 45.30
N LEU C 152 21.58 27.10 45.30
CA LEU C 152 21.15 26.48 46.56
C LEU C 152 22.02 25.27 46.94
N LYS C 153 22.59 24.58 45.96
CA LYS C 153 23.54 23.52 46.30
C LYS C 153 24.83 24.09 46.86
N PHE C 154 25.24 25.27 46.40
CA PHE C 154 26.40 25.94 46.99
C PHE C 154 26.09 26.50 48.37
N LEU C 155 24.84 26.89 48.60
CA LEU C 155 24.45 27.44 49.90
C LEU C 155 24.31 26.36 50.96
N LYS C 156 23.60 25.27 50.64
CA LYS C 156 23.25 24.25 51.64
C LYS C 156 24.48 23.51 52.16
N LEU C 157 25.54 23.42 51.35
CA LEU C 157 26.80 22.89 51.85
C LEU C 157 27.46 23.82 52.85
N PHE C 158 27.14 25.11 52.83
CA PHE C 158 27.75 26.08 53.73
C PHE C 158 26.80 26.62 54.79
N ILE C 159 25.57 26.09 54.87
CA ILE C 159 24.67 26.41 55.98
C ILE C 159 24.92 25.34 57.04
N THR C 160 25.89 25.61 57.92
CA THR C 160 26.17 24.72 59.04
C THR C 160 26.47 25.48 60.32
N GLU C 161 26.43 26.81 60.31
CA GLU C 161 26.80 27.62 61.47
C GLU C 161 25.67 27.62 62.51
N PHE C 162 25.93 28.31 63.63
CA PHE C 162 24.93 28.38 64.69
C PHE C 162 23.71 29.22 64.32
N PRO C 163 23.82 30.47 63.78
CA PRO C 163 22.52 31.19 63.56
C PRO C 163 21.83 30.77 62.27
N LYS C 164 21.29 29.57 62.25
CA LYS C 164 20.42 29.14 61.16
C LYS C 164 18.97 29.61 61.30
N PRO C 165 18.26 29.45 62.47
CA PRO C 165 16.82 29.81 62.40
C PRO C 165 16.49 31.27 62.70
N GLU C 166 16.83 32.16 61.76
CA GLU C 166 16.30 33.52 61.84
C GLU C 166 14.81 33.52 61.51
N PHE C 167 14.46 33.11 60.30
CA PHE C 167 13.06 32.94 59.89
C PHE C 167 12.79 31.53 59.38
N MET C 168 13.78 30.63 59.47
CA MET C 168 13.60 29.26 58.97
C MET C 168 12.64 28.46 59.83
N SER C 169 12.54 28.79 61.13
CA SER C 169 11.62 28.09 62.02
C SER C 169 10.17 28.51 61.82
N LYS C 170 9.93 29.63 61.14
CA LYS C 170 8.57 30.08 60.89
C LYS C 170 7.91 29.21 59.82
N SER C 171 6.57 29.24 59.82
CA SER C 171 5.81 28.45 58.88
C SER C 171 5.84 29.10 57.49
N LEU C 172 5.47 28.30 56.48
CA LEU C 172 5.52 28.77 55.11
C LEU C 172 4.41 29.76 54.80
N GLU C 173 3.23 29.59 55.43
CA GLU C 173 2.09 30.46 55.16
C GLU C 173 2.30 31.85 55.73
N GLU C 174 2.94 31.95 56.89
CA GLU C 174 3.14 33.26 57.52
C GLU C 174 4.23 34.06 56.83
N LEU C 175 5.16 33.40 56.16
CA LEU C 175 6.24 34.09 55.46
C LEU C 175 5.83 34.59 54.08
N GLN C 176 4.71 34.07 53.55
CA GLN C 176 4.15 34.43 52.23
C GLN C 176 5.17 34.14 51.12
N ILE C 177 5.82 32.99 51.21
CA ILE C 177 6.80 32.56 50.21
C ILE C 177 6.08 31.73 49.16
N GLY C 178 6.16 32.15 47.91
CA GLY C 178 5.53 31.42 46.82
C GLY C 178 4.28 32.12 46.33
N THR C 179 3.98 31.91 45.05
CA THR C 179 2.77 32.44 44.46
C THR C 179 1.58 31.57 44.83
N TYR C 180 0.53 32.18 45.36
CA TYR C 180 -0.67 31.46 45.77
C TYR C 180 -1.94 31.91 45.07
N ALA C 181 -1.98 33.12 44.50
CA ALA C 181 -3.22 33.67 43.99
C ALA C 181 -3.57 33.09 42.63
N ASN C 182 -2.73 33.31 41.62
CA ASN C 182 -2.99 32.88 40.25
C ASN C 182 -2.15 31.63 39.99
N ILE C 183 -2.79 30.46 40.07
CA ILE C 183 -2.13 29.19 39.85
C ILE C 183 -2.57 28.63 38.50
N ALA C 184 -1.59 28.23 37.69
CA ALA C 184 -1.84 27.62 36.39
C ALA C 184 -1.91 26.10 36.55
N MET C 185 -3.01 25.50 36.10
CA MET C 185 -3.22 24.07 36.20
C MET C 185 -3.74 23.52 34.88
N VAL C 186 -3.51 22.23 34.66
CA VAL C 186 -4.03 21.51 33.52
C VAL C 186 -4.57 20.16 33.99
N ARG C 187 -5.61 19.68 33.30
CA ARG C 187 -6.11 18.34 33.56
C ARG C 187 -5.20 17.31 32.91
N THR C 188 -5.36 16.05 33.33
CA THR C 188 -4.56 14.96 32.77
C THR C 188 -5.02 14.56 31.38
N THR C 189 -6.19 15.00 30.93
CA THR C 189 -6.67 14.74 29.57
C THR C 189 -6.36 15.88 28.63
N THR C 190 -5.70 16.94 29.10
CA THR C 190 -5.40 18.07 28.25
C THR C 190 -4.25 17.72 27.30
N PRO C 191 -4.29 18.20 26.06
CA PRO C 191 -3.19 17.94 25.12
C PRO C 191 -1.93 18.71 25.49
N VAL C 192 -0.86 18.40 24.76
CA VAL C 192 0.42 19.08 24.97
C VAL C 192 0.34 20.54 24.51
N TYR C 193 -0.43 20.81 23.45
CA TYR C 193 -0.42 22.12 22.82
C TYR C 193 -1.08 23.18 23.70
N VAL C 194 -2.09 22.81 24.49
CA VAL C 194 -2.68 23.81 25.41
C VAL C 194 -1.73 24.09 26.56
N ALA C 195 -0.88 23.10 26.93
CA ALA C 195 0.18 23.37 27.90
C ALA C 195 1.25 24.27 27.32
N LEU C 196 1.53 24.14 26.02
CA LEU C 196 2.45 25.06 25.35
C LEU C 196 1.86 26.46 25.30
N GLY C 197 0.55 26.56 25.07
CA GLY C 197 -0.10 27.86 25.07
C GLY C 197 -0.12 28.52 26.44
N ILE C 198 -0.22 27.72 27.50
CA ILE C 198 -0.13 28.29 28.85
C ILE C 198 1.30 28.70 29.17
N PHE C 199 2.28 27.91 28.70
CA PHE C 199 3.69 28.28 28.87
C PHE C 199 4.08 29.53 28.08
N VAL C 200 3.36 29.84 27.00
CA VAL C 200 3.66 31.06 26.26
C VAL C 200 2.85 32.26 26.76
N GLN C 201 1.61 32.03 27.21
CA GLN C 201 0.80 33.11 27.76
C GLN C 201 1.33 33.57 29.11
N HIS C 202 1.48 32.64 30.04
CA HIS C 202 2.10 32.95 31.32
C HIS C 202 3.62 32.83 31.20
N ARG C 203 4.32 33.14 32.28
CA ARG C 203 5.76 32.98 32.37
C ARG C 203 6.13 31.87 33.35
N VAL C 204 5.25 30.89 33.50
CA VAL C 204 5.41 29.82 34.49
C VAL C 204 6.40 28.80 33.97
N SER C 205 6.86 27.91 34.84
CA SER C 205 7.87 26.93 34.49
C SER C 205 7.42 25.48 34.67
N ALA C 206 6.23 25.24 35.21
CA ALA C 206 5.76 23.89 35.44
C ALA C 206 4.24 23.89 35.51
N LEU C 207 3.65 22.74 35.16
CA LEU C 207 2.21 22.53 35.27
C LEU C 207 1.94 21.23 36.02
N PRO C 208 1.56 21.30 37.28
CA PRO C 208 1.15 20.08 38.00
C PRO C 208 -0.24 19.64 37.53
N VAL C 209 -0.30 18.44 36.96
CA VAL C 209 -1.56 17.95 36.41
C VAL C 209 -2.47 17.49 37.53
N VAL C 210 -3.77 17.64 37.32
CA VAL C 210 -4.78 17.25 38.30
C VAL C 210 -5.85 16.42 37.59
N ASP C 211 -6.64 15.72 38.39
CA ASP C 211 -7.77 14.94 37.89
C ASP C 211 -9.02 15.82 37.90
N GLU C 212 -10.19 15.19 37.74
CA GLU C 212 -11.45 15.93 37.83
C GLU C 212 -11.71 16.46 39.23
N LYS C 213 -11.21 15.77 40.26
CA LYS C 213 -11.34 16.26 41.62
C LYS C 213 -10.34 17.37 41.92
N GLY C 214 -9.10 17.20 41.50
CA GLY C 214 -8.06 18.19 41.77
C GLY C 214 -6.83 17.58 42.40
N ARG C 215 -6.79 16.25 42.50
CA ARG C 215 -5.67 15.57 43.11
C ARG C 215 -4.50 15.47 42.13
N VAL C 216 -3.30 15.75 42.64
CA VAL C 216 -2.09 15.67 41.83
C VAL C 216 -1.68 14.21 41.68
N VAL C 217 -1.49 13.77 40.44
CA VAL C 217 -1.07 12.40 40.19
C VAL C 217 0.31 12.38 39.54
N ASP C 218 0.63 13.43 38.78
CA ASP C 218 1.92 13.58 38.12
C ASP C 218 2.26 15.07 38.08
N ILE C 219 3.36 15.40 37.40
CA ILE C 219 3.75 16.79 37.18
C ILE C 219 4.29 16.91 35.76
N TYR C 220 3.99 18.04 35.11
CA TYR C 220 4.43 18.31 33.74
C TYR C 220 5.28 19.57 33.77
N SER C 221 6.57 19.42 33.46
CA SER C 221 7.53 20.50 33.47
C SER C 221 8.03 20.79 32.07
N LYS C 222 8.71 21.93 31.92
CA LYS C 222 9.27 22.31 30.64
C LYS C 222 10.41 21.40 30.21
N PHE C 223 11.12 20.80 31.18
CA PHE C 223 12.15 19.81 30.87
C PHE C 223 11.58 18.57 30.22
N ASP C 224 10.34 18.22 30.55
CA ASP C 224 9.69 17.04 29.98
C ASP C 224 9.39 17.19 28.49
N VAL C 225 9.36 18.43 27.99
CA VAL C 225 9.02 18.67 26.59
C VAL C 225 10.14 18.22 25.66
N ILE C 226 11.40 18.31 26.11
CA ILE C 226 12.53 18.04 25.22
C ILE C 226 12.66 16.56 24.88
N ASN C 227 12.06 15.66 25.68
CA ASN C 227 12.09 14.25 25.32
C ASN C 227 11.15 13.95 24.16
N LEU C 228 10.12 14.79 23.94
CA LEU C 228 9.29 14.67 22.75
C LEU C 228 10.09 14.95 21.49
N ALA C 229 10.99 15.93 21.55
CA ALA C 229 11.93 16.15 20.44
C ALA C 229 12.97 15.05 20.37
N ALA C 230 13.33 14.46 21.51
CA ALA C 230 14.30 13.37 21.53
C ALA C 230 13.78 12.12 20.81
N GLU C 231 12.53 11.74 21.07
CA GLU C 231 11.94 10.58 20.42
C GLU C 231 11.19 10.93 19.13
N LYS C 232 11.44 12.13 18.60
CA LYS C 232 10.92 12.60 17.31
C LYS C 232 9.40 12.66 17.27
N THR C 233 8.77 12.87 18.43
CA THR C 233 7.33 13.10 18.50
C THR C 233 7.00 14.57 18.67
N TYR C 234 7.88 15.46 18.23
CA TYR C 234 7.61 16.90 18.27
C TYR C 234 6.60 17.33 17.23
N ASN C 235 6.31 16.48 16.24
CA ASN C 235 5.30 16.77 15.24
C ASN C 235 3.89 16.39 15.68
N ASN C 236 3.76 15.48 16.63
CA ASN C 236 2.47 15.03 17.15
C ASN C 236 2.31 15.64 18.54
N LEU C 237 1.66 16.80 18.60
CA LEU C 237 1.44 17.51 19.84
C LEU C 237 -0.03 17.48 20.27
N ASP C 238 -0.82 16.56 19.71
CA ASP C 238 -2.22 16.43 20.05
C ASP C 238 -2.49 15.30 21.05
N VAL C 239 -1.45 14.55 21.45
CA VAL C 239 -1.63 13.54 22.46
C VAL C 239 -1.77 14.19 23.83
N SER C 240 -2.33 13.44 24.77
CA SER C 240 -2.53 13.95 26.13
C SER C 240 -1.19 14.01 26.88
N VAL C 241 -1.21 14.69 28.02
CA VAL C 241 -0.01 14.84 28.81
C VAL C 241 0.37 13.54 29.52
N THR C 242 -0.57 12.61 29.68
CA THR C 242 -0.26 11.32 30.28
C THR C 242 0.62 10.49 29.36
N LYS C 243 0.31 10.47 28.06
CA LYS C 243 1.17 9.80 27.10
C LYS C 243 2.49 10.53 26.92
N ALA C 244 2.52 11.84 27.19
CA ALA C 244 3.76 12.59 27.15
C ALA C 244 4.59 12.41 28.42
N LEU C 245 3.99 11.91 29.51
CA LEU C 245 4.71 11.63 30.74
C LEU C 245 4.95 10.14 30.95
N GLN C 246 4.47 9.28 30.06
CA GLN C 246 4.84 7.87 30.09
C GLN C 246 6.28 7.60 29.64
N HIS C 247 7.04 8.63 29.25
CA HIS C 247 8.44 8.44 28.88
C HIS C 247 9.31 8.07 30.08
N ARG C 248 8.95 8.55 31.26
CA ARG C 248 9.77 8.37 32.46
C ARG C 248 9.03 7.59 33.56
N SER C 249 7.95 6.90 33.20
CA SER C 249 7.11 6.22 34.19
C SER C 249 7.80 5.06 34.87
N HIS C 250 8.87 4.52 34.28
CA HIS C 250 9.69 3.50 34.91
C HIS C 250 10.79 4.08 35.79
N TYR C 251 10.81 5.39 36.00
CA TYR C 251 11.97 5.99 36.64
C TYR C 251 11.65 6.82 37.88
N PHE C 252 10.56 7.56 37.89
CA PHE C 252 10.32 8.48 38.99
C PHE C 252 9.57 7.77 40.12
N GLU C 253 9.47 8.47 41.25
CA GLU C 253 8.76 7.96 42.43
C GLU C 253 7.37 8.59 42.55
N GLY C 254 7.30 9.91 42.60
CA GLY C 254 6.01 10.59 42.71
C GLY C 254 6.13 12.09 42.54
N VAL C 255 5.31 12.84 43.29
CA VAL C 255 5.31 14.29 43.23
C VAL C 255 5.73 14.80 44.61
N LEU C 256 6.77 15.65 44.62
CA LEU C 256 7.34 16.17 45.86
C LEU C 256 6.42 17.27 46.40
N LYS C 257 5.41 16.84 47.14
CA LYS C 257 4.43 17.75 47.72
C LYS C 257 4.83 18.12 49.15
N CYS C 258 4.53 19.36 49.53
CA CYS C 258 4.79 19.85 50.87
C CYS C 258 3.52 20.50 51.41
N TYR C 259 3.60 20.97 52.66
CA TYR C 259 2.46 21.55 53.36
C TYR C 259 2.78 22.98 53.78
N LEU C 260 1.71 23.74 54.07
CA LEU C 260 1.85 25.13 54.46
C LEU C 260 2.34 25.29 55.89
N HIS C 261 2.15 24.28 56.74
CA HIS C 261 2.57 24.35 58.13
C HIS C 261 3.97 23.77 58.34
N GLU C 262 4.80 23.77 57.31
CA GLU C 262 6.13 23.17 57.36
C GLU C 262 7.18 24.28 57.40
N THR C 263 8.25 24.04 58.14
CA THR C 263 9.35 25.00 58.20
C THR C 263 10.09 25.08 56.87
N LEU C 264 10.70 26.24 56.62
CA LEU C 264 11.34 26.48 55.33
C LEU C 264 12.61 25.66 55.15
N GLU C 265 13.34 25.42 56.23
CA GLU C 265 14.61 24.70 56.12
C GLU C 265 14.41 23.22 55.76
N THR C 266 13.29 22.63 56.19
CA THR C 266 13.01 21.25 55.81
C THR C 266 12.61 21.17 54.34
N ILE C 267 11.91 22.20 53.85
CA ILE C 267 11.56 22.28 52.43
C ILE C 267 12.81 22.44 51.58
N ILE C 268 13.76 23.26 52.03
CA ILE C 268 15.02 23.45 51.31
C ILE C 268 15.86 22.16 51.34
N ASN C 269 15.84 21.45 52.48
CA ASN C 269 16.62 20.22 52.58
C ASN C 269 16.02 19.08 51.77
N ARG C 270 14.69 19.08 51.59
CA ARG C 270 14.08 18.11 50.68
C ARG C 270 14.21 18.54 49.22
N LEU C 271 14.38 19.85 48.98
CA LEU C 271 14.50 20.37 47.63
C LEU C 271 15.87 20.09 47.04
N VAL C 272 16.94 20.44 47.78
CA VAL C 272 18.29 20.28 47.24
C VAL C 272 18.77 18.84 47.25
N GLU C 273 18.10 17.95 47.98
CA GLU C 273 18.51 16.55 48.01
C GLU C 273 17.98 15.79 46.80
N ALA C 274 16.81 16.18 46.28
CA ALA C 274 16.19 15.50 45.16
C ALA C 274 16.42 16.24 43.84
N GLU C 275 17.23 17.30 43.86
CA GLU C 275 17.70 18.10 42.70
C GLU C 275 16.57 18.49 41.73
N VAL C 276 15.51 19.07 42.29
CA VAL C 276 14.40 19.59 41.50
C VAL C 276 14.35 21.10 41.68
N HIS C 277 13.38 21.75 41.04
CA HIS C 277 13.32 23.20 40.99
C HIS C 277 12.19 23.80 41.81
N ARG C 278 11.07 23.10 41.98
CA ARG C 278 9.94 23.67 42.68
C ARG C 278 9.15 22.58 43.39
N LEU C 279 8.39 22.99 44.40
CA LEU C 279 7.46 22.13 45.10
C LEU C 279 6.06 22.74 45.06
N VAL C 280 5.05 21.88 45.06
CA VAL C 280 3.66 22.29 45.18
C VAL C 280 3.25 22.19 46.64
N VAL C 281 2.35 23.07 47.06
CA VAL C 281 1.76 23.01 48.39
C VAL C 281 0.39 22.37 48.28
N VAL C 282 0.07 21.48 49.22
CA VAL C 282 -1.17 20.71 49.21
C VAL C 282 -1.74 20.69 50.62
N ASP C 283 -2.88 20.03 50.76
CA ASP C 283 -3.54 19.77 52.03
C ASP C 283 -3.70 18.26 52.22
N GLU C 284 -4.49 17.87 53.23
CA GLU C 284 -4.82 16.47 53.42
C GLU C 284 -5.70 15.92 52.31
N ASN C 285 -6.41 16.77 51.58
CA ASN C 285 -7.20 16.36 50.42
C ASN C 285 -6.43 16.47 49.11
N ASP C 286 -5.17 16.90 49.17
CA ASP C 286 -4.20 16.84 48.05
C ASP C 286 -4.63 17.72 46.88
N VAL C 287 -5.18 18.89 47.18
CA VAL C 287 -5.53 19.86 46.16
C VAL C 287 -4.42 20.89 46.04
N VAL C 288 -4.37 21.56 44.89
CA VAL C 288 -3.31 22.53 44.62
C VAL C 288 -3.65 23.85 45.31
N LYS C 289 -2.72 24.36 46.10
CA LYS C 289 -2.85 25.66 46.73
C LYS C 289 -1.82 26.67 46.24
N GLY C 290 -0.87 26.27 45.41
CA GLY C 290 0.15 27.16 44.93
C GLY C 290 1.44 26.40 44.67
N ILE C 291 2.43 27.14 44.16
CA ILE C 291 3.75 26.60 43.85
C ILE C 291 4.80 27.53 44.42
N VAL C 292 5.69 27.00 45.24
CA VAL C 292 6.87 27.73 45.70
C VAL C 292 8.03 27.40 44.78
N SER C 293 8.76 28.42 44.34
CA SER C 293 9.85 28.27 43.38
C SER C 293 11.12 28.90 43.93
N LEU C 294 12.22 28.66 43.23
CA LEU C 294 13.51 29.19 43.66
C LEU C 294 13.61 30.69 43.43
N SER C 295 12.88 31.22 42.44
CA SER C 295 12.90 32.65 42.15
C SER C 295 12.18 33.47 43.20
N ASP C 296 11.40 32.84 44.08
CA ASP C 296 10.78 33.53 45.21
C ASP C 296 11.49 33.25 46.53
N ILE C 297 12.07 32.06 46.68
CA ILE C 297 12.89 31.77 47.87
C ILE C 297 14.14 32.63 47.88
N LEU C 298 14.82 32.73 46.73
CA LEU C 298 15.97 33.63 46.64
C LEU C 298 15.55 35.10 46.66
N GLN C 299 14.31 35.41 46.26
CA GLN C 299 13.80 36.77 46.43
C GLN C 299 13.63 37.12 47.90
N ALA C 300 13.13 36.17 48.70
CA ALA C 300 13.03 36.38 50.13
C ALA C 300 14.42 36.47 50.78
N LEU C 301 15.36 35.67 50.29
CA LEU C 301 16.70 35.67 50.88
C LEU C 301 17.49 36.93 50.52
N VAL C 302 17.29 37.47 49.31
CA VAL C 302 18.11 38.58 48.83
C VAL C 302 17.73 39.89 49.52
N LEU C 303 16.51 40.01 50.02
CA LEU C 303 16.08 41.20 50.75
C LEU C 303 16.77 41.33 52.10
N GLY D 7 -36.56 -11.49 -12.57
CA GLY D 7 -37.96 -11.84 -12.39
C GLY D 7 -38.19 -12.75 -11.19
N LYS D 8 -37.35 -12.62 -10.18
CA LYS D 8 -37.46 -13.44 -8.97
C LYS D 8 -37.35 -12.56 -7.72
N LEU D 9 -37.29 -13.19 -6.55
CA LEU D 9 -37.17 -12.48 -5.28
C LEU D 9 -35.88 -12.89 -4.60
N VAL D 10 -35.08 -11.91 -4.18
CA VAL D 10 -33.82 -12.13 -3.50
C VAL D 10 -33.92 -11.52 -2.11
N ILE D 11 -33.69 -12.34 -1.08
CA ILE D 11 -33.83 -11.93 0.31
C ILE D 11 -32.44 -11.90 0.95
N TRP D 12 -32.10 -10.78 1.59
CA TRP D 12 -30.90 -10.68 2.41
C TRP D 12 -31.30 -10.49 3.86
N ILE D 13 -30.79 -11.38 4.72
CA ILE D 13 -30.99 -11.30 6.17
C ILE D 13 -29.66 -11.66 6.82
N ASN D 14 -29.46 -11.19 8.05
CA ASN D 14 -28.22 -11.39 8.77
C ASN D 14 -28.01 -12.87 9.07
N GLY D 15 -26.73 -13.27 9.16
CA GLY D 15 -26.36 -14.67 9.29
C GLY D 15 -26.79 -15.33 10.59
N ASP D 16 -27.04 -14.54 11.63
CA ASP D 16 -27.53 -15.06 12.90
C ASP D 16 -29.05 -15.17 12.95
N LYS D 17 -29.73 -15.04 11.83
CA LYS D 17 -31.18 -15.16 11.75
C LYS D 17 -31.58 -16.46 11.08
N GLY D 18 -32.88 -16.75 11.10
CA GLY D 18 -33.40 -17.97 10.53
C GLY D 18 -33.62 -17.91 9.03
N TYR D 19 -32.54 -17.99 8.26
CA TYR D 19 -32.65 -17.92 6.80
C TYR D 19 -33.22 -19.19 6.18
N ASN D 20 -33.12 -20.33 6.87
CA ASN D 20 -33.65 -21.57 6.31
C ASN D 20 -35.18 -21.59 6.39
N GLY D 21 -35.76 -20.95 7.40
CA GLY D 21 -37.21 -20.77 7.41
C GLY D 21 -37.69 -19.88 6.28
N LEU D 22 -36.90 -18.85 5.94
CA LEU D 22 -37.18 -18.04 4.77
C LEU D 22 -37.04 -18.82 3.48
N ALA D 23 -36.09 -19.77 3.43
CA ALA D 23 -35.97 -20.65 2.28
C ALA D 23 -37.17 -21.58 2.16
N GLU D 24 -37.71 -22.03 3.30
CA GLU D 24 -38.90 -22.87 3.28
C GLU D 24 -40.13 -22.08 2.83
N VAL D 25 -40.25 -20.82 3.26
CA VAL D 25 -41.36 -19.98 2.80
C VAL D 25 -41.20 -19.65 1.31
N GLY D 26 -39.96 -19.49 0.85
CA GLY D 26 -39.73 -19.31 -0.57
C GLY D 26 -40.03 -20.55 -1.40
N LYS D 27 -39.79 -21.74 -0.83
CA LYS D 27 -40.20 -22.97 -1.49
C LYS D 27 -41.72 -23.09 -1.53
N LYS D 28 -42.39 -22.66 -0.47
CA LYS D 28 -43.85 -22.66 -0.45
C LYS D 28 -44.44 -21.61 -1.39
N PHE D 29 -43.67 -20.59 -1.73
CA PHE D 29 -44.07 -19.60 -2.72
C PHE D 29 -43.86 -20.13 -4.14
N GLU D 30 -42.70 -20.75 -4.38
CA GLU D 30 -42.39 -21.34 -5.69
C GLU D 30 -43.31 -22.52 -6.00
N LYS D 31 -43.80 -23.22 -4.98
CA LYS D 31 -44.75 -24.30 -5.18
C LYS D 31 -46.10 -23.79 -5.65
N ASP D 32 -46.44 -22.54 -5.35
CA ASP D 32 -47.76 -22.01 -5.63
C ASP D 32 -47.80 -21.01 -6.78
N THR D 33 -46.65 -20.46 -7.19
CA THR D 33 -46.63 -19.59 -8.36
C THR D 33 -45.50 -19.87 -9.35
N GLY D 34 -44.48 -20.63 -8.98
CA GLY D 34 -43.41 -20.97 -9.89
C GLY D 34 -42.20 -20.04 -9.87
N ILE D 35 -42.30 -18.90 -9.18
CA ILE D 35 -41.18 -17.96 -9.10
C ILE D 35 -40.31 -18.34 -7.91
N LYS D 36 -39.03 -18.60 -8.19
CA LYS D 36 -38.10 -19.06 -7.17
C LYS D 36 -37.60 -17.91 -6.31
N VAL D 37 -37.27 -18.24 -5.06
CA VAL D 37 -36.74 -17.28 -4.10
C VAL D 37 -35.33 -17.72 -3.72
N THR D 38 -34.37 -16.80 -3.80
CA THR D 38 -32.99 -17.06 -3.46
C THR D 38 -32.65 -16.33 -2.17
N VAL D 39 -32.22 -17.07 -1.15
CA VAL D 39 -31.92 -16.52 0.16
C VAL D 39 -30.40 -16.43 0.30
N GLU D 40 -29.90 -15.21 0.53
CA GLU D 40 -28.47 -14.96 0.70
C GLU D 40 -28.28 -14.23 2.02
N HIS D 41 -27.11 -14.43 2.64
CA HIS D 41 -26.76 -13.77 3.90
C HIS D 41 -25.38 -13.12 3.78
N PRO D 42 -25.30 -11.95 3.16
CA PRO D 42 -24.01 -11.27 3.04
C PRO D 42 -23.59 -10.59 4.33
N ASP D 43 -22.28 -10.51 4.53
CA ASP D 43 -21.73 -9.84 5.70
C ASP D 43 -21.80 -8.34 5.54
N LYS D 44 -22.13 -7.64 6.65
CA LYS D 44 -22.29 -6.19 6.72
C LYS D 44 -23.31 -5.67 5.69
N LEU D 45 -24.46 -6.33 5.66
CA LEU D 45 -25.47 -6.05 4.64
C LEU D 45 -26.12 -4.68 4.81
N GLU D 46 -26.08 -4.09 6.01
CA GLU D 46 -26.55 -2.73 6.19
C GLU D 46 -25.62 -1.71 5.51
N GLU D 47 -24.38 -2.10 5.23
CA GLU D 47 -23.44 -1.31 4.46
C GLU D 47 -23.44 -1.70 2.98
N LYS D 48 -23.63 -2.99 2.69
CA LYS D 48 -23.63 -3.46 1.30
C LYS D 48 -24.91 -3.07 0.56
N PHE D 49 -26.02 -2.93 1.30
CA PHE D 49 -27.32 -2.67 0.65
C PHE D 49 -27.43 -1.31 -0.03
N PRO D 50 -27.12 -0.15 0.60
CA PRO D 50 -27.40 1.11 -0.11
C PRO D 50 -26.46 1.40 -1.27
N GLN D 51 -25.22 0.89 -1.24
CA GLN D 51 -24.29 1.15 -2.33
C GLN D 51 -24.68 0.41 -3.61
N VAL D 52 -25.28 -0.77 -3.50
CA VAL D 52 -25.81 -1.43 -4.68
C VAL D 52 -27.24 -0.97 -4.99
N ALA D 53 -27.98 -0.48 -3.99
CA ALA D 53 -29.34 -0.01 -4.24
C ALA D 53 -29.34 1.34 -4.95
N ALA D 54 -28.27 2.13 -4.79
CA ALA D 54 -28.13 3.36 -5.55
C ALA D 54 -27.85 3.08 -7.02
N THR D 55 -27.20 1.96 -7.33
CA THR D 55 -26.89 1.59 -8.70
C THR D 55 -28.04 0.92 -9.43
N GLY D 56 -29.18 0.74 -8.78
CA GLY D 56 -30.36 0.18 -9.41
C GLY D 56 -30.42 -1.33 -9.46
N ASP D 57 -29.47 -2.03 -8.85
CA ASP D 57 -29.49 -3.49 -8.82
C ASP D 57 -29.40 -4.02 -7.39
N GLY D 58 -29.20 -5.33 -7.25
CA GLY D 58 -29.10 -5.94 -5.95
C GLY D 58 -30.39 -6.64 -5.55
N PRO D 59 -30.62 -6.74 -4.24
CA PRO D 59 -31.82 -7.44 -3.75
C PRO D 59 -33.07 -6.59 -3.90
N ASP D 60 -34.20 -7.28 -4.07
CA ASP D 60 -35.49 -6.61 -4.16
C ASP D 60 -36.06 -6.28 -2.79
N ILE D 61 -35.75 -7.10 -1.79
CA ILE D 61 -36.30 -6.95 -0.45
C ILE D 61 -35.16 -7.14 0.57
N ILE D 62 -35.17 -6.31 1.61
CA ILE D 62 -34.17 -6.34 2.66
C ILE D 62 -34.86 -6.58 4.00
N PHE D 63 -34.23 -7.39 4.86
CA PHE D 63 -34.71 -7.63 6.22
C PHE D 63 -33.71 -7.03 7.19
N TRP D 64 -34.12 -5.97 7.88
CA TRP D 64 -33.28 -5.29 8.86
C TRP D 64 -34.20 -4.47 9.76
N ALA D 65 -33.65 -4.01 10.88
CA ALA D 65 -34.34 -3.10 11.77
C ALA D 65 -34.60 -1.74 11.10
N HIS D 66 -35.54 -0.99 11.67
CA HIS D 66 -36.04 0.24 11.06
C HIS D 66 -35.08 1.42 11.18
N ASP D 67 -33.98 1.29 11.93
CA ASP D 67 -33.10 2.43 12.17
C ASP D 67 -32.34 2.86 10.91
N ARG D 68 -32.04 1.92 10.01
CA ARG D 68 -31.40 2.23 8.75
C ARG D 68 -32.39 2.65 7.67
N PHE D 69 -33.68 2.37 7.87
CA PHE D 69 -34.66 2.55 6.81
C PHE D 69 -34.99 4.02 6.57
N GLY D 70 -34.80 4.89 7.57
CA GLY D 70 -34.99 6.31 7.34
C GLY D 70 -33.91 6.90 6.44
N GLY D 71 -32.65 6.54 6.71
CA GLY D 71 -31.57 6.95 5.82
C GLY D 71 -31.63 6.28 4.46
N TYR D 72 -32.23 5.09 4.38
CA TYR D 72 -32.52 4.51 3.08
C TYR D 72 -33.62 5.27 2.36
N ALA D 73 -34.62 5.76 3.11
CA ALA D 73 -35.75 6.45 2.51
C ALA D 73 -35.38 7.84 2.02
N GLN D 74 -34.44 8.53 2.69
CA GLN D 74 -34.05 9.85 2.23
C GLN D 74 -33.26 9.80 0.92
N SER D 75 -32.62 8.68 0.61
CA SER D 75 -31.93 8.50 -0.65
C SER D 75 -32.84 7.95 -1.74
N GLY D 76 -34.11 7.73 -1.44
CA GLY D 76 -35.04 7.18 -2.41
C GLY D 76 -34.79 5.71 -2.73
N LEU D 77 -34.42 4.92 -1.72
CA LEU D 77 -34.09 3.52 -1.92
C LEU D 77 -35.20 2.57 -1.50
N LEU D 78 -36.27 3.09 -0.89
CA LEU D 78 -37.38 2.26 -0.42
C LEU D 78 -38.66 2.70 -1.09
N ALA D 79 -39.52 1.73 -1.40
CA ALA D 79 -40.78 1.99 -2.07
C ALA D 79 -41.88 2.28 -1.06
N GLU D 80 -42.85 3.09 -1.49
CA GLU D 80 -44.00 3.38 -0.65
C GLU D 80 -44.93 2.17 -0.61
N ILE D 81 -45.34 1.79 0.59
CA ILE D 81 -46.20 0.63 0.79
C ILE D 81 -47.64 1.08 0.94
N THR D 82 -48.57 0.21 0.54
CA THR D 82 -50.01 0.48 0.63
C THR D 82 -50.68 -0.69 1.34
N PRO D 83 -50.75 -0.66 2.67
CA PRO D 83 -51.48 -1.71 3.40
C PRO D 83 -52.95 -1.40 3.55
N ALA D 84 -53.74 -2.47 3.67
CA ALA D 84 -55.17 -2.33 3.90
C ALA D 84 -55.44 -2.09 5.38
N ALA D 85 -56.69 -1.69 5.68
CA ALA D 85 -57.06 -1.41 7.06
C ALA D 85 -57.13 -2.68 7.90
N ALA D 86 -57.49 -3.81 7.27
CA ALA D 86 -57.48 -5.08 7.99
C ALA D 86 -56.07 -5.54 8.27
N PHE D 87 -55.15 -5.33 7.32
CA PHE D 87 -53.75 -5.68 7.52
C PHE D 87 -53.10 -4.81 8.58
N GLN D 88 -53.52 -3.54 8.68
CA GLN D 88 -53.08 -2.70 9.79
C GLN D 88 -53.71 -3.14 11.11
N ASP D 89 -54.93 -3.67 11.07
CA ASP D 89 -55.57 -4.16 12.28
C ASP D 89 -54.93 -5.45 12.78
N LYS D 90 -54.33 -6.24 11.87
CA LYS D 90 -53.70 -7.49 12.26
C LYS D 90 -52.41 -7.29 13.06
N LEU D 91 -51.79 -6.11 12.96
CA LEU D 91 -50.52 -5.86 13.62
C LEU D 91 -50.68 -4.83 14.74
N TYR D 92 -49.68 -4.78 15.61
CA TYR D 92 -49.67 -3.82 16.71
C TYR D 92 -49.50 -2.40 16.18
N PRO D 93 -50.12 -1.41 16.84
CA PRO D 93 -50.01 -0.02 16.35
C PRO D 93 -48.64 0.60 16.56
N PHE D 94 -47.93 0.25 17.64
CA PHE D 94 -46.59 0.81 17.84
C PHE D 94 -45.59 0.24 16.84
N THR D 95 -45.85 -0.97 16.32
CA THR D 95 -45.02 -1.50 15.24
C THR D 95 -45.22 -0.71 13.96
N TRP D 96 -46.43 -0.22 13.70
CA TRP D 96 -46.63 0.69 12.58
C TRP D 96 -46.04 2.06 12.86
N ASP D 97 -46.03 2.48 14.13
CA ASP D 97 -45.48 3.79 14.47
C ASP D 97 -43.96 3.79 14.34
N ALA D 98 -43.31 2.65 14.59
CA ALA D 98 -41.86 2.56 14.50
C ALA D 98 -41.34 2.64 13.07
N VAL D 99 -42.19 2.41 12.07
CA VAL D 99 -41.76 2.40 10.68
C VAL D 99 -42.32 3.60 9.93
N ARG D 100 -42.55 4.69 10.65
CA ARG D 100 -43.04 5.93 10.06
C ARG D 100 -41.87 6.85 9.76
N TYR D 101 -41.81 7.35 8.52
CA TYR D 101 -40.79 8.31 8.11
C TYR D 101 -41.49 9.49 7.47
N ASN D 102 -41.47 10.63 8.17
CA ASN D 102 -42.21 11.85 7.80
C ASN D 102 -43.70 11.57 7.60
N GLY D 103 -44.27 10.74 8.47
CA GLY D 103 -45.66 10.36 8.39
C GLY D 103 -45.98 9.23 7.43
N LYS D 104 -45.06 8.87 6.54
CA LYS D 104 -45.29 7.82 5.57
C LYS D 104 -44.80 6.48 6.09
N LEU D 105 -45.52 5.42 5.73
CA LEU D 105 -45.13 4.06 6.06
C LEU D 105 -44.20 3.51 4.99
N ILE D 106 -43.09 2.91 5.42
CA ILE D 106 -42.05 2.47 4.50
C ILE D 106 -41.70 1.00 4.63
N ALA D 107 -42.26 0.28 5.60
CA ALA D 107 -41.86 -1.11 5.81
C ALA D 107 -42.97 -1.88 6.52
N TYR D 108 -42.94 -3.19 6.34
CA TYR D 108 -43.84 -4.10 7.04
C TYR D 108 -43.16 -4.63 8.29
N PRO D 109 -43.75 -4.47 9.47
CA PRO D 109 -43.12 -4.99 10.69
C PRO D 109 -43.17 -6.51 10.76
N ILE D 110 -42.10 -7.10 11.26
CA ILE D 110 -41.97 -8.55 11.37
C ILE D 110 -42.04 -9.00 12.83
N ALA D 111 -41.12 -8.52 13.67
CA ALA D 111 -41.05 -8.94 15.06
C ALA D 111 -40.36 -7.87 15.87
N VAL D 112 -40.59 -7.90 17.18
CA VAL D 112 -40.00 -6.95 18.12
C VAL D 112 -38.91 -7.68 18.91
N GLU D 113 -37.67 -7.23 18.76
CA GLU D 113 -36.52 -7.85 19.40
C GLU D 113 -36.04 -6.98 20.55
N ALA D 114 -35.79 -7.60 21.70
CA ALA D 114 -35.28 -6.89 22.87
C ALA D 114 -34.27 -7.77 23.60
N LEU D 115 -33.24 -7.15 24.14
CA LEU D 115 -32.21 -7.88 24.87
C LEU D 115 -32.73 -8.32 26.25
N SER D 116 -32.26 -9.47 26.68
CA SER D 116 -32.60 -10.01 27.99
C SER D 116 -31.37 -10.66 28.60
N LEU D 117 -31.43 -10.87 29.92
CA LEU D 117 -30.33 -11.53 30.63
C LEU D 117 -30.52 -13.04 30.53
N ILE D 118 -29.54 -13.72 29.94
CA ILE D 118 -29.57 -15.16 29.78
C ILE D 118 -28.48 -15.75 30.68
N TYR D 119 -28.86 -16.69 31.55
CA TYR D 119 -27.96 -17.22 32.56
C TYR D 119 -28.02 -18.74 32.55
N ASN D 120 -26.94 -19.34 33.06
CA ASN D 120 -26.84 -20.80 33.20
C ASN D 120 -27.38 -21.20 34.56
N LYS D 121 -28.44 -22.03 34.56
CA LYS D 121 -29.05 -22.47 35.81
C LYS D 121 -28.17 -23.43 36.59
N ASP D 122 -27.27 -24.15 35.92
CA ASP D 122 -26.42 -25.11 36.63
C ASP D 122 -25.29 -24.40 37.37
N LEU D 123 -24.72 -23.36 36.76
CA LEU D 123 -23.67 -22.58 37.42
C LEU D 123 -24.21 -21.45 38.27
N LEU D 124 -25.43 -20.99 38.00
CA LEU D 124 -25.99 -19.84 38.71
C LEU D 124 -27.50 -20.03 38.83
N PRO D 125 -27.96 -20.64 39.94
CA PRO D 125 -29.41 -20.86 40.09
C PRO D 125 -30.20 -19.60 40.34
N ASN D 126 -29.62 -18.60 41.02
CA ASN D 126 -30.31 -17.36 41.29
C ASN D 126 -29.68 -16.24 40.48
N PRO D 127 -30.42 -15.61 39.57
CA PRO D 127 -29.84 -14.52 38.76
C PRO D 127 -29.71 -13.25 39.58
N PRO D 128 -28.65 -12.47 39.33
CA PRO D 128 -28.48 -11.21 40.08
C PRO D 128 -29.46 -10.15 39.65
N LYS D 129 -29.86 -9.31 40.61
CA LYS D 129 -30.73 -8.18 40.36
C LYS D 129 -29.96 -6.86 40.35
N THR D 130 -28.63 -6.90 40.45
CA THR D 130 -27.82 -5.70 40.58
C THR D 130 -26.58 -5.85 39.69
N TRP D 131 -26.23 -4.79 38.96
CA TRP D 131 -25.01 -4.82 38.16
C TRP D 131 -23.75 -4.80 39.01
N GLU D 132 -23.79 -4.12 40.16
CA GLU D 132 -22.60 -3.95 40.98
C GLU D 132 -22.17 -5.23 41.70
N GLU D 133 -23.08 -6.18 41.90
CA GLU D 133 -22.71 -7.44 42.54
C GLU D 133 -22.19 -8.48 41.56
N ILE D 134 -22.07 -8.14 40.28
CA ILE D 134 -21.52 -9.02 39.26
C ILE D 134 -20.00 -9.17 39.42
N PRO D 135 -19.19 -8.14 39.73
CA PRO D 135 -17.80 -8.42 40.12
C PRO D 135 -17.67 -9.21 41.41
N ALA D 136 -18.59 -9.02 42.37
CA ALA D 136 -18.58 -9.82 43.59
C ALA D 136 -18.87 -11.30 43.29
N LEU D 137 -19.76 -11.56 42.32
CA LEU D 137 -20.00 -12.93 41.89
C LEU D 137 -18.82 -13.48 41.11
N ASP D 138 -18.18 -12.63 40.30
CA ASP D 138 -17.04 -13.07 39.48
C ASP D 138 -15.82 -13.39 40.33
N LYS D 139 -15.68 -12.72 41.48
CA LYS D 139 -14.61 -13.06 42.42
C LYS D 139 -14.75 -14.50 42.92
N GLU D 140 -15.98 -14.95 43.15
CA GLU D 140 -16.21 -16.34 43.50
C GLU D 140 -16.04 -17.27 42.29
N LEU D 141 -16.50 -16.83 41.11
CA LEU D 141 -16.55 -17.72 39.96
C LEU D 141 -15.19 -17.94 39.30
N LYS D 142 -14.26 -16.97 39.40
CA LYS D 142 -12.93 -17.18 38.84
C LYS D 142 -12.13 -18.21 39.63
N ALA D 143 -12.47 -18.41 40.92
CA ALA D 143 -11.86 -19.48 41.68
C ALA D 143 -12.38 -20.86 41.29
N LYS D 144 -13.51 -20.92 40.58
CA LYS D 144 -14.10 -22.16 40.11
C LYS D 144 -13.75 -22.43 38.65
N GLY D 145 -12.98 -21.55 38.02
CA GLY D 145 -12.63 -21.71 36.62
C GLY D 145 -13.66 -21.22 35.63
N LYS D 146 -14.71 -20.57 36.10
CA LYS D 146 -15.76 -20.02 35.25
C LYS D 146 -15.66 -18.50 35.24
N SER D 147 -16.62 -17.86 34.57
CA SER D 147 -16.70 -16.41 34.50
C SER D 147 -18.15 -15.98 34.65
N ALA D 148 -18.34 -14.74 35.12
CA ALA D 148 -19.68 -14.26 35.42
C ALA D 148 -20.44 -13.87 34.16
N LEU D 149 -19.89 -12.95 33.39
CA LEU D 149 -20.61 -12.37 32.25
C LEU D 149 -19.67 -12.17 31.09
N MET D 150 -20.05 -12.66 29.92
CA MET D 150 -19.32 -12.45 28.68
C MET D 150 -20.32 -12.18 27.58
N PHE D 151 -20.14 -11.06 26.88
CA PHE D 151 -21.00 -10.69 25.77
C PHE D 151 -20.21 -9.88 24.77
N ASN D 152 -20.85 -9.56 23.65
CA ASN D 152 -20.23 -8.84 22.54
C ASN D 152 -19.94 -7.40 22.97
N LEU D 153 -18.65 -7.08 23.10
CA LEU D 153 -18.22 -5.72 23.41
C LEU D 153 -17.82 -4.93 22.17
N GLN D 154 -17.69 -5.59 21.02
CA GLN D 154 -17.32 -4.90 19.79
C GLN D 154 -18.48 -4.13 19.18
N GLU D 155 -19.72 -4.49 19.52
CA GLU D 155 -20.89 -3.81 19.00
C GLU D 155 -21.57 -3.04 20.12
N PRO D 156 -21.93 -1.76 19.89
CA PRO D 156 -22.49 -0.95 20.97
C PRO D 156 -23.91 -1.30 21.37
N TYR D 157 -24.60 -2.16 20.59
CA TYR D 157 -25.97 -2.54 20.91
C TYR D 157 -26.06 -3.31 22.21
N PHE D 158 -25.03 -4.08 22.55
CA PHE D 158 -25.03 -4.85 23.79
C PHE D 158 -24.51 -4.05 24.97
N THR D 159 -23.64 -3.08 24.74
CA THR D 159 -23.11 -2.23 25.81
C THR D 159 -23.99 -1.04 26.11
N TRP D 160 -24.94 -0.73 25.24
CA TRP D 160 -25.87 0.38 25.46
C TRP D 160 -26.73 0.33 26.73
N PRO D 161 -27.30 -0.82 27.19
CA PRO D 161 -28.13 -0.76 28.40
C PRO D 161 -27.37 -0.38 29.67
N LEU D 162 -26.13 -0.84 29.82
CA LEU D 162 -25.35 -0.50 31.01
C LEU D 162 -24.94 0.98 31.00
N ILE D 163 -24.82 1.57 29.81
CA ILE D 163 -24.56 3.00 29.71
C ILE D 163 -25.83 3.80 29.99
N ALA D 164 -26.93 3.42 29.34
CA ALA D 164 -28.19 4.17 29.37
C ALA D 164 -29.02 3.91 30.61
N ALA D 165 -28.59 3.02 31.50
CA ALA D 165 -29.34 2.75 32.73
C ALA D 165 -29.42 3.97 33.65
N ASP D 166 -28.33 4.72 33.77
CA ASP D 166 -28.26 5.82 34.73
C ASP D 166 -28.70 7.15 34.12
N GLY D 167 -29.25 7.15 32.90
CA GLY D 167 -29.80 8.36 32.34
C GLY D 167 -29.37 8.68 30.93
N GLY D 168 -28.58 7.80 30.31
CA GLY D 168 -28.14 8.03 28.96
C GLY D 168 -29.26 7.81 27.95
N TYR D 169 -29.22 8.60 26.87
CA TYR D 169 -30.21 8.48 25.81
C TYR D 169 -29.59 8.95 24.50
N ALA D 170 -30.14 8.45 23.40
CA ALA D 170 -29.61 8.79 22.07
C ALA D 170 -30.09 10.17 21.63
N PHE D 171 -31.41 10.32 21.46
CA PHE D 171 -31.99 11.58 21.01
C PHE D 171 -33.22 11.90 21.85
N LYS D 172 -33.41 13.19 22.14
CA LYS D 172 -34.55 13.62 22.92
C LYS D 172 -35.82 13.54 22.08
N TYR D 173 -36.81 12.82 22.58
CA TYR D 173 -38.10 12.65 21.90
C TYR D 173 -39.17 13.33 22.73
N GLU D 174 -39.73 14.42 22.21
CA GLU D 174 -40.74 15.19 22.93
C GLU D 174 -42.10 15.12 22.25
N ASN D 175 -42.21 15.55 20.99
CA ASN D 175 -43.47 15.49 20.25
C ASN D 175 -43.19 15.10 18.80
N GLY D 176 -43.14 13.79 18.54
CA GLY D 176 -43.01 13.25 17.20
C GLY D 176 -41.71 13.49 16.48
N LYS D 177 -40.75 14.20 17.09
CA LYS D 177 -39.51 14.55 16.44
C LYS D 177 -38.34 14.33 17.39
N TYR D 178 -37.26 13.74 16.89
CA TYR D 178 -36.06 13.54 17.66
C TYR D 178 -35.15 14.75 17.51
N ASP D 179 -34.73 15.32 18.63
CA ASP D 179 -33.90 16.52 18.61
C ASP D 179 -32.45 16.12 18.37
N ILE D 180 -31.90 16.58 17.23
CA ILE D 180 -30.55 16.22 16.84
C ILE D 180 -29.48 16.95 17.65
N LYS D 181 -29.85 18.00 18.38
CA LYS D 181 -28.90 18.75 19.19
C LYS D 181 -28.99 18.43 20.68
N ASP D 182 -30.00 17.68 21.11
CA ASP D 182 -30.17 17.29 22.50
C ASP D 182 -29.83 15.80 22.60
N VAL D 183 -28.55 15.52 22.88
CA VAL D 183 -28.05 14.16 22.98
C VAL D 183 -27.51 13.96 24.39
N GLY D 184 -27.87 12.83 25.02
CA GLY D 184 -27.48 12.59 26.39
C GLY D 184 -26.45 11.49 26.57
N VAL D 185 -25.44 11.45 25.69
CA VAL D 185 -24.33 10.52 25.84
C VAL D 185 -23.14 11.16 26.56
N ASP D 186 -23.22 12.46 26.87
CA ASP D 186 -22.15 13.17 27.56
C ASP D 186 -22.59 13.63 28.94
N ASN D 187 -23.69 13.08 29.45
CA ASN D 187 -24.15 13.40 30.79
C ASN D 187 -23.41 12.56 31.84
N ALA D 188 -23.79 12.73 33.10
CA ALA D 188 -23.11 12.02 34.18
C ALA D 188 -23.43 10.54 34.19
N GLY D 189 -24.64 10.16 33.76
CA GLY D 189 -25.01 8.76 33.76
C GLY D 189 -24.26 7.93 32.74
N ALA D 190 -24.06 8.48 31.54
CA ALA D 190 -23.27 7.79 30.53
C ALA D 190 -21.79 7.71 30.93
N LYS D 191 -21.28 8.75 31.61
CA LYS D 191 -19.91 8.70 32.10
C LYS D 191 -19.74 7.65 33.19
N ALA D 192 -20.71 7.53 34.10
CA ALA D 192 -20.66 6.49 35.12
C ALA D 192 -20.79 5.10 34.52
N GLY D 193 -21.65 4.95 33.51
CA GLY D 193 -21.81 3.66 32.85
C GLY D 193 -20.56 3.22 32.10
N LEU D 194 -19.97 4.13 31.32
CA LEU D 194 -18.76 3.77 30.60
C LEU D 194 -17.58 3.61 31.54
N THR D 195 -17.57 4.33 32.68
CA THR D 195 -16.54 4.14 33.69
C THR D 195 -16.63 2.75 34.32
N PHE D 196 -17.85 2.29 34.63
CA PHE D 196 -18.04 0.94 35.13
C PHE D 196 -17.69 -0.11 34.07
N LEU D 197 -17.99 0.18 32.80
CA LEU D 197 -17.68 -0.76 31.73
C LEU D 197 -16.17 -0.89 31.52
N VAL D 198 -15.43 0.22 31.66
CA VAL D 198 -13.98 0.15 31.59
C VAL D 198 -13.41 -0.54 32.82
N ASP D 199 -13.96 -0.26 34.01
CA ASP D 199 -13.46 -0.87 35.24
C ASP D 199 -13.75 -2.36 35.32
N LEU D 200 -14.74 -2.86 34.59
CA LEU D 200 -14.90 -4.31 34.46
C LEU D 200 -13.71 -4.93 33.73
N ILE D 201 -13.14 -4.22 32.76
CA ILE D 201 -12.02 -4.73 32.00
C ILE D 201 -10.71 -4.53 32.75
N LYS D 202 -10.55 -3.37 33.41
CA LYS D 202 -9.33 -3.05 34.15
C LYS D 202 -9.11 -3.98 35.34
N ASN D 203 -10.19 -4.33 36.04
CA ASN D 203 -10.10 -5.22 37.19
C ASN D 203 -10.19 -6.70 36.80
N LYS D 204 -9.94 -7.02 35.52
CA LYS D 204 -9.80 -8.38 35.00
C LYS D 204 -11.07 -9.22 35.18
N HIS D 205 -12.23 -8.58 35.12
CA HIS D 205 -13.49 -9.32 35.14
C HIS D 205 -13.98 -9.68 33.76
N MET D 206 -13.57 -8.94 32.73
CA MET D 206 -13.97 -9.20 31.35
C MET D 206 -12.77 -8.99 30.43
N ASN D 207 -12.90 -9.50 29.21
CA ASN D 207 -11.87 -9.37 28.18
C ASN D 207 -12.36 -8.40 27.11
N ALA D 208 -11.50 -7.45 26.74
CA ALA D 208 -11.89 -6.41 25.79
C ALA D 208 -12.01 -6.93 24.37
N ASP D 209 -11.35 -8.04 24.03
CA ASP D 209 -11.41 -8.60 22.69
C ASP D 209 -12.59 -9.54 22.48
N THR D 210 -13.44 -9.71 23.48
CA THR D 210 -14.60 -10.59 23.37
C THR D 210 -15.63 -10.01 22.42
N ASP D 211 -15.98 -10.78 21.40
CA ASP D 211 -17.00 -10.41 20.41
C ASP D 211 -18.14 -11.43 20.47
N TYR D 212 -19.02 -11.37 19.47
CA TYR D 212 -20.21 -12.21 19.43
C TYR D 212 -19.87 -13.69 19.34
N SER D 213 -18.89 -14.05 18.50
CA SER D 213 -18.57 -15.46 18.27
C SER D 213 -17.90 -16.09 19.48
N ILE D 214 -16.94 -15.39 20.08
CA ILE D 214 -16.22 -15.94 21.24
C ILE D 214 -17.15 -16.05 22.45
N ALA D 215 -18.00 -15.05 22.67
CA ALA D 215 -18.94 -15.11 23.78
C ALA D 215 -20.00 -16.19 23.56
N GLU D 216 -20.44 -16.37 22.31
CA GLU D 216 -21.39 -17.44 22.00
C GLU D 216 -20.78 -18.82 22.21
N ALA D 217 -19.53 -19.01 21.77
CA ALA D 217 -18.84 -20.28 21.98
C ALA D 217 -18.53 -20.51 23.46
N ALA D 218 -18.31 -19.44 24.23
CA ALA D 218 -18.10 -19.58 25.67
C ALA D 218 -19.39 -19.98 26.37
N PHE D 219 -20.52 -19.41 25.95
CA PHE D 219 -21.78 -19.75 26.61
C PHE D 219 -22.30 -21.13 26.21
N ASN D 220 -22.06 -21.55 24.96
CA ASN D 220 -22.50 -22.89 24.56
C ASN D 220 -21.63 -23.98 25.17
N LYS D 221 -20.37 -23.67 25.49
CA LYS D 221 -19.51 -24.64 26.16
C LYS D 221 -19.59 -24.53 27.68
N GLY D 222 -20.37 -23.60 28.20
CA GLY D 222 -20.52 -23.46 29.64
C GLY D 222 -19.40 -22.73 30.33
N GLU D 223 -18.61 -21.93 29.59
CA GLU D 223 -17.49 -21.23 30.18
C GLU D 223 -17.90 -19.99 30.95
N THR D 224 -19.06 -19.41 30.66
CA THR D 224 -19.56 -18.24 31.37
C THR D 224 -20.87 -18.57 32.06
N ALA D 225 -21.16 -17.84 33.12
CA ALA D 225 -22.39 -18.05 33.88
C ALA D 225 -23.56 -17.25 33.32
N MET D 226 -23.30 -16.11 32.69
CA MET D 226 -24.35 -15.27 32.15
C MET D 226 -23.91 -14.74 30.78
N THR D 227 -24.90 -14.35 29.98
CA THR D 227 -24.65 -13.68 28.72
C THR D 227 -25.81 -12.76 28.41
N ILE D 228 -25.56 -11.78 27.53
CA ILE D 228 -26.56 -10.83 27.08
C ILE D 228 -26.63 -10.96 25.57
N ASN D 229 -27.76 -11.46 25.07
CA ASN D 229 -27.91 -11.74 23.65
C ASN D 229 -29.39 -11.74 23.33
N GLY D 230 -29.71 -11.82 22.05
CA GLY D 230 -31.09 -11.76 21.60
C GLY D 230 -31.75 -13.13 21.54
N PRO D 231 -33.00 -13.17 21.11
CA PRO D 231 -33.72 -14.46 21.02
C PRO D 231 -33.22 -15.38 19.92
N TRP D 232 -32.47 -14.86 18.94
CA TRP D 232 -32.04 -15.67 17.81
C TRP D 232 -31.01 -16.74 18.19
N ALA D 233 -30.29 -16.55 19.30
CA ALA D 233 -29.31 -17.53 19.75
C ALA D 233 -29.92 -18.72 20.49
N TRP D 234 -31.24 -18.73 20.68
CA TRP D 234 -31.89 -19.75 21.49
C TRP D 234 -31.80 -21.13 20.85
N SER D 235 -31.71 -21.20 19.52
CA SER D 235 -31.52 -22.48 18.85
C SER D 235 -30.15 -23.07 19.15
N ASN D 236 -29.11 -22.22 19.13
CA ASN D 236 -27.76 -22.69 19.46
C ASN D 236 -27.63 -22.99 20.96
N ILE D 237 -28.44 -22.32 21.79
CA ILE D 237 -28.45 -22.64 23.21
C ILE D 237 -29.14 -23.99 23.45
N ASP D 238 -30.23 -24.26 22.72
CA ASP D 238 -30.91 -25.55 22.81
C ASP D 238 -30.06 -26.68 22.25
N THR D 239 -29.23 -26.40 21.25
CA THR D 239 -28.37 -27.43 20.67
C THR D 239 -27.29 -27.87 21.66
N SER D 240 -26.74 -26.93 22.43
CA SER D 240 -25.66 -27.23 23.36
C SER D 240 -26.14 -27.83 24.67
N ALA D 241 -27.46 -27.95 24.87
CA ALA D 241 -28.09 -28.62 26.02
C ALA D 241 -27.71 -27.98 27.36
N VAL D 242 -27.44 -26.68 27.35
CA VAL D 242 -27.17 -25.95 28.58
C VAL D 242 -28.49 -25.69 29.29
N ASN D 243 -28.52 -25.92 30.61
CA ASN D 243 -29.69 -25.62 31.42
C ASN D 243 -29.74 -24.11 31.62
N TYR D 244 -30.53 -23.44 30.79
CA TYR D 244 -30.49 -22.00 30.64
C TYR D 244 -31.74 -21.36 31.22
N GLY D 245 -31.59 -20.12 31.69
CA GLY D 245 -32.71 -19.30 32.09
C GLY D 245 -32.62 -17.93 31.48
N VAL D 246 -33.79 -17.30 31.31
CA VAL D 246 -33.89 -15.96 30.76
C VAL D 246 -34.66 -15.10 31.75
N THR D 247 -34.07 -13.99 32.17
CA THR D 247 -34.67 -13.13 33.18
C THR D 247 -34.47 -11.67 32.78
N VAL D 248 -34.98 -10.78 33.64
CA VAL D 248 -34.86 -9.34 33.42
C VAL D 248 -33.41 -8.92 33.64
N LEU D 249 -32.94 -7.97 32.83
CA LEU D 249 -31.63 -7.36 33.03
C LEU D 249 -31.57 -6.68 34.40
N PRO D 250 -30.43 -6.73 35.09
CA PRO D 250 -30.35 -6.15 36.44
C PRO D 250 -30.37 -4.63 36.42
N THR D 251 -30.64 -4.06 37.59
CA THR D 251 -30.73 -2.63 37.78
C THR D 251 -29.35 -2.06 38.13
N PHE D 252 -29.17 -0.77 37.82
CA PHE D 252 -27.91 -0.08 38.03
C PHE D 252 -28.19 1.19 38.81
N LYS D 253 -27.62 1.27 40.03
CA LYS D 253 -27.78 2.40 40.97
C LYS D 253 -29.24 2.68 41.28
N GLY D 254 -30.05 1.61 41.37
CA GLY D 254 -31.47 1.74 41.60
C GLY D 254 -32.30 1.98 40.35
N GLN D 255 -31.68 2.17 39.19
CA GLN D 255 -32.42 2.39 37.96
C GLN D 255 -32.27 1.19 37.03
N PRO D 256 -33.34 0.79 36.35
CA PRO D 256 -33.25 -0.33 35.40
C PRO D 256 -32.45 0.04 34.16
N SER D 257 -32.00 -0.99 33.45
CA SER D 257 -31.31 -0.80 32.19
C SER D 257 -32.28 -0.32 31.11
N LYS D 258 -31.74 0.45 30.16
CA LYS D 258 -32.51 0.98 29.03
C LYS D 258 -31.94 0.43 27.73
N PRO D 259 -32.37 -0.74 27.29
CA PRO D 259 -31.91 -1.25 25.98
C PRO D 259 -32.68 -0.60 24.83
N PHE D 260 -32.06 -0.66 23.65
CA PHE D 260 -32.79 -0.33 22.43
C PHE D 260 -33.83 -1.41 22.16
N VAL D 261 -35.04 -0.98 21.85
CA VAL D 261 -36.08 -1.90 21.41
C VAL D 261 -36.01 -1.98 19.89
N GLY D 262 -35.78 -3.18 19.37
CA GLY D 262 -35.56 -3.38 17.95
C GLY D 262 -36.78 -4.01 17.30
N VAL D 263 -37.20 -3.42 16.18
CA VAL D 263 -38.31 -3.93 15.40
C VAL D 263 -37.77 -4.36 14.06
N LEU D 264 -37.68 -5.68 13.84
CA LEU D 264 -37.31 -6.22 12.53
C LEU D 264 -38.42 -5.90 11.54
N SER D 265 -38.04 -5.38 10.38
CA SER D 265 -39.00 -4.89 9.41
C SER D 265 -38.61 -5.37 8.02
N ALA D 266 -39.57 -5.30 7.11
CA ALA D 266 -39.42 -5.77 5.73
C ALA D 266 -39.49 -4.56 4.80
N GLY D 267 -38.37 -4.21 4.19
CA GLY D 267 -38.29 -3.06 3.29
C GLY D 267 -38.21 -3.52 1.85
N ILE D 268 -38.88 -2.77 0.98
CA ILE D 268 -38.99 -3.10 -0.44
C ILE D 268 -38.21 -2.05 -1.24
N ASN D 269 -37.33 -2.51 -2.12
CA ASN D 269 -36.51 -1.60 -2.92
C ASN D 269 -37.38 -0.88 -3.95
N ALA D 270 -37.19 0.44 -4.04
CA ALA D 270 -37.96 1.25 -4.99
C ALA D 270 -37.53 0.99 -6.42
N ALA D 271 -36.29 0.54 -6.64
CA ALA D 271 -35.79 0.25 -7.97
C ALA D 271 -36.23 -1.11 -8.50
N SER D 272 -37.00 -1.88 -7.72
CA SER D 272 -37.38 -3.22 -8.10
C SER D 272 -38.67 -3.21 -8.91
N PRO D 273 -38.74 -3.92 -10.03
CA PRO D 273 -40.03 -4.10 -10.72
C PRO D 273 -40.93 -5.14 -10.08
N ASN D 274 -40.43 -5.88 -9.09
CA ASN D 274 -41.17 -6.98 -8.46
C ASN D 274 -41.85 -6.55 -7.17
N LYS D 275 -42.37 -5.31 -7.13
CA LYS D 275 -43.00 -4.79 -5.93
C LYS D 275 -44.29 -5.52 -5.58
N GLU D 276 -45.12 -5.81 -6.59
CA GLU D 276 -46.42 -6.42 -6.35
C GLU D 276 -46.28 -7.87 -5.91
N LEU D 277 -45.35 -8.61 -6.53
CA LEU D 277 -45.08 -9.99 -6.13
C LEU D 277 -44.53 -10.06 -4.72
N ALA D 278 -43.67 -9.10 -4.36
CA ALA D 278 -43.11 -9.06 -3.01
C ALA D 278 -44.18 -8.74 -1.97
N LYS D 279 -45.07 -7.78 -2.28
CA LYS D 279 -46.15 -7.42 -1.36
C LYS D 279 -47.12 -8.56 -1.16
N GLU D 280 -47.50 -9.25 -2.25
CA GLU D 280 -48.38 -10.41 -2.14
C GLU D 280 -47.71 -11.54 -1.37
N PHE D 281 -46.42 -11.78 -1.63
CA PHE D 281 -45.64 -12.77 -0.89
C PHE D 281 -45.65 -12.51 0.60
N LEU D 282 -45.29 -11.29 1.01
CA LEU D 282 -45.24 -10.94 2.43
C LEU D 282 -46.62 -11.03 3.08
N GLU D 283 -47.59 -10.30 2.53
CA GLU D 283 -48.91 -10.19 3.14
C GLU D 283 -49.70 -11.49 3.11
N ASN D 284 -49.40 -12.40 2.20
CA ASN D 284 -50.15 -13.65 2.14
C ASN D 284 -49.42 -14.83 2.78
N TYR D 285 -48.10 -14.80 2.88
CA TYR D 285 -47.36 -15.95 3.39
C TYR D 285 -46.60 -15.65 4.66
N LEU D 286 -45.86 -14.53 4.72
CA LEU D 286 -44.89 -14.37 5.80
C LEU D 286 -45.56 -13.94 7.10
N LEU D 287 -46.38 -12.90 7.06
CA LEU D 287 -47.07 -12.42 8.25
C LEU D 287 -48.40 -13.13 8.48
N THR D 288 -48.35 -14.46 8.49
CA THR D 288 -49.47 -15.32 8.82
C THR D 288 -49.05 -16.26 9.97
N ASP D 289 -49.98 -17.12 10.39
CA ASP D 289 -49.68 -18.05 11.46
C ASP D 289 -48.76 -19.17 11.00
N GLU D 290 -48.85 -19.57 9.73
CA GLU D 290 -48.02 -20.64 9.22
C GLU D 290 -46.64 -20.17 8.80
N GLY D 291 -46.52 -18.93 8.33
CA GLY D 291 -45.25 -18.41 7.87
C GLY D 291 -44.27 -18.06 8.97
N LEU D 292 -44.79 -17.51 10.07
CA LEU D 292 -43.91 -17.07 11.16
C LEU D 292 -43.35 -18.25 11.94
N GLU D 293 -44.11 -19.34 12.07
CA GLU D 293 -43.63 -20.48 12.86
C GLU D 293 -42.53 -21.24 12.14
N ALA D 294 -42.48 -21.17 10.81
CA ALA D 294 -41.40 -21.81 10.07
C ALA D 294 -40.07 -21.11 10.33
N VAL D 295 -40.09 -19.78 10.46
CA VAL D 295 -38.89 -19.04 10.82
C VAL D 295 -38.58 -19.24 12.30
N ASN D 296 -39.63 -19.30 13.14
CA ASN D 296 -39.47 -19.45 14.58
C ASN D 296 -38.87 -20.80 14.96
N LYS D 297 -39.16 -21.85 14.17
CA LYS D 297 -38.58 -23.16 14.44
C LYS D 297 -37.09 -23.18 14.14
N ASP D 298 -36.64 -22.39 13.17
CA ASP D 298 -35.21 -22.31 12.87
C ASP D 298 -34.49 -21.52 13.96
N LYS D 299 -34.80 -20.23 14.10
CA LYS D 299 -34.23 -19.37 15.13
C LYS D 299 -35.34 -18.44 15.61
N PRO D 300 -35.53 -18.30 16.92
CA PRO D 300 -36.65 -17.50 17.44
C PRO D 300 -36.43 -16.01 17.19
N LEU D 301 -37.46 -15.35 16.68
CA LEU D 301 -37.39 -13.92 16.41
C LEU D 301 -37.76 -13.06 17.60
N GLY D 302 -38.53 -13.60 18.55
CA GLY D 302 -38.98 -12.80 19.68
C GLY D 302 -40.47 -12.52 19.62
N ALA D 303 -40.88 -11.36 20.13
CA ALA D 303 -42.28 -10.97 20.11
C ALA D 303 -42.66 -10.52 18.70
N VAL D 304 -43.55 -11.26 18.06
CA VAL D 304 -43.94 -10.94 16.69
C VAL D 304 -45.01 -9.86 16.69
N ALA D 305 -45.13 -9.17 15.56
CA ALA D 305 -46.14 -8.12 15.42
C ALA D 305 -47.52 -8.67 15.15
N LEU D 306 -47.63 -9.92 14.70
CA LEU D 306 -48.92 -10.56 14.47
C LEU D 306 -49.52 -10.97 15.80
N LYS D 307 -50.67 -10.39 16.15
CA LYS D 307 -51.28 -10.63 17.45
C LYS D 307 -51.82 -12.05 17.60
N SER D 308 -52.26 -12.67 16.49
CA SER D 308 -52.83 -14.00 16.55
C SER D 308 -51.78 -15.05 16.89
N TYR D 309 -50.60 -14.95 16.28
CA TYR D 309 -49.52 -15.86 16.64
C TYR D 309 -48.93 -15.51 18.00
N GLU D 310 -48.93 -14.22 18.36
CA GLU D 310 -48.41 -13.79 19.65
C GLU D 310 -49.28 -14.27 20.81
N GLU D 311 -50.59 -14.45 20.56
CA GLU D 311 -51.50 -14.94 21.59
C GLU D 311 -51.13 -16.35 22.04
N GLU D 312 -50.66 -17.19 21.11
CA GLU D 312 -50.13 -18.49 21.47
C GLU D 312 -48.66 -18.44 21.86
N LEU D 313 -47.92 -17.45 21.36
CA LEU D 313 -46.49 -17.39 21.60
C LEU D 313 -46.15 -16.86 23.00
N ALA D 314 -47.04 -16.07 23.60
CA ALA D 314 -46.78 -15.41 24.87
C ALA D 314 -46.75 -16.35 26.07
N LYS D 315 -47.01 -17.65 25.90
CA LYS D 315 -46.94 -18.59 27.01
C LYS D 315 -45.50 -18.80 27.48
N ASP D 316 -44.53 -18.58 26.60
CA ASP D 316 -43.11 -18.71 26.95
C ASP D 316 -42.72 -17.58 27.89
N PRO D 317 -42.22 -17.88 29.11
CA PRO D 317 -41.77 -16.80 30.00
C PRO D 317 -40.50 -16.11 29.52
N ARG D 318 -39.72 -16.74 28.63
CA ARG D 318 -38.57 -16.07 28.04
C ARG D 318 -39.01 -14.90 27.17
N ILE D 319 -40.02 -15.12 26.32
CA ILE D 319 -40.54 -14.06 25.48
C ILE D 319 -41.31 -13.04 26.32
N ALA D 320 -41.90 -13.47 27.43
CA ALA D 320 -42.54 -12.53 28.35
C ALA D 320 -41.52 -11.61 29.02
N ALA D 321 -40.35 -12.16 29.40
CA ALA D 321 -39.28 -11.32 29.93
C ALA D 321 -38.68 -10.42 28.87
N THR D 322 -38.63 -10.89 27.61
CA THR D 322 -38.20 -10.05 26.50
C THR D 322 -39.16 -8.88 26.29
N MET D 323 -40.46 -9.14 26.36
CA MET D 323 -41.45 -8.06 26.27
C MET D 323 -41.40 -7.12 27.47
N GLU D 324 -41.07 -7.65 28.65
CA GLU D 324 -40.92 -6.79 29.83
C GLU D 324 -39.71 -5.87 29.70
N ASN D 325 -38.60 -6.40 29.17
CA ASN D 325 -37.43 -5.57 28.89
C ASN D 325 -37.70 -4.57 27.76
N ALA D 326 -38.58 -4.93 26.82
CA ALA D 326 -38.96 -4.00 25.77
C ALA D 326 -39.83 -2.87 26.30
N GLN D 327 -40.76 -3.19 27.21
CA GLN D 327 -41.60 -2.16 27.82
C GLN D 327 -40.80 -1.26 28.76
N LYS D 328 -39.82 -1.82 29.46
CA LYS D 328 -38.93 -1.00 30.28
C LYS D 328 -37.73 -0.46 29.51
N GLY D 329 -37.63 -0.76 28.22
CA GLY D 329 -36.59 -0.23 27.37
C GLY D 329 -37.00 1.03 26.65
N GLU D 330 -36.41 1.25 25.47
CA GLU D 330 -36.70 2.44 24.68
C GLU D 330 -36.64 2.07 23.20
N ILE D 331 -37.65 2.52 22.45
CA ILE D 331 -37.68 2.25 21.01
C ILE D 331 -36.60 3.06 20.31
N MET D 332 -36.05 2.49 19.24
CA MET D 332 -35.00 3.17 18.50
C MET D 332 -35.59 4.33 17.69
N PRO D 333 -34.81 5.40 17.49
CA PRO D 333 -35.21 6.40 16.51
C PRO D 333 -35.05 5.87 15.10
N ASN D 334 -35.85 6.42 14.19
CA ASN D 334 -35.79 6.06 12.77
C ASN D 334 -35.26 7.19 11.91
N ILE D 335 -34.67 8.22 12.52
CA ILE D 335 -34.10 9.36 11.82
C ILE D 335 -32.84 8.92 11.09
N PRO D 336 -32.43 9.59 10.01
CA PRO D 336 -31.17 9.23 9.33
C PRO D 336 -29.92 9.50 10.16
N GLN D 337 -30.02 10.30 11.23
CA GLN D 337 -28.86 10.58 12.08
C GLN D 337 -28.44 9.36 12.91
N MET D 338 -29.31 8.35 13.01
CA MET D 338 -28.93 7.11 13.68
C MET D 338 -27.81 6.38 12.94
N SER D 339 -27.79 6.50 11.60
CA SER D 339 -26.74 5.86 10.80
C SER D 339 -25.36 6.45 11.12
N ALA D 340 -25.31 7.75 11.45
CA ALA D 340 -24.08 8.32 11.95
C ALA D 340 -23.86 8.01 13.43
N PHE D 341 -24.95 7.81 14.17
CA PHE D 341 -24.86 7.53 15.61
C PHE D 341 -24.22 6.18 15.90
N TRP D 342 -24.54 5.15 15.08
CA TRP D 342 -24.16 3.77 15.43
C TRP D 342 -22.66 3.55 15.42
N TYR D 343 -21.98 3.90 14.31
CA TYR D 343 -20.54 3.65 14.26
C TYR D 343 -19.76 4.65 15.11
N ALA D 344 -20.32 5.82 15.41
CA ALA D 344 -19.69 6.74 16.33
C ALA D 344 -19.67 6.16 17.75
N VAL D 345 -20.81 5.62 18.20
CA VAL D 345 -20.83 5.00 19.53
C VAL D 345 -20.02 3.70 19.52
N ARG D 346 -19.96 3.00 18.37
CA ARG D 346 -19.11 1.82 18.25
C ARG D 346 -17.63 2.17 18.39
N THR D 347 -17.19 3.24 17.72
CA THR D 347 -15.81 3.71 17.83
C THR D 347 -15.50 4.16 19.25
N ALA D 348 -16.47 4.80 19.91
CA ALA D 348 -16.29 5.22 21.30
C ALA D 348 -16.12 4.02 22.23
N VAL D 349 -16.93 2.97 22.03
CA VAL D 349 -16.84 1.78 22.88
C VAL D 349 -15.54 1.01 22.61
N ILE D 350 -15.10 0.97 21.35
CA ILE D 350 -13.84 0.30 21.03
C ILE D 350 -12.65 1.07 21.62
N ASN D 351 -12.68 2.40 21.54
CA ASN D 351 -11.59 3.20 22.11
C ASN D 351 -11.60 3.15 23.64
N ALA D 352 -12.77 3.03 24.27
CA ALA D 352 -12.83 2.96 25.72
C ALA D 352 -12.42 1.58 26.23
N ALA D 353 -12.77 0.52 25.48
CA ALA D 353 -12.47 -0.84 25.94
C ALA D 353 -11.01 -1.19 25.74
N SER D 354 -10.40 -0.73 24.65
CA SER D 354 -9.00 -1.05 24.37
C SER D 354 -8.02 -0.21 25.18
N GLY D 355 -8.49 0.79 25.92
CA GLY D 355 -7.60 1.65 26.67
C GLY D 355 -6.88 2.69 25.86
N ARG D 356 -7.27 2.91 24.60
CA ARG D 356 -6.61 3.91 23.78
C ARG D 356 -7.03 5.32 24.18
N GLN D 357 -8.27 5.50 24.61
CA GLN D 357 -8.78 6.79 25.03
C GLN D 357 -9.50 6.65 26.36
N THR D 358 -9.62 7.78 27.06
CA THR D 358 -10.33 7.82 28.32
C THR D 358 -11.84 7.82 28.10
N VAL D 359 -12.59 7.78 29.20
CA VAL D 359 -14.05 7.83 29.14
C VAL D 359 -14.52 9.20 28.65
N ASP D 360 -13.89 10.27 29.15
CA ASP D 360 -14.33 11.63 28.83
C ASP D 360 -14.05 11.98 27.37
N GLU D 361 -12.87 11.60 26.86
CA GLU D 361 -12.53 11.89 25.47
C GLU D 361 -13.39 11.09 24.50
N ALA D 362 -13.64 9.82 24.81
CA ALA D 362 -14.48 8.99 23.95
C ALA D 362 -15.93 9.45 23.95
N LEU D 363 -16.46 9.85 25.11
CA LEU D 363 -17.82 10.35 25.14
C LEU D 363 -17.93 11.76 24.57
N LYS D 364 -16.85 12.55 24.58
CA LYS D 364 -16.88 13.84 23.91
C LYS D 364 -16.88 13.66 22.40
N ASP D 365 -16.11 12.69 21.90
CA ASP D 365 -16.15 12.35 20.48
C ASP D 365 -17.49 11.76 20.07
N ALA D 366 -18.12 11.00 20.96
CA ALA D 366 -19.45 10.46 20.67
C ALA D 366 -20.52 11.54 20.70
N GLN D 367 -20.38 12.51 21.60
CA GLN D 367 -21.32 13.62 21.67
C GLN D 367 -21.20 14.53 20.45
N THR D 368 -19.97 14.81 20.01
CA THR D 368 -19.78 15.70 18.87
C THR D 368 -20.20 15.02 17.56
N ASN D 369 -19.96 13.71 17.44
CA ASN D 369 -20.37 12.95 16.26
C ASN D 369 -21.66 12.19 16.48
N ALA D 370 -22.58 12.76 17.27
CA ALA D 370 -23.80 12.04 17.65
C ALA D 370 -24.80 12.01 16.49
N ALA D 371 -25.23 13.18 16.02
CA ALA D 371 -26.26 13.24 14.99
C ALA D 371 -25.63 13.33 13.60
N GLU D 372 -24.84 14.35 13.35
CA GLU D 372 -24.00 14.40 12.17
C GLU D 372 -22.65 13.77 12.48
N PHE D 373 -21.82 13.64 11.46
CA PHE D 373 -20.46 13.16 11.67
C PHE D 373 -19.50 14.24 11.19
N GLN E 4 14.94 -12.29 -13.98
CA GLN E 4 15.75 -12.92 -12.94
C GLN E 4 14.97 -14.11 -12.36
N MET E 5 13.65 -14.09 -12.56
CA MET E 5 12.76 -15.13 -12.07
C MET E 5 12.15 -15.88 -13.26
N THR E 6 11.37 -16.91 -12.94
CA THR E 6 10.69 -17.72 -13.94
C THR E 6 9.22 -17.82 -13.61
N GLN E 7 8.42 -18.25 -14.59
CA GLN E 7 7.00 -18.47 -14.43
C GLN E 7 6.68 -19.88 -14.90
N SER E 8 5.56 -20.43 -14.42
CA SER E 8 5.16 -21.79 -14.74
C SER E 8 3.64 -21.92 -14.66
N PRO E 9 2.96 -21.86 -15.80
CA PRO E 9 1.52 -22.13 -15.83
C PRO E 9 1.26 -23.63 -15.92
N SER E 10 -0.03 -23.98 -15.93
CA SER E 10 -0.46 -25.36 -16.11
C SER E 10 -0.75 -25.61 -17.59
N SER E 11 -1.39 -26.74 -17.89
CA SER E 11 -1.85 -27.04 -19.24
C SER E 11 -3.03 -28.00 -19.14
N LEU E 12 -4.08 -27.73 -19.91
CA LEU E 12 -5.33 -28.48 -19.79
C LEU E 12 -6.15 -28.32 -21.07
N SER E 13 -7.36 -28.88 -21.03
CA SER E 13 -8.30 -28.83 -22.14
C SER E 13 -9.68 -29.19 -21.60
N ALA E 14 -10.71 -28.46 -22.02
CA ALA E 14 -12.05 -28.66 -21.50
C ALA E 14 -13.07 -28.35 -22.59
N SER E 15 -14.35 -28.47 -22.23
CA SER E 15 -15.46 -28.36 -23.15
C SER E 15 -16.01 -26.93 -23.17
N VAL E 16 -17.05 -26.74 -23.98
CA VAL E 16 -17.71 -25.44 -24.10
C VAL E 16 -18.53 -25.19 -22.84
N GLY E 17 -18.34 -24.03 -22.24
CA GLY E 17 -19.05 -23.66 -21.04
C GLY E 17 -18.44 -24.12 -19.73
N ASP E 18 -17.33 -24.85 -19.79
CA ASP E 18 -16.68 -25.34 -18.58
C ASP E 18 -15.90 -24.20 -17.91
N ARG E 19 -15.72 -24.34 -16.60
CA ARG E 19 -14.99 -23.37 -15.80
C ARG E 19 -13.59 -23.90 -15.56
N VAL E 20 -12.60 -23.29 -16.23
CA VAL E 20 -11.22 -23.71 -16.12
C VAL E 20 -10.49 -22.76 -15.18
N THR E 21 -9.28 -23.15 -14.78
CA THR E 21 -8.42 -22.29 -13.98
C THR E 21 -6.97 -22.54 -14.39
N ILE E 22 -6.17 -21.48 -14.38
CA ILE E 22 -4.78 -21.53 -14.78
C ILE E 22 -3.96 -20.85 -13.69
N THR E 23 -3.13 -21.62 -13.01
CA THR E 23 -2.27 -21.05 -11.98
C THR E 23 -1.02 -20.45 -12.60
N CYS E 24 -0.32 -19.64 -11.82
CA CYS E 24 0.95 -19.05 -12.27
C CYS E 24 1.81 -18.85 -11.02
N ARG E 25 2.70 -19.80 -10.78
CA ARG E 25 3.54 -19.78 -9.58
C ARG E 25 4.73 -18.86 -9.82
N ALA E 26 4.72 -17.69 -9.21
CA ALA E 26 5.85 -16.77 -9.31
C ALA E 26 7.02 -17.29 -8.51
N SER E 27 8.24 -17.09 -9.03
CA SER E 27 9.43 -17.57 -8.36
C SER E 27 9.76 -16.72 -7.13
N GLN E 28 9.99 -15.43 -7.34
CA GLN E 28 10.29 -14.52 -6.25
C GLN E 28 8.98 -13.92 -5.72
N SER E 29 9.09 -12.96 -4.81
CA SER E 29 7.92 -12.30 -4.24
C SER E 29 7.62 -11.05 -5.06
N VAL E 30 6.45 -11.04 -5.70
CA VAL E 30 6.03 -9.95 -6.56
C VAL E 30 4.74 -9.36 -6.01
N SER E 31 4.39 -8.18 -6.52
CA SER E 31 3.15 -7.51 -6.16
C SER E 31 2.03 -8.00 -7.08
N SER E 32 0.88 -7.30 -7.05
CA SER E 32 -0.26 -7.65 -7.89
C SER E 32 -0.15 -6.95 -9.24
N ALA E 33 0.83 -7.40 -10.03
CA ALA E 33 1.18 -6.79 -11.30
C ALA E 33 1.37 -7.86 -12.37
N VAL E 34 0.41 -8.78 -12.47
CA VAL E 34 0.49 -9.91 -13.38
C VAL E 34 -0.69 -9.84 -14.35
N ALA E 35 -0.39 -9.90 -15.65
CA ALA E 35 -1.39 -9.82 -16.70
C ALA E 35 -1.62 -11.19 -17.34
N TRP E 36 -2.62 -11.24 -18.23
CA TRP E 36 -2.99 -12.47 -18.93
C TRP E 36 -3.33 -12.12 -20.36
N TYR E 37 -2.61 -12.72 -21.31
CA TYR E 37 -2.72 -12.38 -22.73
C TYR E 37 -3.29 -13.57 -23.50
N GLN E 38 -4.42 -13.34 -24.18
CA GLN E 38 -5.01 -14.33 -25.07
C GLN E 38 -4.47 -14.12 -26.47
N GLN E 39 -3.79 -15.13 -27.00
CA GLN E 39 -3.23 -15.08 -28.35
C GLN E 39 -3.87 -16.17 -29.20
N LYS E 40 -4.67 -15.77 -30.17
CA LYS E 40 -5.12 -16.70 -31.20
C LYS E 40 -3.94 -17.11 -32.08
N PRO E 41 -3.95 -18.34 -32.61
CA PRO E 41 -2.83 -18.81 -33.44
C PRO E 41 -2.73 -18.01 -34.74
N GLY E 42 -1.58 -17.39 -34.95
CA GLY E 42 -1.39 -16.54 -36.11
C GLY E 42 -2.02 -15.17 -36.00
N LYS E 43 -2.17 -14.65 -34.77
CA LYS E 43 -2.79 -13.35 -34.54
C LYS E 43 -1.96 -12.62 -33.50
N ALA E 44 -2.52 -11.52 -32.98
CA ALA E 44 -1.88 -10.69 -31.96
C ALA E 44 -2.44 -11.02 -30.58
N PRO E 45 -1.59 -11.00 -29.54
CA PRO E 45 -2.06 -11.35 -28.19
C PRO E 45 -2.97 -10.30 -27.57
N LYS E 46 -4.24 -10.64 -27.38
CA LYS E 46 -5.19 -9.71 -26.78
C LYS E 46 -5.07 -9.70 -25.27
N LEU E 47 -5.17 -8.50 -24.68
CA LEU E 47 -5.11 -8.36 -23.23
C LEU E 47 -6.49 -8.63 -22.62
N LEU E 48 -6.49 -9.37 -21.51
CA LEU E 48 -7.72 -9.76 -20.84
C LEU E 48 -7.86 -9.15 -19.45
N ILE E 49 -6.89 -9.40 -18.56
CA ILE E 49 -6.95 -8.95 -17.17
C ILE E 49 -5.56 -8.41 -16.83
N TYR E 50 -5.48 -7.14 -16.43
CA TYR E 50 -4.19 -6.49 -16.32
C TYR E 50 -3.47 -6.70 -14.98
N SER E 51 -4.18 -6.59 -13.85
CA SER E 51 -3.54 -6.70 -12.54
C SER E 51 -3.92 -7.98 -11.80
N ALA E 52 -4.36 -9.01 -12.52
CA ALA E 52 -4.70 -10.36 -12.07
C ALA E 52 -5.95 -10.40 -11.19
N SER E 53 -6.62 -9.28 -10.93
CA SER E 53 -7.86 -9.27 -10.17
C SER E 53 -8.96 -8.40 -10.78
N SER E 54 -8.63 -7.46 -11.65
CA SER E 54 -9.61 -6.53 -12.20
C SER E 54 -9.60 -6.58 -13.73
N LEU E 55 -10.78 -6.42 -14.31
CA LEU E 55 -10.99 -6.68 -15.73
C LEU E 55 -10.61 -5.48 -16.59
N TYR E 56 -9.86 -5.76 -17.66
CA TYR E 56 -9.57 -4.75 -18.67
C TYR E 56 -10.82 -4.42 -19.47
N SER E 57 -10.99 -3.15 -19.80
CA SER E 57 -12.17 -2.70 -20.53
C SER E 57 -12.15 -3.21 -21.96
N GLY E 58 -13.32 -3.64 -22.45
CA GLY E 58 -13.36 -4.39 -23.69
C GLY E 58 -14.04 -5.73 -23.51
N VAL E 59 -13.25 -6.79 -23.52
CA VAL E 59 -13.64 -8.18 -23.28
C VAL E 59 -14.53 -8.30 -22.03
N PRO E 60 -15.66 -9.03 -22.11
CA PRO E 60 -16.62 -9.05 -21.00
C PRO E 60 -16.16 -9.78 -19.75
N SER E 61 -17.07 -9.87 -18.77
CA SER E 61 -16.83 -10.34 -17.40
C SER E 61 -16.62 -11.84 -17.28
N ARG E 62 -16.55 -12.59 -18.39
CA ARG E 62 -16.36 -14.03 -18.32
C ARG E 62 -15.00 -14.38 -17.72
N PHE E 63 -13.96 -13.65 -18.09
CA PHE E 63 -12.65 -13.84 -17.52
C PHE E 63 -12.59 -13.21 -16.14
N SER E 64 -12.07 -13.95 -15.16
CA SER E 64 -11.95 -13.46 -13.80
C SER E 64 -10.66 -13.98 -13.20
N GLY E 65 -10.06 -13.17 -12.34
CA GLY E 65 -8.78 -13.51 -11.74
C GLY E 65 -8.79 -13.33 -10.24
N SER E 66 -8.07 -14.22 -9.55
CA SER E 66 -7.92 -14.15 -8.10
C SER E 66 -6.45 -14.26 -7.76
N ARG E 67 -6.07 -13.64 -6.63
CA ARG E 67 -4.69 -13.60 -6.18
C ARG E 67 -4.57 -14.30 -4.84
N SER E 68 -3.65 -15.26 -4.75
CA SER E 68 -3.37 -16.00 -3.52
C SER E 68 -1.86 -15.98 -3.31
N GLY E 69 -1.36 -14.92 -2.69
CA GLY E 69 0.07 -14.79 -2.41
C GLY E 69 0.89 -14.58 -3.67
N THR E 70 1.68 -15.60 -4.03
CA THR E 70 2.44 -15.60 -5.27
C THR E 70 1.95 -16.71 -6.21
N ASP E 71 0.65 -16.99 -6.17
CA ASP E 71 0.03 -18.01 -7.01
C ASP E 71 -1.13 -17.33 -7.74
N PHE E 72 -0.85 -16.73 -8.88
CA PHE E 72 -1.84 -15.96 -9.61
C PHE E 72 -2.70 -16.87 -10.47
N THR E 73 -4.01 -16.62 -10.47
CA THR E 73 -4.97 -17.50 -11.12
C THR E 73 -5.71 -16.75 -12.23
N LEU E 74 -6.20 -17.53 -13.20
CA LEU E 74 -7.02 -17.02 -14.28
C LEU E 74 -8.17 -18.00 -14.48
N THR E 75 -9.39 -17.56 -14.18
CA THR E 75 -10.57 -18.41 -14.22
C THR E 75 -11.49 -17.96 -15.35
N ILE E 76 -11.89 -18.91 -16.20
CA ILE E 76 -12.73 -18.60 -17.35
C ILE E 76 -14.08 -19.28 -17.17
N SER E 77 -15.04 -18.57 -16.60
CA SER E 77 -16.39 -19.10 -16.46
C SER E 77 -17.17 -18.89 -17.76
N SER E 78 -18.00 -19.88 -18.10
CA SER E 78 -18.88 -19.89 -19.27
C SER E 78 -18.07 -19.73 -20.57
N LEU E 79 -17.26 -20.76 -20.84
CA LEU E 79 -16.33 -20.75 -21.97
C LEU E 79 -17.09 -20.75 -23.29
N GLN E 80 -17.06 -19.62 -23.98
CA GLN E 80 -17.70 -19.49 -25.28
C GLN E 80 -16.90 -20.24 -26.34
N PRO E 81 -17.53 -20.59 -27.47
CA PRO E 81 -16.78 -21.21 -28.57
C PRO E 81 -15.90 -20.26 -29.38
N GLU E 82 -15.68 -19.02 -28.92
CA GLU E 82 -14.70 -18.14 -29.53
C GLU E 82 -13.42 -18.01 -28.71
N ASP E 83 -13.46 -18.39 -27.43
CA ASP E 83 -12.31 -18.26 -26.54
C ASP E 83 -11.47 -19.54 -26.49
N PHE E 84 -11.06 -20.02 -27.66
CA PHE E 84 -10.16 -21.17 -27.77
C PHE E 84 -8.84 -20.66 -28.34
N ALA E 85 -7.93 -20.28 -27.45
CA ALA E 85 -6.65 -19.72 -27.84
C ALA E 85 -5.63 -19.99 -26.74
N THR E 86 -4.42 -19.47 -26.93
CA THR E 86 -3.31 -19.72 -26.02
C THR E 86 -3.20 -18.57 -25.04
N TYR E 87 -3.10 -18.89 -23.75
CA TYR E 87 -3.11 -17.90 -22.68
C TYR E 87 -1.73 -17.83 -22.02
N TYR E 88 -1.28 -16.61 -21.74
CA TYR E 88 0.08 -16.35 -21.31
C TYR E 88 0.09 -15.59 -19.98
N CYS E 89 0.75 -16.16 -18.98
CA CYS E 89 1.06 -15.41 -17.77
C CYS E 89 2.18 -14.42 -18.04
N GLN E 90 2.21 -13.33 -17.28
CA GLN E 90 3.14 -12.24 -17.57
C GLN E 90 3.45 -11.49 -16.28
N GLN E 91 4.67 -11.65 -15.77
CA GLN E 91 5.14 -10.91 -14.61
C GLN E 91 5.75 -9.58 -15.07
N SER E 92 5.41 -8.51 -14.36
CA SER E 92 5.84 -7.17 -14.76
C SER E 92 6.28 -6.27 -13.61
N SER E 93 6.31 -6.76 -12.37
CA SER E 93 6.59 -5.87 -11.25
C SER E 93 8.08 -5.54 -11.12
N SER E 94 8.95 -6.49 -11.47
CA SER E 94 10.39 -6.32 -11.29
C SER E 94 10.98 -5.59 -12.49
N GLY E 95 12.31 -5.55 -12.55
CA GLY E 95 13.03 -4.96 -13.66
C GLY E 95 12.83 -5.71 -14.97
N PRO E 96 13.37 -6.93 -15.05
CA PRO E 96 13.13 -7.75 -16.25
C PRO E 96 11.72 -8.33 -16.28
N ILE E 97 11.17 -8.42 -17.48
CA ILE E 97 9.83 -8.94 -17.70
C ILE E 97 9.94 -10.37 -18.19
N THR E 98 9.27 -11.29 -17.49
CA THR E 98 9.30 -12.71 -17.83
C THR E 98 7.89 -13.19 -18.09
N PHE E 99 7.66 -13.71 -19.29
CA PHE E 99 6.38 -14.30 -19.65
C PHE E 99 6.26 -15.72 -19.07
N GLY E 100 5.03 -16.23 -19.10
CA GLY E 100 4.81 -17.62 -18.77
C GLY E 100 5.14 -18.55 -19.93
N GLN E 101 5.08 -19.85 -19.65
CA GLN E 101 5.31 -20.84 -20.70
C GLN E 101 4.17 -20.87 -21.70
N GLY E 102 2.97 -20.50 -21.28
CA GLY E 102 1.85 -20.41 -22.19
C GLY E 102 0.98 -21.66 -22.21
N THR E 103 -0.25 -21.54 -21.72
CA THR E 103 -1.19 -22.65 -21.72
C THR E 103 -2.11 -22.56 -22.93
N LYS E 104 -2.34 -23.71 -23.56
CA LYS E 104 -3.27 -23.81 -24.67
C LYS E 104 -4.54 -24.51 -24.20
N VAL E 105 -5.68 -24.06 -24.71
CA VAL E 105 -6.97 -24.60 -24.33
C VAL E 105 -7.59 -25.27 -25.56
N GLU E 106 -7.77 -26.58 -25.47
CA GLU E 106 -8.32 -27.38 -26.56
C GLU E 106 -9.75 -27.78 -26.24
N ILE E 107 -10.57 -27.85 -27.29
CA ILE E 107 -11.95 -28.27 -27.13
C ILE E 107 -12.01 -29.76 -26.79
N LYS E 108 -12.94 -30.13 -25.92
CA LYS E 108 -13.13 -31.52 -25.54
C LYS E 108 -13.67 -32.32 -26.72
N ARG E 109 -13.12 -33.51 -26.91
CA ARG E 109 -13.52 -34.39 -28.01
C ARG E 109 -13.45 -35.83 -27.50
N THR E 110 -14.29 -36.69 -28.07
CA THR E 110 -14.18 -38.12 -27.86
C THR E 110 -12.85 -38.63 -28.40
N VAL E 111 -12.25 -39.57 -27.69
CA VAL E 111 -10.99 -40.17 -28.14
C VAL E 111 -11.26 -41.05 -29.35
N ALA E 112 -10.50 -40.84 -30.41
CA ALA E 112 -10.55 -41.66 -31.61
C ALA E 112 -9.23 -42.38 -31.78
N ALA E 113 -9.30 -43.65 -32.19
CA ALA E 113 -8.10 -44.44 -32.38
C ALA E 113 -7.30 -43.89 -33.55
N PRO E 114 -5.97 -43.81 -33.44
CA PRO E 114 -5.16 -43.25 -34.53
C PRO E 114 -5.10 -44.19 -35.72
N SER E 115 -5.12 -43.62 -36.91
CA SER E 115 -5.02 -44.37 -38.15
C SER E 115 -3.57 -44.32 -38.61
N VAL E 116 -2.96 -45.49 -38.73
CA VAL E 116 -1.53 -45.61 -39.00
C VAL E 116 -1.35 -46.14 -40.41
N PHE E 117 -0.62 -45.39 -41.24
CA PHE E 117 -0.36 -45.78 -42.62
C PHE E 117 1.08 -45.43 -42.94
N ILE E 118 1.88 -46.43 -43.27
CA ILE E 118 3.29 -46.22 -43.54
C ILE E 118 3.48 -45.78 -45.00
N PHE E 119 4.47 -44.93 -45.21
CA PHE E 119 4.76 -44.40 -46.54
C PHE E 119 6.12 -44.89 -47.02
N PRO E 120 6.17 -45.72 -48.06
CA PRO E 120 7.47 -46.13 -48.59
C PRO E 120 8.11 -45.01 -49.39
N PRO E 121 9.44 -44.96 -49.44
CA PRO E 121 10.10 -43.94 -50.27
C PRO E 121 9.99 -44.27 -51.75
N SER E 122 9.70 -43.24 -52.54
CA SER E 122 9.56 -43.41 -53.98
C SER E 122 10.94 -43.48 -54.64
N ASP E 123 10.95 -44.01 -55.87
CA ASP E 123 12.19 -44.12 -56.63
C ASP E 123 12.71 -42.79 -57.15
N SER E 124 11.89 -41.73 -57.11
CA SER E 124 12.34 -40.41 -57.57
C SER E 124 13.37 -39.82 -56.62
N GLN E 125 13.18 -40.00 -55.30
CA GLN E 125 14.14 -39.51 -54.34
C GLN E 125 15.26 -40.50 -54.04
N LEU E 126 15.19 -41.72 -54.57
CA LEU E 126 16.29 -42.66 -54.41
C LEU E 126 17.47 -42.29 -55.28
N LYS E 127 17.21 -41.85 -56.51
CA LYS E 127 18.30 -41.46 -57.41
C LYS E 127 18.93 -40.14 -56.97
N SER E 128 18.18 -39.29 -56.27
CA SER E 128 18.71 -37.99 -55.83
C SER E 128 19.62 -38.12 -54.61
N GLY E 129 19.63 -39.27 -53.94
CA GLY E 129 20.48 -39.50 -52.80
C GLY E 129 19.84 -39.22 -51.45
N THR E 130 18.85 -38.33 -51.41
CA THR E 130 18.19 -37.95 -50.17
C THR E 130 16.78 -38.53 -50.16
N ALA E 131 16.61 -39.64 -49.44
CA ALA E 131 15.31 -40.29 -49.29
C ALA E 131 14.97 -40.36 -47.81
N SER E 132 13.76 -39.91 -47.46
CA SER E 132 13.32 -39.86 -46.07
C SER E 132 11.98 -40.57 -45.95
N VAL E 133 11.89 -41.49 -44.99
CA VAL E 133 10.66 -42.24 -44.73
C VAL E 133 9.86 -41.52 -43.67
N VAL E 134 8.53 -41.54 -43.81
CA VAL E 134 7.63 -40.84 -42.91
C VAL E 134 6.44 -41.75 -42.60
N CYS E 135 5.97 -41.72 -41.36
CA CYS E 135 4.75 -42.41 -40.96
C CYS E 135 3.68 -41.39 -40.61
N LEU E 136 2.43 -41.80 -40.75
CA LEU E 136 1.30 -40.89 -40.67
C LEU E 136 0.31 -41.32 -39.60
N LEU E 137 -0.16 -40.35 -38.82
CA LEU E 137 -1.22 -40.54 -37.84
C LEU E 137 -2.40 -39.67 -38.23
N ASN E 138 -3.56 -40.28 -38.40
CA ASN E 138 -4.75 -39.58 -38.89
C ASN E 138 -5.84 -39.58 -37.82
N ASN E 139 -6.41 -38.40 -37.58
CA ASN E 139 -7.69 -38.22 -36.87
C ASN E 139 -7.63 -38.71 -35.42
N PHE E 140 -6.49 -38.56 -34.77
CA PHE E 140 -6.33 -39.02 -33.40
C PHE E 140 -6.60 -37.88 -32.41
N TYR E 141 -6.67 -38.25 -31.13
CA TYR E 141 -6.97 -37.31 -30.05
C TYR E 141 -6.55 -37.97 -28.75
N PRO E 142 -5.93 -37.25 -27.81
CA PRO E 142 -5.50 -35.84 -27.84
C PRO E 142 -4.20 -35.61 -28.62
N ARG E 143 -3.55 -34.47 -28.34
CA ARG E 143 -2.33 -34.10 -29.05
C ARG E 143 -1.16 -35.01 -28.68
N GLU E 144 -1.16 -35.56 -27.47
CA GLU E 144 -0.02 -36.28 -26.95
C GLU E 144 0.08 -37.66 -27.60
N ALA E 145 1.16 -37.89 -28.35
CA ALA E 145 1.47 -39.19 -28.90
C ALA E 145 2.99 -39.38 -28.90
N LYS E 146 3.42 -40.64 -28.94
CA LYS E 146 4.83 -40.99 -28.92
C LYS E 146 5.12 -41.95 -30.05
N VAL E 147 5.85 -41.48 -31.06
CA VAL E 147 6.30 -42.32 -32.16
C VAL E 147 7.74 -42.75 -31.93
N GLN E 148 8.06 -43.98 -32.33
CA GLN E 148 9.42 -44.48 -32.23
C GLN E 148 9.76 -45.27 -33.50
N TRP E 149 10.98 -45.09 -33.97
CA TRP E 149 11.45 -45.72 -35.21
C TRP E 149 12.39 -46.87 -34.86
N LYS E 150 11.81 -48.04 -34.61
CA LYS E 150 12.58 -49.27 -34.43
C LYS E 150 12.86 -49.87 -35.81
N VAL E 151 13.81 -49.24 -36.51
CA VAL E 151 14.14 -49.64 -37.88
C VAL E 151 15.18 -50.76 -37.82
N ASP E 152 14.88 -51.85 -38.56
CA ASP E 152 15.68 -53.09 -38.57
C ASP E 152 15.84 -53.65 -37.16
N ASN E 153 14.75 -53.62 -36.39
CA ASN E 153 14.68 -54.02 -34.98
C ASN E 153 15.69 -53.25 -34.12
N ALA E 154 15.89 -51.97 -34.45
CA ALA E 154 16.82 -51.12 -33.72
C ALA E 154 16.22 -49.73 -33.60
N LEU E 155 16.02 -49.28 -32.36
CA LEU E 155 15.42 -47.97 -32.09
C LEU E 155 16.48 -46.91 -32.32
N GLN E 156 16.37 -46.22 -33.46
CA GLN E 156 17.27 -45.12 -33.79
C GLN E 156 16.59 -43.79 -33.49
N SER E 157 17.25 -42.94 -32.73
CA SER E 157 16.72 -41.63 -32.36
C SER E 157 17.70 -40.54 -32.76
N GLY E 158 17.15 -39.34 -32.99
CA GLY E 158 17.91 -38.17 -33.40
C GLY E 158 17.58 -37.68 -34.78
N ASN E 159 17.14 -38.57 -35.67
CA ASN E 159 16.75 -38.18 -37.02
C ASN E 159 15.25 -37.97 -37.18
N SER E 160 14.44 -38.46 -36.25
CA SER E 160 13.00 -38.28 -36.33
C SER E 160 12.62 -36.87 -35.89
N GLN E 161 11.67 -36.28 -36.60
CA GLN E 161 11.22 -34.92 -36.33
C GLN E 161 9.70 -34.88 -36.45
N GLU E 162 9.01 -34.76 -35.32
CA GLU E 162 7.55 -34.75 -35.33
C GLU E 162 7.02 -33.38 -35.69
N SER E 163 5.84 -33.37 -36.31
CA SER E 163 5.18 -32.12 -36.71
C SER E 163 3.68 -32.35 -36.63
N VAL E 164 3.08 -31.98 -35.51
CA VAL E 164 1.64 -32.08 -35.32
C VAL E 164 0.99 -30.77 -35.80
N THR E 165 -0.21 -30.89 -36.34
CA THR E 165 -0.95 -29.73 -36.82
C THR E 165 -2.05 -29.35 -35.83
N GLU E 166 -2.71 -28.23 -36.12
CA GLU E 166 -3.81 -27.78 -35.29
C GLU E 166 -5.05 -28.63 -35.52
N GLN E 167 -6.03 -28.48 -34.62
CA GLN E 167 -7.26 -29.24 -34.72
C GLN E 167 -8.13 -28.70 -35.86
N ASP E 168 -9.03 -29.56 -36.35
CA ASP E 168 -9.93 -29.20 -37.42
C ASP E 168 -11.03 -28.27 -36.90
N SER E 169 -11.59 -27.48 -37.81
CA SER E 169 -12.67 -26.56 -37.42
C SER E 169 -13.97 -27.32 -37.16
N LYS E 170 -14.24 -28.36 -37.93
CA LYS E 170 -15.46 -29.14 -37.77
C LYS E 170 -15.25 -30.50 -37.11
N ASP E 171 -14.03 -31.04 -37.16
CA ASP E 171 -13.76 -32.36 -36.61
C ASP E 171 -12.91 -32.34 -35.34
N SER E 172 -12.11 -31.29 -35.15
CA SER E 172 -11.21 -31.11 -34.00
C SER E 172 -10.21 -32.26 -33.87
N THR E 173 -9.71 -32.74 -35.00
CA THR E 173 -8.81 -33.88 -35.04
C THR E 173 -7.39 -33.44 -35.32
N TYR E 174 -6.44 -34.18 -34.75
CA TYR E 174 -5.02 -33.91 -34.96
C TYR E 174 -4.49 -34.71 -36.13
N SER E 175 -3.25 -34.42 -36.51
CA SER E 175 -2.53 -35.17 -37.52
C SER E 175 -1.03 -34.98 -37.26
N LEU E 176 -0.32 -36.07 -37.03
CA LEU E 176 1.10 -36.04 -36.72
C LEU E 176 1.89 -36.57 -37.91
N SER E 177 3.09 -36.04 -38.08
CA SER E 177 3.99 -36.46 -39.15
C SER E 177 5.41 -36.46 -38.61
N SER E 178 6.05 -37.63 -38.61
CA SER E 178 7.42 -37.79 -38.14
C SER E 178 8.28 -38.22 -39.31
N THR E 179 9.13 -37.32 -39.79
CA THR E 179 9.98 -37.60 -40.94
C THR E 179 11.32 -38.13 -40.48
N LEU E 180 11.62 -39.37 -40.84
CA LEU E 180 12.89 -40.00 -40.53
C LEU E 180 13.81 -39.83 -41.73
N THR E 181 14.78 -38.92 -41.63
CA THR E 181 15.66 -38.61 -42.74
C THR E 181 16.88 -39.52 -42.75
N LEU E 182 17.23 -39.98 -43.95
CA LEU E 182 18.40 -40.82 -44.18
C LEU E 182 19.01 -40.43 -45.52
N SER E 183 20.03 -41.17 -45.94
CA SER E 183 20.69 -40.98 -47.22
C SER E 183 20.56 -42.25 -48.06
N LYS E 184 21.12 -42.19 -49.27
CA LYS E 184 21.11 -43.36 -50.15
C LYS E 184 22.05 -44.45 -49.63
N ALA E 185 23.18 -44.07 -49.03
CA ALA E 185 24.13 -45.03 -48.51
C ALA E 185 23.72 -45.62 -47.16
N ASP E 186 22.65 -45.11 -46.55
CA ASP E 186 22.13 -45.65 -45.30
C ASP E 186 21.18 -46.82 -45.51
N TYR E 187 20.86 -47.15 -46.75
CA TYR E 187 19.92 -48.22 -47.05
C TYR E 187 20.60 -49.57 -47.25
N GLU E 188 21.93 -49.61 -47.29
CA GLU E 188 22.64 -50.89 -47.31
C GLU E 188 22.67 -51.54 -45.94
N LYS E 189 22.45 -50.77 -44.88
CA LYS E 189 22.32 -51.27 -43.51
C LYS E 189 20.84 -51.27 -43.11
N HIS E 190 19.97 -51.65 -44.05
CA HIS E 190 18.53 -51.48 -43.88
C HIS E 190 17.80 -52.61 -44.60
N LYS E 191 16.97 -53.34 -43.86
CA LYS E 191 16.06 -54.32 -44.45
C LYS E 191 14.61 -53.93 -44.25
N VAL E 192 14.17 -53.69 -43.01
CA VAL E 192 12.80 -53.30 -42.71
C VAL E 192 12.82 -52.02 -41.89
N TYR E 193 11.83 -51.17 -42.10
CA TYR E 193 11.61 -49.97 -41.31
C TYR E 193 10.26 -50.07 -40.60
N ALA E 194 10.22 -49.60 -39.36
CA ALA E 194 9.03 -49.75 -38.52
C ALA E 194 8.82 -48.49 -37.71
N CYS E 195 7.68 -47.83 -37.91
CA CYS E 195 7.27 -46.69 -37.11
C CYS E 195 6.22 -47.18 -36.12
N GLU E 196 6.62 -47.33 -34.87
CA GLU E 196 5.74 -47.78 -33.80
C GLU E 196 5.25 -46.57 -33.01
N VAL E 197 3.95 -46.52 -32.74
CA VAL E 197 3.33 -45.40 -32.06
C VAL E 197 2.56 -45.93 -30.85
N THR E 198 2.69 -45.23 -29.72
CA THR E 198 1.97 -45.56 -28.50
C THR E 198 1.05 -44.38 -28.17
N HIS E 199 -0.22 -44.52 -28.50
CA HIS E 199 -1.21 -43.49 -28.24
C HIS E 199 -1.89 -43.75 -26.90
N GLN E 200 -2.55 -42.72 -26.37
CA GLN E 200 -3.27 -42.85 -25.10
C GLN E 200 -4.44 -43.82 -25.24
N GLY E 201 -5.12 -43.81 -26.38
CA GLY E 201 -6.25 -44.68 -26.63
C GLY E 201 -5.94 -45.92 -27.43
N LEU E 202 -4.70 -46.11 -27.86
CA LEU E 202 -4.33 -47.31 -28.60
C LEU E 202 -3.98 -48.41 -27.61
N SER E 203 -4.77 -49.50 -27.62
CA SER E 203 -4.63 -50.54 -26.62
C SER E 203 -3.34 -51.34 -26.80
N SER E 204 -3.07 -51.77 -28.02
CA SER E 204 -1.84 -52.47 -28.34
C SER E 204 -1.07 -51.67 -29.38
N PRO E 205 0.23 -51.41 -29.16
CA PRO E 205 1.01 -50.63 -30.14
C PRO E 205 1.17 -51.39 -31.45
N VAL E 206 0.75 -50.75 -32.54
CA VAL E 206 0.74 -51.35 -33.87
C VAL E 206 1.82 -50.66 -34.71
N THR E 207 2.61 -51.48 -35.40
CA THR E 207 3.67 -50.98 -36.25
C THR E 207 3.53 -51.57 -37.66
N LYS E 208 3.83 -50.76 -38.65
CA LYS E 208 3.72 -51.14 -40.06
C LYS E 208 5.13 -51.24 -40.64
N SER E 209 5.45 -52.40 -41.21
CA SER E 209 6.77 -52.65 -41.77
C SER E 209 6.63 -53.12 -43.21
N PHE E 210 7.31 -52.45 -44.13
CA PHE E 210 7.31 -52.81 -45.54
C PHE E 210 8.71 -53.22 -45.95
N ASN E 211 8.83 -54.42 -46.51
CA ASN E 211 10.12 -54.94 -46.95
C ASN E 211 10.65 -54.18 -48.16
N ARG E 212 11.97 -54.00 -48.20
CA ARG E 212 12.63 -53.23 -49.25
C ARG E 212 12.67 -54.02 -50.54
N GLY E 213 12.55 -53.32 -51.66
CA GLY E 213 12.68 -53.92 -52.97
C GLY E 213 11.48 -54.72 -53.44
N GLU E 214 10.36 -54.04 -53.61
CA GLU E 214 9.15 -54.69 -54.11
C GLU E 214 8.58 -53.92 -55.30
N GLU F 4 -8.20 4.51 -32.77
CA GLU F 4 -7.50 4.30 -34.04
C GLU F 4 -5.98 4.21 -33.85
N VAL F 5 -5.54 3.12 -33.24
CA VAL F 5 -4.12 2.86 -33.00
C VAL F 5 -3.72 1.62 -33.78
N GLN F 6 -2.73 1.77 -34.64
CA GLN F 6 -2.15 0.67 -35.39
C GLN F 6 -0.63 0.73 -35.25
N LEU F 7 -0.01 -0.41 -34.99
CA LEU F 7 1.43 -0.51 -34.81
C LEU F 7 2.00 -1.28 -36.00
N VAL F 8 2.39 -0.55 -37.03
CA VAL F 8 2.90 -1.14 -38.27
C VAL F 8 4.40 -1.37 -38.11
N GLU F 9 4.81 -2.63 -38.16
CA GLU F 9 6.22 -2.95 -38.14
C GLU F 9 6.80 -2.89 -39.55
N SER F 10 8.12 -2.70 -39.62
CA SER F 10 8.82 -2.67 -40.88
C SER F 10 10.26 -3.12 -40.65
N GLY F 11 10.97 -3.33 -41.76
CA GLY F 11 12.36 -3.73 -41.69
C GLY F 11 12.59 -5.22 -41.51
N GLY F 12 11.53 -6.03 -41.49
CA GLY F 12 11.68 -7.46 -41.33
C GLY F 12 12.03 -8.16 -42.64
N GLY F 13 12.01 -9.48 -42.58
CA GLY F 13 12.32 -10.29 -43.75
C GLY F 13 13.21 -11.47 -43.45
N LEU F 14 14.36 -11.53 -44.11
CA LEU F 14 15.34 -12.59 -43.89
C LEU F 14 16.72 -11.96 -43.83
N VAL F 15 17.53 -12.39 -42.86
CA VAL F 15 18.86 -11.83 -42.65
C VAL F 15 19.87 -12.97 -42.56
N GLN F 16 21.11 -12.62 -42.84
CA GLN F 16 22.26 -13.49 -42.64
C GLN F 16 22.68 -13.46 -41.18
N PRO F 17 23.10 -14.59 -40.60
CA PRO F 17 23.64 -14.56 -39.24
C PRO F 17 24.95 -13.80 -39.16
N GLY F 18 25.08 -12.98 -38.12
CA GLY F 18 26.17 -12.04 -38.02
C GLY F 18 25.93 -10.71 -38.70
N GLY F 19 24.70 -10.43 -39.13
CA GLY F 19 24.36 -9.18 -39.77
C GLY F 19 23.45 -8.35 -38.88
N SER F 20 23.65 -7.04 -38.89
CA SER F 20 22.90 -6.13 -38.03
C SER F 20 21.62 -5.70 -38.71
N LEU F 21 20.49 -5.84 -38.01
CA LEU F 21 19.19 -5.44 -38.50
C LEU F 21 18.61 -4.36 -37.58
N ARG F 22 17.75 -3.52 -38.14
CA ARG F 22 17.10 -2.45 -37.38
C ARG F 22 15.64 -2.38 -37.85
N LEU F 23 14.74 -2.98 -37.08
CA LEU F 23 13.33 -2.96 -37.38
C LEU F 23 12.64 -1.86 -36.57
N SER F 24 11.64 -1.23 -37.17
CA SER F 24 10.97 -0.09 -36.58
C SER F 24 9.54 -0.44 -36.18
N CYS F 25 8.89 0.52 -35.53
CA CYS F 25 7.50 0.36 -35.09
C CYS F 25 6.86 1.74 -35.14
N ALA F 26 6.12 2.01 -36.21
CA ALA F 26 5.49 3.33 -36.40
C ALA F 26 4.30 3.44 -35.47
N ALA F 27 4.52 4.09 -34.32
CA ALA F 27 3.47 4.27 -33.33
C ALA F 27 2.51 5.36 -33.81
N SER F 28 1.36 4.94 -34.31
CA SER F 28 0.34 5.85 -34.82
C SER F 28 -0.91 5.73 -33.97
N GLY F 29 -1.38 6.86 -33.45
CA GLY F 29 -2.57 6.90 -32.61
C GLY F 29 -2.32 7.32 -31.18
N PHE F 30 -1.07 7.40 -30.75
CA PHE F 30 -0.75 7.85 -29.40
C PHE F 30 0.62 8.53 -29.46
N ASN F 31 1.15 8.88 -28.29
CA ASN F 31 2.42 9.56 -28.17
C ASN F 31 3.45 8.60 -27.59
N ILE F 32 4.59 8.47 -28.28
CA ILE F 32 5.59 7.47 -27.90
C ILE F 32 6.46 7.92 -26.73
N TYR F 33 6.44 9.21 -26.40
CA TYR F 33 7.35 9.72 -25.37
C TYR F 33 6.94 9.27 -23.97
N TYR F 34 5.66 8.98 -23.76
CA TYR F 34 5.17 8.58 -22.45
C TYR F 34 5.21 7.07 -22.27
N TYR F 35 4.70 6.33 -23.25
CA TYR F 35 4.59 4.88 -23.14
C TYR F 35 5.90 4.22 -23.57
N SER F 36 6.27 3.16 -22.88
CA SER F 36 7.49 2.43 -23.19
C SER F 36 7.19 1.36 -24.23
N ILE F 37 7.79 1.47 -25.41
CA ILE F 37 7.59 0.46 -26.45
C ILE F 37 8.40 -0.78 -26.09
N HIS F 38 7.73 -1.91 -25.99
CA HIS F 38 8.36 -3.18 -25.66
C HIS F 38 8.29 -4.13 -26.85
N TRP F 39 9.41 -4.79 -27.14
CA TRP F 39 9.47 -5.84 -28.14
C TRP F 39 9.45 -7.20 -27.45
N VAL F 40 8.82 -8.17 -28.10
CA VAL F 40 8.78 -9.54 -27.58
C VAL F 40 9.28 -10.48 -28.67
N ARG F 41 9.62 -11.70 -28.25
CA ARG F 41 10.07 -12.76 -29.13
C ARG F 41 9.07 -13.90 -29.08
N GLN F 42 8.62 -14.35 -30.26
CA GLN F 42 7.66 -15.45 -30.37
C GLN F 42 8.24 -16.49 -31.32
N ALA F 43 8.94 -17.48 -30.75
CA ALA F 43 9.46 -18.58 -31.54
C ALA F 43 8.30 -19.45 -32.04
N PRO F 44 8.45 -20.07 -33.23
CA PRO F 44 7.38 -20.91 -33.76
C PRO F 44 7.18 -22.18 -32.94
N GLY F 45 6.06 -22.27 -32.24
CA GLY F 45 5.76 -23.35 -31.33
C GLY F 45 5.93 -22.99 -29.87
N LYS F 46 6.83 -22.07 -29.57
CA LYS F 46 7.10 -21.68 -28.19
C LYS F 46 6.18 -20.52 -27.79
N GLY F 47 6.45 -19.94 -26.61
CA GLY F 47 5.67 -18.83 -26.10
C GLY F 47 6.36 -17.49 -26.30
N LEU F 48 5.76 -16.46 -25.72
CA LEU F 48 6.34 -15.13 -25.78
C LEU F 48 7.60 -15.05 -24.93
N GLU F 49 8.47 -14.12 -25.29
CA GLU F 49 9.69 -13.87 -24.51
C GLU F 49 10.08 -12.42 -24.69
N TRP F 50 10.19 -11.70 -23.57
CA TRP F 50 10.54 -10.29 -23.62
C TRP F 50 12.02 -10.10 -23.93
N VAL F 51 12.32 -9.09 -24.75
CA VAL F 51 13.69 -8.84 -25.20
C VAL F 51 14.17 -7.43 -24.88
N ALA F 52 13.33 -6.41 -25.09
CA ALA F 52 13.84 -5.05 -25.02
C ALA F 52 12.78 -4.10 -24.48
N SER F 53 13.23 -2.90 -24.09
CA SER F 53 12.38 -1.86 -23.53
C SER F 53 13.14 -0.54 -23.55
N ILE F 54 12.42 0.54 -23.83
CA ILE F 54 12.95 1.90 -23.71
C ILE F 54 11.83 2.80 -23.22
N TYR F 55 12.13 3.60 -22.20
CA TYR F 55 11.13 4.49 -21.61
C TYR F 55 11.59 5.93 -21.85
N PRO F 56 10.97 6.65 -22.78
CA PRO F 56 11.52 7.96 -23.18
C PRO F 56 11.32 9.06 -22.15
N TYR F 57 10.32 8.95 -21.28
CA TYR F 57 10.02 10.03 -20.34
C TYR F 57 11.13 10.19 -19.30
N SER F 58 11.61 9.10 -18.72
CA SER F 58 12.74 9.18 -17.80
C SER F 58 14.08 8.90 -18.46
N GLY F 59 14.07 8.44 -19.72
CA GLY F 59 15.31 8.09 -20.40
C GLY F 59 16.01 6.87 -19.83
N SER F 60 15.25 5.86 -19.42
CA SER F 60 15.79 4.64 -18.83
C SER F 60 15.31 3.44 -19.63
N THR F 61 16.23 2.52 -19.93
CA THR F 61 15.92 1.32 -20.68
C THR F 61 15.93 0.10 -19.76
N SER F 62 15.59 -1.05 -20.34
CA SER F 62 15.68 -2.32 -19.65
C SER F 62 16.07 -3.40 -20.66
N TYR F 63 16.52 -4.54 -20.14
CA TYR F 63 17.05 -5.60 -20.97
C TYR F 63 16.85 -6.94 -20.26
N ALA F 64 16.56 -7.98 -21.04
CA ALA F 64 16.52 -9.32 -20.49
C ALA F 64 17.93 -9.85 -20.25
N ASP F 65 18.02 -10.90 -19.45
CA ASP F 65 19.33 -11.44 -19.08
C ASP F 65 20.00 -12.15 -20.25
N SER F 66 19.22 -12.71 -21.17
CA SER F 66 19.80 -13.41 -22.31
C SER F 66 20.25 -12.49 -23.43
N VAL F 67 19.79 -11.24 -23.44
CA VAL F 67 20.11 -10.31 -24.51
C VAL F 67 20.72 -9.03 -23.94
N LYS F 68 21.37 -9.15 -22.78
CA LYS F 68 21.92 -8.00 -22.09
C LYS F 68 23.13 -7.45 -22.83
N GLY F 69 23.06 -6.17 -23.21
CA GLY F 69 24.19 -5.47 -23.80
C GLY F 69 24.49 -5.81 -25.24
N ARG F 70 23.58 -6.47 -25.95
CA ARG F 70 23.82 -6.85 -27.34
C ARG F 70 22.77 -6.33 -28.32
N PHE F 71 21.57 -5.99 -27.86
CA PHE F 71 20.50 -5.44 -28.71
C PHE F 71 20.23 -4.01 -28.26
N THR F 72 20.86 -3.03 -28.92
CA THR F 72 20.69 -1.64 -28.55
C THR F 72 19.33 -1.12 -29.03
N ILE F 73 18.43 -0.90 -28.08
CA ILE F 73 17.10 -0.35 -28.37
C ILE F 73 17.20 1.18 -28.44
N SER F 74 16.40 1.77 -29.32
CA SER F 74 16.36 3.22 -29.48
C SER F 74 14.95 3.66 -29.80
N ALA F 75 14.60 4.86 -29.36
CA ALA F 75 13.29 5.44 -29.61
C ALA F 75 13.45 6.84 -30.18
N ASP F 76 12.70 7.16 -31.23
CA ASP F 76 12.70 8.46 -31.86
C ASP F 76 11.34 9.11 -31.64
N THR F 77 11.29 10.10 -30.75
CA THR F 77 10.05 10.77 -30.42
C THR F 77 9.58 11.75 -31.49
N SER F 78 10.46 12.11 -32.43
CA SER F 78 10.07 13.05 -33.49
C SER F 78 9.26 12.36 -34.59
N LYS F 79 9.56 11.10 -34.88
CA LYS F 79 8.82 10.34 -35.88
C LYS F 79 7.94 9.25 -35.28
N ASN F 80 7.90 9.16 -33.93
CA ASN F 80 7.11 8.18 -33.18
C ASN F 80 7.45 6.74 -33.57
N THR F 81 8.75 6.46 -33.69
CA THR F 81 9.22 5.13 -34.01
C THR F 81 10.10 4.59 -32.89
N ALA F 82 10.33 3.28 -32.93
CA ALA F 82 11.18 2.60 -31.94
C ALA F 82 12.13 1.68 -32.69
N TYR F 83 13.43 1.95 -32.57
CA TYR F 83 14.45 1.28 -33.37
C TYR F 83 15.13 0.23 -32.52
N LEU F 84 14.91 -1.05 -32.86
CA LEU F 84 15.59 -2.17 -32.21
C LEU F 84 16.76 -2.57 -33.11
N GLN F 85 17.89 -1.89 -32.93
CA GLN F 85 19.12 -2.21 -33.62
C GLN F 85 19.73 -3.46 -32.99
N MET F 86 19.56 -4.61 -33.65
CA MET F 86 20.12 -5.85 -33.14
C MET F 86 21.54 -6.04 -33.67
N ASN F 87 22.40 -6.56 -32.80
CA ASN F 87 23.81 -6.77 -33.13
C ASN F 87 24.26 -8.11 -32.59
N SER F 88 25.13 -8.79 -33.34
CA SER F 88 25.75 -10.08 -32.99
C SER F 88 24.71 -11.14 -32.66
N LEU F 89 23.70 -11.25 -33.53
CA LEU F 89 22.62 -12.19 -33.30
C LEU F 89 23.09 -13.64 -33.48
N ARG F 90 22.52 -14.52 -32.68
CA ARG F 90 22.80 -15.95 -32.76
C ARG F 90 21.80 -16.64 -33.69
N ALA F 91 22.05 -17.92 -33.94
CA ALA F 91 21.13 -18.72 -34.74
C ALA F 91 19.82 -18.98 -34.02
N GLU F 92 19.84 -18.98 -32.68
CA GLU F 92 18.63 -19.24 -31.91
C GLU F 92 17.62 -18.11 -32.03
N ASP F 93 18.09 -16.87 -32.25
CA ASP F 93 17.21 -15.70 -32.35
C ASP F 93 16.54 -15.70 -33.71
N THR F 94 15.49 -16.52 -33.84
CA THR F 94 14.71 -16.63 -35.06
C THR F 94 13.25 -16.72 -34.65
N ALA F 95 12.51 -15.63 -34.84
CA ALA F 95 11.16 -15.53 -34.31
C ALA F 95 10.40 -14.46 -35.08
N VAL F 96 9.16 -14.24 -34.67
CA VAL F 96 8.35 -13.10 -35.13
C VAL F 96 8.30 -12.10 -33.99
N TYR F 97 8.58 -10.83 -34.32
CA TYR F 97 8.77 -9.79 -33.32
C TYR F 97 7.55 -8.88 -33.30
N TYR F 98 6.73 -9.02 -32.27
CA TYR F 98 5.59 -8.13 -32.10
C TYR F 98 6.03 -6.83 -31.44
N CYS F 99 5.28 -5.77 -31.71
CA CYS F 99 5.47 -4.47 -31.08
C CYS F 99 4.27 -4.17 -30.19
N ALA F 100 4.53 -3.62 -29.02
CA ALA F 100 3.46 -3.40 -28.05
C ALA F 100 3.76 -2.19 -27.19
N ARG F 101 2.77 -1.34 -27.00
CA ARG F 101 2.85 -0.24 -26.05
C ARG F 101 2.57 -0.77 -24.65
N TYR F 102 3.01 0.00 -23.65
CA TYR F 102 2.99 -0.43 -22.26
C TYR F 102 2.47 0.73 -21.43
N TYR F 103 1.47 0.45 -20.60
CA TYR F 103 0.82 1.46 -19.77
C TYR F 103 1.25 1.26 -18.32
N PRO F 104 2.17 2.06 -17.79
CA PRO F 104 2.64 1.86 -16.41
C PRO F 104 1.91 2.68 -15.36
N TYR F 105 0.82 3.35 -15.70
CA TYR F 105 0.24 4.35 -14.83
C TYR F 105 -0.84 3.76 -13.93
N PHE F 106 -1.19 4.50 -12.88
CA PHE F 106 -2.27 4.12 -11.98
C PHE F 106 -3.59 4.31 -12.70
N ILE F 107 -4.19 3.22 -13.18
CA ILE F 107 -5.50 3.33 -13.79
C ILE F 107 -6.58 3.51 -12.73
N SER F 108 -6.38 2.96 -11.53
CA SER F 108 -7.31 3.13 -10.43
C SER F 108 -6.51 3.46 -9.17
N TYR F 109 -7.26 3.73 -8.09
CA TYR F 109 -6.65 4.03 -6.80
C TYR F 109 -5.91 2.83 -6.22
N TYR F 110 -6.41 1.62 -6.47
CA TYR F 110 -5.85 0.41 -5.88
C TYR F 110 -5.00 -0.40 -6.84
N SER F 111 -4.97 -0.07 -8.12
CA SER F 111 -4.35 -0.92 -9.13
C SER F 111 -3.31 -0.13 -9.90
N LYS F 112 -2.05 -0.49 -9.73
CA LYS F 112 -0.96 0.01 -10.57
C LYS F 112 -0.91 -0.87 -11.81
N MET F 113 -1.59 -0.42 -12.87
CA MET F 113 -1.64 -1.17 -14.11
C MET F 113 -0.26 -1.22 -14.77
N GLU F 114 0.18 -2.43 -15.11
CA GLU F 114 1.49 -2.65 -15.72
C GLU F 114 1.39 -3.68 -16.84
N ALA F 115 0.39 -3.53 -17.71
CA ALA F 115 0.16 -4.47 -18.79
C ALA F 115 0.50 -3.81 -20.13
N MET F 116 0.28 -4.57 -21.21
CA MET F 116 0.57 -4.13 -22.57
C MET F 116 -0.74 -4.10 -23.34
N ASP F 117 -1.22 -2.89 -23.66
CA ASP F 117 -2.56 -2.75 -24.20
C ASP F 117 -2.63 -3.16 -25.67
N TYR F 118 -1.93 -2.43 -26.54
CA TYR F 118 -2.13 -2.53 -27.98
C TYR F 118 -0.92 -3.21 -28.61
N TRP F 119 -1.18 -4.23 -29.41
CA TRP F 119 -0.16 -5.07 -30.02
C TRP F 119 -0.18 -4.90 -31.53
N GLY F 120 1.01 -4.97 -32.14
CA GLY F 120 1.12 -4.92 -33.58
C GLY F 120 0.96 -6.27 -34.22
N GLN F 121 1.02 -6.28 -35.56
CA GLN F 121 0.87 -7.52 -36.30
C GLN F 121 2.13 -8.39 -36.23
N GLY F 122 3.30 -7.77 -36.10
CA GLY F 122 4.53 -8.52 -35.93
C GLY F 122 5.14 -8.96 -37.25
N THR F 123 6.40 -8.62 -37.47
CA THR F 123 7.11 -9.05 -38.67
C THR F 123 7.98 -10.25 -38.36
N LEU F 124 8.17 -11.10 -39.36
CA LEU F 124 8.85 -12.37 -39.21
C LEU F 124 10.28 -12.25 -39.74
N VAL F 125 11.25 -12.35 -38.84
CA VAL F 125 12.66 -12.39 -39.21
C VAL F 125 13.15 -13.84 -39.12
N THR F 126 13.86 -14.28 -40.16
CA THR F 126 14.36 -15.65 -40.24
C THR F 126 15.87 -15.61 -40.38
N VAL F 127 16.56 -16.27 -39.46
CA VAL F 127 18.02 -16.36 -39.48
C VAL F 127 18.41 -17.76 -39.93
N SER F 128 19.18 -17.84 -41.01
CA SER F 128 19.64 -19.11 -41.54
C SER F 128 20.91 -18.88 -42.34
N SER F 129 21.90 -19.76 -42.14
CA SER F 129 23.13 -19.68 -42.90
C SER F 129 22.95 -20.13 -44.34
N ALA F 130 21.93 -20.92 -44.62
CA ALA F 130 21.68 -21.39 -45.98
C ALA F 130 20.99 -20.31 -46.80
N SER F 131 21.30 -20.29 -48.10
CA SER F 131 20.71 -19.32 -49.00
C SER F 131 19.34 -19.80 -49.48
N THR F 132 18.76 -19.04 -50.40
CA THR F 132 17.46 -19.38 -50.96
C THR F 132 17.60 -20.56 -51.92
N LYS F 133 16.87 -21.64 -51.65
CA LYS F 133 16.93 -22.84 -52.46
C LYS F 133 15.51 -23.31 -52.74
N GLY F 134 15.26 -23.68 -54.00
CA GLY F 134 13.96 -24.16 -54.42
C GLY F 134 13.62 -25.52 -53.83
N PRO F 135 12.34 -25.87 -53.82
CA PRO F 135 11.92 -27.13 -53.22
C PRO F 135 12.24 -28.32 -54.11
N SER F 136 12.10 -29.51 -53.52
CA SER F 136 12.28 -30.78 -54.23
C SER F 136 11.15 -31.70 -53.76
N VAL F 137 10.03 -31.67 -54.47
CA VAL F 137 8.88 -32.48 -54.11
C VAL F 137 9.12 -33.92 -54.56
N PHE F 138 8.74 -34.87 -53.71
CA PHE F 138 8.83 -36.29 -54.04
C PHE F 138 7.55 -36.95 -53.55
N PRO F 139 6.91 -37.78 -54.37
CA PRO F 139 5.62 -38.35 -53.99
C PRO F 139 5.77 -39.47 -52.96
N LEU F 140 4.74 -39.62 -52.14
CA LEU F 140 4.66 -40.70 -51.17
C LEU F 140 3.70 -41.75 -51.72
N ALA F 141 4.18 -42.97 -51.86
CA ALA F 141 3.44 -44.00 -52.57
C ALA F 141 2.39 -44.63 -51.65
N PRO F 142 1.14 -44.74 -52.11
CA PRO F 142 0.14 -45.48 -51.32
C PRO F 142 0.39 -46.98 -51.40
N SER F 143 0.40 -47.62 -50.23
CA SER F 143 0.68 -49.04 -50.15
C SER F 143 -0.49 -49.86 -50.70
N SER F 144 -0.16 -50.93 -51.43
CA SER F 144 -1.19 -51.78 -52.01
C SER F 144 -1.92 -52.58 -50.93
N LYS F 145 -1.19 -53.12 -49.97
CA LYS F 145 -1.82 -53.84 -48.87
C LYS F 145 -2.48 -52.85 -47.90
N SER F 146 -3.69 -53.20 -47.45
CA SER F 146 -4.46 -52.36 -46.56
C SER F 146 -5.48 -53.21 -45.83
N THR F 147 -5.99 -52.68 -44.72
CA THR F 147 -7.02 -53.36 -43.97
C THR F 147 -8.35 -53.30 -44.71
N SER F 148 -9.22 -54.26 -44.38
CA SER F 148 -10.54 -54.31 -44.99
C SER F 148 -11.41 -53.18 -44.45
N GLY F 149 -12.08 -52.48 -45.37
CA GLY F 149 -12.89 -51.32 -45.00
C GLY F 149 -12.09 -50.16 -44.46
N GLY F 150 -10.88 -49.94 -44.99
CA GLY F 150 -10.01 -48.88 -44.52
C GLY F 150 -9.63 -47.94 -45.65
N THR F 151 -9.68 -46.64 -45.36
CA THR F 151 -9.29 -45.63 -46.33
C THR F 151 -7.80 -45.67 -46.60
N ALA F 152 -7.41 -45.24 -47.80
CA ALA F 152 -6.01 -45.25 -48.22
C ALA F 152 -5.46 -43.83 -48.15
N ALA F 153 -4.43 -43.63 -47.33
CA ALA F 153 -3.82 -42.32 -47.17
C ALA F 153 -2.86 -42.04 -48.33
N LEU F 154 -2.98 -40.84 -48.90
CA LEU F 154 -2.10 -40.37 -49.96
C LEU F 154 -1.58 -38.98 -49.62
N GLY F 155 -0.30 -38.76 -49.84
CA GLY F 155 0.31 -37.48 -49.52
C GLY F 155 1.51 -37.20 -50.41
N CYS F 156 1.96 -35.95 -50.37
CA CYS F 156 3.14 -35.50 -51.08
C CYS F 156 4.14 -34.92 -50.09
N LEU F 157 5.42 -35.19 -50.34
CA LEU F 157 6.50 -34.75 -49.46
C LEU F 157 7.25 -33.60 -50.13
N VAL F 158 7.33 -32.47 -49.43
CA VAL F 158 8.07 -31.29 -49.90
C VAL F 158 9.27 -31.14 -48.98
N LYS F 159 10.45 -31.50 -49.47
CA LYS F 159 11.66 -31.54 -48.67
C LYS F 159 12.69 -30.55 -49.21
N ASP F 160 13.44 -29.95 -48.28
CA ASP F 160 14.61 -29.11 -48.54
C ASP F 160 14.26 -27.88 -49.39
N TYR F 161 13.48 -27.00 -48.77
CA TYR F 161 13.11 -25.73 -49.37
C TYR F 161 13.42 -24.59 -48.40
N PHE F 162 13.44 -23.38 -48.96
CA PHE F 162 13.64 -22.12 -48.25
C PHE F 162 13.24 -20.99 -49.19
N PRO F 163 12.50 -19.96 -48.72
CA PRO F 163 11.96 -19.69 -47.39
C PRO F 163 10.68 -20.44 -47.01
N GLU F 164 9.98 -19.88 -46.00
CA GLU F 164 8.87 -20.60 -45.38
C GLU F 164 7.65 -20.84 -46.28
N PRO F 165 6.99 -19.77 -46.90
CA PRO F 165 5.64 -20.02 -47.43
C PRO F 165 5.58 -20.85 -48.72
N VAL F 166 5.10 -22.08 -48.59
CA VAL F 166 4.80 -22.94 -49.72
C VAL F 166 3.31 -23.31 -49.64
N THR F 167 2.58 -23.00 -50.70
CA THR F 167 1.16 -23.34 -50.80
C THR F 167 0.98 -24.55 -51.71
N VAL F 168 0.31 -25.58 -51.19
CA VAL F 168 0.11 -26.83 -51.92
C VAL F 168 -1.33 -26.89 -52.43
N SER F 169 -1.50 -27.44 -53.63
CA SER F 169 -2.80 -27.60 -54.24
C SER F 169 -2.86 -28.93 -54.96
N TRP F 170 -4.07 -29.44 -55.17
CA TRP F 170 -4.30 -30.70 -55.85
C TRP F 170 -5.07 -30.47 -57.14
N ASN F 171 -5.11 -31.50 -57.97
CA ASN F 171 -5.66 -31.40 -59.32
C ASN F 171 -7.05 -32.03 -59.43
N SER F 172 -7.55 -32.62 -58.35
CA SER F 172 -8.90 -33.19 -58.39
C SER F 172 -9.96 -32.09 -58.37
N GLY F 173 -9.79 -31.09 -57.51
CA GLY F 173 -10.72 -29.99 -57.45
C GLY F 173 -10.12 -28.81 -56.71
N ALA F 174 -10.75 -27.66 -56.89
CA ALA F 174 -10.34 -26.47 -56.14
C ALA F 174 -10.68 -26.62 -54.67
N LEU F 175 -11.86 -27.13 -54.36
CA LEU F 175 -12.21 -27.47 -52.99
C LEU F 175 -11.50 -28.75 -52.57
N THR F 176 -11.00 -28.77 -51.34
CA THR F 176 -10.28 -29.91 -50.81
C THR F 176 -11.03 -30.51 -49.62
N SER F 177 -10.95 -31.84 -49.50
CA SER F 177 -11.55 -32.56 -48.38
C SER F 177 -10.53 -33.54 -47.84
N GLY F 178 -10.58 -33.75 -46.53
CA GLY F 178 -9.62 -34.64 -45.87
C GLY F 178 -8.20 -34.14 -45.87
N VAL F 179 -7.98 -32.84 -46.05
CA VAL F 179 -6.64 -32.28 -46.14
C VAL F 179 -6.04 -32.17 -44.75
N HIS F 180 -4.72 -32.37 -44.65
CA HIS F 180 -3.97 -32.22 -43.40
C HIS F 180 -2.63 -31.57 -43.76
N THR F 181 -2.58 -30.25 -43.64
CA THR F 181 -1.37 -29.49 -43.95
C THR F 181 -0.56 -29.33 -42.68
N PHE F 182 0.65 -29.86 -42.68
CA PHE F 182 1.46 -29.89 -41.47
C PHE F 182 2.30 -28.62 -41.35
N PRO F 183 2.67 -28.23 -40.14
CA PRO F 183 3.64 -27.14 -39.99
C PRO F 183 5.02 -27.58 -40.42
N ALA F 184 5.81 -26.61 -40.87
CA ALA F 184 7.16 -26.89 -41.33
C ALA F 184 8.10 -27.08 -40.15
N VAL F 185 9.04 -28.01 -40.31
CA VAL F 185 10.03 -28.31 -39.29
C VAL F 185 11.42 -27.90 -39.82
N LEU F 186 12.20 -27.25 -38.97
CA LEU F 186 13.55 -26.84 -39.31
C LEU F 186 14.51 -27.96 -38.93
N GLN F 187 15.05 -28.66 -39.93
CA GLN F 187 15.99 -29.74 -39.67
C GLN F 187 17.39 -29.18 -39.43
N SER F 188 18.34 -30.09 -39.21
CA SER F 188 19.69 -29.70 -38.82
C SER F 188 20.49 -29.08 -39.95
N SER F 189 20.05 -29.25 -41.20
CA SER F 189 20.73 -28.66 -42.35
C SER F 189 20.28 -27.23 -42.64
N GLY F 190 19.46 -26.64 -41.78
CA GLY F 190 19.04 -25.27 -41.93
C GLY F 190 17.81 -25.06 -42.79
N LEU F 191 17.48 -26.01 -43.67
CA LEU F 191 16.38 -25.84 -44.61
C LEU F 191 15.07 -26.29 -43.95
N TYR F 192 14.01 -26.40 -44.75
CA TYR F 192 12.68 -26.69 -44.25
C TYR F 192 12.15 -27.98 -44.87
N SER F 193 11.18 -28.59 -44.19
CA SER F 193 10.47 -29.77 -44.68
C SER F 193 8.97 -29.53 -44.59
N LEU F 194 8.21 -30.27 -45.40
CA LEU F 194 6.78 -30.09 -45.46
C LEU F 194 6.12 -31.36 -45.96
N SER F 195 5.03 -31.76 -45.31
CA SER F 195 4.18 -32.86 -45.75
C SER F 195 2.75 -32.35 -45.88
N SER F 196 1.99 -33.00 -46.76
CA SER F 196 0.58 -32.63 -46.97
C SER F 196 -0.16 -33.87 -47.46
N VAL F 197 -0.90 -34.51 -46.56
CA VAL F 197 -1.61 -35.74 -46.87
C VAL F 197 -3.09 -35.45 -47.06
N VAL F 198 -3.75 -36.31 -47.84
CA VAL F 198 -5.18 -36.25 -48.08
C VAL F 198 -5.73 -37.66 -47.92
N THR F 199 -6.71 -37.84 -47.03
CA THR F 199 -7.32 -39.14 -46.82
C THR F 199 -8.42 -39.36 -47.85
N VAL F 200 -8.26 -40.40 -48.67
CA VAL F 200 -9.25 -40.75 -49.69
C VAL F 200 -9.66 -42.21 -49.47
N PRO F 201 -10.83 -42.61 -49.97
CA PRO F 201 -11.19 -44.03 -49.91
C PRO F 201 -10.28 -44.89 -50.77
N SER F 202 -10.14 -46.15 -50.36
CA SER F 202 -9.20 -47.06 -51.00
C SER F 202 -9.65 -47.53 -52.37
N SER F 203 -10.96 -47.44 -52.67
CA SER F 203 -11.46 -47.89 -53.96
C SER F 203 -11.13 -46.93 -55.10
N SER F 204 -10.66 -45.71 -54.79
CA SER F 204 -10.33 -44.71 -55.80
C SER F 204 -8.85 -44.75 -56.19
N LEU F 205 -8.16 -45.86 -55.95
CA LEU F 205 -6.75 -45.94 -56.32
C LEU F 205 -6.55 -46.24 -57.80
N GLY F 206 -7.45 -47.02 -58.41
CA GLY F 206 -7.30 -47.39 -59.79
C GLY F 206 -7.95 -46.42 -60.77
N THR F 207 -8.92 -45.65 -60.28
CA THR F 207 -9.68 -44.73 -61.13
C THR F 207 -9.28 -43.28 -60.91
N GLN F 208 -9.33 -42.80 -59.67
CA GLN F 208 -9.07 -41.40 -59.37
C GLN F 208 -7.57 -41.16 -59.21
N THR F 209 -7.07 -40.13 -59.89
CA THR F 209 -5.66 -39.77 -59.83
C THR F 209 -5.51 -38.39 -59.21
N TYR F 210 -4.38 -38.17 -58.55
CA TYR F 210 -4.10 -36.92 -57.87
C TYR F 210 -2.74 -36.38 -58.29
N ILE F 211 -2.63 -35.07 -58.43
CA ILE F 211 -1.39 -34.40 -58.78
C ILE F 211 -1.23 -33.23 -57.82
N CYS F 212 -0.21 -33.29 -56.97
CA CYS F 212 0.08 -32.19 -56.06
C CYS F 212 0.74 -31.04 -56.80
N ASN F 213 0.32 -29.82 -56.49
CA ASN F 213 0.85 -28.61 -57.11
C ASN F 213 1.58 -27.81 -56.04
N VAL F 214 2.91 -27.76 -56.16
CA VAL F 214 3.76 -27.06 -55.20
C VAL F 214 4.03 -25.66 -55.73
N ASN F 215 3.56 -24.65 -55.00
CA ASN F 215 3.74 -23.25 -55.38
C ASN F 215 4.65 -22.58 -54.36
N HIS F 216 5.78 -22.05 -54.84
CA HIS F 216 6.75 -21.38 -53.99
C HIS F 216 7.01 -20.00 -54.60
N LYS F 217 6.39 -18.97 -54.02
CA LYS F 217 6.40 -17.61 -54.55
C LYS F 217 7.76 -16.88 -54.46
N PRO F 218 8.53 -16.90 -53.37
CA PRO F 218 9.83 -16.21 -53.42
C PRO F 218 10.93 -16.95 -54.17
N SER F 219 10.65 -18.13 -54.73
CA SER F 219 11.61 -18.83 -55.57
C SER F 219 11.11 -19.06 -56.99
N ASN F 220 9.85 -18.70 -57.28
CA ASN F 220 9.20 -18.83 -58.60
C ASN F 220 9.24 -20.29 -59.09
N THR F 221 9.04 -21.22 -58.16
CA THR F 221 9.02 -22.65 -58.47
C THR F 221 7.58 -23.13 -58.40
N LYS F 222 7.02 -23.48 -59.55
CA LYS F 222 5.67 -24.04 -59.64
C LYS F 222 5.80 -25.41 -60.30
N VAL F 223 6.07 -26.42 -59.49
CA VAL F 223 6.29 -27.78 -59.97
C VAL F 223 5.09 -28.64 -59.58
N ASP F 224 4.67 -29.52 -60.48
CA ASP F 224 3.61 -30.48 -60.23
C ASP F 224 4.19 -31.89 -60.13
N LYS F 225 3.54 -32.72 -59.32
CA LYS F 225 4.01 -34.08 -59.07
C LYS F 225 2.81 -35.03 -59.04
N LYS F 226 2.76 -35.94 -60.01
CA LYS F 226 1.70 -36.94 -60.09
C LYS F 226 2.06 -38.11 -59.17
N VAL F 227 1.30 -38.29 -58.10
CA VAL F 227 1.48 -39.45 -57.23
C VAL F 227 0.88 -40.68 -57.91
N GLU F 228 1.61 -41.80 -57.84
CA GLU F 228 1.22 -43.02 -58.54
C GLU F 228 1.27 -44.20 -57.57
N PRO F 229 0.19 -44.98 -57.49
CA PRO F 229 0.25 -46.22 -56.70
C PRO F 229 1.11 -47.27 -57.39
N LYS F 230 2.29 -47.54 -56.82
CA LYS F 230 3.23 -48.46 -57.45
C LYS F 230 4.00 -49.19 -56.36
N SER F 231 4.14 -50.51 -56.53
CA SER F 231 4.87 -51.33 -55.57
C SER F 231 6.37 -51.23 -55.81
N GLN G 39 8.64 -54.43 -8.86
CA GLN G 39 7.43 -55.18 -9.18
C GLN G 39 6.19 -54.34 -8.91
N VAL G 40 5.25 -54.35 -9.86
CA VAL G 40 3.99 -53.61 -9.75
C VAL G 40 2.83 -54.60 -9.71
N GLN G 41 1.83 -54.27 -8.90
CA GLN G 41 0.65 -55.11 -8.73
C GLN G 41 -0.56 -54.33 -9.23
N LEU G 42 -1.65 -55.05 -9.53
CA LEU G 42 -2.86 -54.41 -10.03
C LEU G 42 -4.05 -55.27 -9.66
N GLN G 43 -5.15 -54.63 -9.29
CA GLN G 43 -6.34 -55.35 -8.83
C GLN G 43 -7.59 -54.60 -9.25
N GLU G 44 -8.50 -55.30 -9.93
CA GLU G 44 -9.82 -54.78 -10.23
C GLU G 44 -10.85 -55.32 -9.25
N SER G 45 -12.02 -54.68 -9.24
CA SER G 45 -13.14 -55.11 -8.42
C SER G 45 -14.43 -54.64 -9.05
N GLY G 46 -15.53 -55.25 -8.63
CA GLY G 46 -16.83 -54.91 -9.17
C GLY G 46 -17.15 -55.65 -10.45
N GLY G 47 -18.36 -55.42 -10.95
CA GLY G 47 -18.78 -56.04 -12.20
C GLY G 47 -19.38 -57.42 -11.98
N GLY G 48 -20.36 -57.75 -12.80
CA GLY G 48 -20.99 -59.05 -12.72
C GLY G 48 -22.25 -59.10 -13.57
N LEU G 49 -23.15 -59.99 -13.20
CA LEU G 49 -24.42 -60.19 -13.91
C LEU G 49 -25.37 -59.08 -13.48
N VAL G 50 -25.39 -57.99 -14.26
CA VAL G 50 -26.24 -56.84 -13.96
C VAL G 50 -27.26 -56.67 -15.08
N GLN G 51 -28.34 -55.97 -14.75
CA GLN G 51 -29.41 -55.72 -15.71
C GLN G 51 -28.99 -54.62 -16.69
N PRO G 52 -29.39 -54.72 -17.95
CA PRO G 52 -29.06 -53.65 -18.90
C PRO G 52 -29.90 -52.42 -18.67
N GLY G 53 -29.30 -51.25 -18.92
CA GLY G 53 -29.94 -49.98 -18.71
C GLY G 53 -29.78 -49.42 -17.31
N GLY G 54 -29.31 -50.22 -16.35
CA GLY G 54 -29.11 -49.76 -14.99
C GLY G 54 -27.78 -49.07 -14.79
N SER G 55 -27.20 -49.26 -13.61
CA SER G 55 -25.93 -48.64 -13.26
C SER G 55 -25.01 -49.66 -12.61
N LEU G 56 -23.71 -49.47 -12.80
CA LEU G 56 -22.71 -50.34 -12.22
C LEU G 56 -21.41 -49.56 -12.05
N ARG G 57 -20.70 -49.84 -10.96
CA ARG G 57 -19.46 -49.16 -10.63
C ARG G 57 -18.30 -50.14 -10.70
N LEU G 58 -17.17 -49.68 -11.23
CA LEU G 58 -15.94 -50.46 -11.28
C LEU G 58 -14.83 -49.70 -10.55
N SER G 59 -13.87 -50.46 -10.03
CA SER G 59 -12.74 -49.87 -9.33
C SER G 59 -11.45 -50.56 -9.75
N CYS G 60 -10.35 -49.83 -9.64
CA CYS G 60 -9.03 -50.32 -10.00
C CYS G 60 -8.00 -49.58 -9.16
N ALA G 61 -6.99 -50.30 -8.70
CA ALA G 61 -6.03 -49.72 -7.76
C ALA G 61 -4.69 -50.41 -7.89
N ALA G 62 -3.64 -49.69 -7.48
CA ALA G 62 -2.28 -50.21 -7.47
C ALA G 62 -1.53 -49.57 -6.31
N SER G 63 -0.40 -50.17 -5.96
CA SER G 63 0.39 -49.69 -4.84
C SER G 63 1.86 -50.01 -5.09
N GLY G 64 2.71 -49.65 -4.12
CA GLY G 64 4.13 -49.88 -4.21
C GLY G 64 4.92 -48.85 -4.98
N ARG G 65 4.26 -47.84 -5.53
CA ARG G 65 4.92 -46.83 -6.35
C ARG G 65 4.05 -45.57 -6.37
N THR G 66 4.64 -44.48 -6.87
CA THR G 66 3.97 -43.20 -6.93
C THR G 66 2.83 -43.23 -7.94
N ILE G 67 1.69 -42.66 -7.57
CA ILE G 67 0.48 -42.77 -8.38
C ILE G 67 -0.06 -41.41 -8.82
N SER G 68 0.32 -40.31 -8.17
CA SER G 68 -0.19 -38.99 -8.55
C SER G 68 0.39 -38.51 -9.88
N ARG G 69 1.62 -38.90 -10.19
CA ARG G 69 2.28 -38.46 -11.41
C ARG G 69 2.03 -39.38 -12.60
N TYR G 70 1.24 -40.44 -12.44
CA TYR G 70 0.91 -41.35 -13.51
C TYR G 70 -0.60 -41.40 -13.71
N ALA G 71 -1.01 -41.74 -14.93
CA ALA G 71 -2.42 -41.73 -15.32
C ALA G 71 -2.95 -43.15 -15.49
N MET G 72 -4.26 -43.29 -15.31
CA MET G 72 -4.95 -44.57 -15.42
C MET G 72 -5.92 -44.53 -16.60
N SER G 73 -6.20 -45.70 -17.17
CA SER G 73 -7.06 -45.79 -18.33
C SER G 73 -7.87 -47.07 -18.29
N TRP G 74 -8.95 -47.09 -19.07
CA TRP G 74 -9.85 -48.23 -19.16
C TRP G 74 -9.95 -48.71 -20.60
N PHE G 75 -9.88 -50.03 -20.80
CA PHE G 75 -10.00 -50.62 -22.13
C PHE G 75 -11.10 -51.66 -22.15
N ARG G 76 -11.59 -51.95 -23.37
CA ARG G 76 -12.62 -52.93 -23.62
C ARG G 76 -12.14 -53.91 -24.67
N GLN G 77 -12.51 -55.19 -24.53
CA GLN G 77 -12.22 -56.21 -25.53
C GLN G 77 -13.48 -57.04 -25.72
N ALA G 78 -14.21 -56.78 -26.81
CA ALA G 78 -15.43 -57.50 -27.09
C ALA G 78 -15.13 -58.86 -27.71
N PRO G 79 -15.95 -59.87 -27.41
CA PRO G 79 -15.80 -61.17 -28.08
C PRO G 79 -16.10 -61.06 -29.57
N GLY G 80 -15.18 -61.53 -30.40
CA GLY G 80 -15.27 -61.37 -31.82
C GLY G 80 -14.77 -60.04 -32.34
N LYS G 81 -14.22 -59.19 -31.48
CA LYS G 81 -13.70 -57.89 -31.85
C LYS G 81 -12.33 -57.69 -31.20
N GLU G 82 -11.61 -56.68 -31.68
CA GLU G 82 -10.30 -56.36 -31.14
C GLU G 82 -10.43 -55.55 -29.85
N ARG G 83 -9.29 -55.26 -29.23
CA ARG G 83 -9.27 -54.43 -28.04
C ARG G 83 -9.61 -52.98 -28.38
N GLU G 84 -10.40 -52.35 -27.52
CA GLU G 84 -10.93 -51.01 -27.78
C GLU G 84 -10.72 -50.17 -26.51
N PHE G 85 -10.91 -48.86 -26.65
CA PHE G 85 -10.66 -47.89 -25.59
C PHE G 85 -11.96 -47.43 -24.96
N VAL G 86 -11.92 -47.11 -23.67
CA VAL G 86 -13.11 -46.67 -22.96
C VAL G 86 -12.93 -45.25 -22.44
N ALA G 87 -11.99 -45.05 -21.53
CA ALA G 87 -11.85 -43.77 -20.83
C ALA G 87 -10.46 -43.66 -20.24
N VAL G 88 -10.06 -42.42 -19.96
CA VAL G 88 -8.77 -42.10 -19.36
C VAL G 88 -8.98 -40.95 -18.40
N ALA G 89 -8.09 -40.85 -17.41
CA ALA G 89 -8.10 -39.76 -16.45
C ALA G 89 -6.67 -39.28 -16.23
N ARG G 90 -6.48 -37.97 -16.24
CA ARG G 90 -5.15 -37.38 -16.15
C ARG G 90 -4.65 -37.39 -14.70
N ARG G 91 -3.53 -36.70 -14.47
CA ARG G 91 -2.86 -36.73 -13.17
C ARG G 91 -3.68 -36.06 -12.08
N SER G 92 -3.96 -34.77 -12.23
CA SER G 92 -4.61 -33.98 -11.19
C SER G 92 -5.94 -33.41 -11.65
N GLY G 93 -6.61 -34.08 -12.58
CA GLY G 93 -7.91 -33.62 -13.03
C GLY G 93 -7.89 -32.70 -14.23
N ASP G 94 -6.78 -32.68 -14.98
CA ASP G 94 -6.67 -31.81 -16.15
C ASP G 94 -7.64 -32.23 -17.25
N GLY G 95 -7.78 -33.53 -17.49
CA GLY G 95 -8.65 -34.00 -18.55
C GLY G 95 -9.37 -35.29 -18.26
N ALA G 96 -10.66 -35.32 -18.55
CA ALA G 96 -11.48 -36.53 -18.46
C ALA G 96 -12.00 -36.82 -19.86
N PHE G 97 -11.49 -37.87 -20.48
CA PHE G 97 -11.74 -38.15 -21.89
C PHE G 97 -12.43 -39.50 -22.03
N TYR G 98 -13.25 -39.63 -23.07
CA TYR G 98 -14.03 -40.83 -23.32
C TYR G 98 -13.96 -41.18 -24.79
N ALA G 99 -14.64 -42.26 -25.18
CA ALA G 99 -14.72 -42.67 -26.57
C ALA G 99 -16.03 -42.18 -27.19
N ASP G 100 -16.17 -42.41 -28.49
CA ASP G 100 -17.31 -41.92 -29.24
C ASP G 100 -18.62 -42.58 -28.81
N SER G 101 -18.57 -43.86 -28.42
CA SER G 101 -19.77 -44.58 -28.01
C SER G 101 -20.11 -44.40 -26.54
N VAL G 102 -19.15 -43.99 -25.71
CA VAL G 102 -19.34 -43.95 -24.26
C VAL G 102 -19.17 -42.54 -23.70
N GLN G 103 -19.25 -41.52 -24.57
CA GLN G 103 -19.02 -40.14 -24.13
C GLN G 103 -20.11 -39.65 -23.20
N GLY G 104 -21.37 -39.92 -23.54
CA GLY G 104 -22.46 -39.43 -22.72
C GLY G 104 -23.10 -40.51 -21.86
N ARG G 105 -22.38 -41.59 -21.62
CA ARG G 105 -22.93 -42.67 -20.80
C ARG G 105 -22.04 -43.05 -19.62
N PHE G 106 -20.73 -43.06 -19.79
CA PHE G 106 -19.83 -43.48 -18.73
C PHE G 106 -19.19 -42.27 -18.06
N THR G 107 -18.84 -42.41 -16.79
CA THR G 107 -18.21 -41.35 -16.02
C THR G 107 -17.03 -41.94 -15.25
N VAL G 108 -15.84 -41.44 -15.53
CA VAL G 108 -14.61 -41.92 -14.88
C VAL G 108 -14.22 -40.93 -13.79
N SER G 109 -13.65 -41.46 -12.71
CA SER G 109 -13.16 -40.64 -11.61
C SER G 109 -11.95 -41.34 -10.99
N ARG G 110 -11.23 -40.59 -10.16
CA ARG G 110 -10.06 -41.14 -9.48
C ARG G 110 -9.95 -40.53 -8.09
N ASP G 111 -9.23 -41.24 -7.22
CA ASP G 111 -9.02 -40.82 -5.84
C ASP G 111 -7.53 -40.84 -5.53
N ASP G 112 -7.09 -39.85 -4.76
CA ASP G 112 -5.67 -39.71 -4.41
C ASP G 112 -5.35 -40.26 -3.02
N ALA G 113 -6.34 -40.39 -2.15
CA ALA G 113 -6.10 -40.84 -0.78
C ALA G 113 -6.16 -42.35 -0.64
N LYS G 114 -7.13 -42.99 -1.27
CA LYS G 114 -7.25 -44.44 -1.25
C LYS G 114 -6.56 -45.11 -2.43
N ASN G 115 -5.97 -44.32 -3.33
CA ASN G 115 -5.20 -44.78 -4.50
C ASN G 115 -6.05 -45.62 -5.45
N THR G 116 -7.34 -45.31 -5.55
CA THR G 116 -8.27 -46.02 -6.40
C THR G 116 -8.81 -45.09 -7.48
N VAL G 117 -9.36 -45.69 -8.53
CA VAL G 117 -10.13 -44.98 -9.54
C VAL G 117 -11.54 -45.55 -9.54
N TYR G 118 -12.46 -44.82 -10.17
CA TYR G 118 -13.85 -45.24 -10.24
C TYR G 118 -14.40 -45.01 -11.63
N LEU G 119 -15.29 -45.90 -12.06
CA LEU G 119 -15.98 -45.80 -13.33
C LEU G 119 -17.47 -45.90 -13.09
N GLN G 120 -18.18 -44.78 -13.24
CA GLN G 120 -19.63 -44.75 -13.05
C GLN G 120 -20.29 -45.01 -14.39
N MET G 121 -20.74 -46.24 -14.59
CA MET G 121 -21.37 -46.63 -15.85
C MET G 121 -22.87 -46.41 -15.75
N ASN G 122 -23.40 -45.55 -16.62
CA ASN G 122 -24.83 -45.26 -16.67
C ASN G 122 -25.35 -45.57 -18.08
N SER G 123 -26.61 -46.01 -18.12
CA SER G 123 -27.34 -46.35 -19.34
C SER G 123 -26.62 -47.43 -20.15
N LEU G 124 -26.45 -48.59 -19.51
CA LEU G 124 -25.76 -49.71 -20.12
C LEU G 124 -26.60 -50.31 -21.24
N LYS G 125 -25.90 -50.99 -22.16
CA LYS G 125 -26.54 -51.62 -23.31
C LYS G 125 -26.36 -53.14 -23.24
N PRO G 126 -27.31 -53.90 -23.79
CA PRO G 126 -27.13 -55.36 -23.85
C PRO G 126 -26.02 -55.81 -24.79
N GLU G 127 -25.63 -54.98 -25.75
CA GLU G 127 -24.61 -55.34 -26.73
C GLU G 127 -23.20 -54.95 -26.30
N ASP G 128 -23.06 -54.25 -25.19
CA ASP G 128 -21.75 -53.83 -24.70
C ASP G 128 -21.17 -54.79 -23.66
N THR G 129 -21.59 -56.06 -23.67
CA THR G 129 -21.02 -57.04 -22.77
C THR G 129 -19.64 -57.48 -23.27
N ALA G 130 -18.64 -57.31 -22.40
CA ALA G 130 -17.25 -57.59 -22.76
C ALA G 130 -16.44 -57.68 -21.47
N VAL G 131 -15.19 -58.11 -21.62
CA VAL G 131 -14.22 -58.07 -20.53
C VAL G 131 -13.61 -56.67 -20.48
N TYR G 132 -13.57 -56.09 -19.28
CA TYR G 132 -13.10 -54.72 -19.08
C TYR G 132 -11.75 -54.75 -18.40
N TYR G 133 -10.79 -54.01 -18.95
CA TYR G 133 -9.41 -54.04 -18.49
C TYR G 133 -9.02 -52.71 -17.85
N CYS G 134 -8.04 -52.78 -16.96
CA CYS G 134 -7.37 -51.63 -16.39
C CYS G 134 -5.93 -51.62 -16.87
N ALA G 135 -5.28 -50.45 -16.80
CA ALA G 135 -3.98 -50.31 -17.44
C ALA G 135 -3.08 -49.40 -16.63
N ILE G 136 -1.79 -49.48 -16.93
CA ILE G 136 -0.74 -48.76 -16.22
C ILE G 136 0.04 -47.95 -17.24
N ASP G 137 0.05 -46.63 -17.09
CA ASP G 137 0.85 -45.75 -17.92
C ASP G 137 2.24 -45.61 -17.30
N SER G 138 3.27 -46.01 -18.04
CA SER G 138 4.64 -46.03 -17.54
C SER G 138 5.45 -44.82 -18.00
N ASP G 139 4.80 -43.80 -18.54
CA ASP G 139 5.50 -42.60 -19.02
C ASP G 139 5.67 -41.64 -17.86
N THR G 140 6.92 -41.25 -17.60
CA THR G 140 7.28 -40.45 -16.44
C THR G 140 7.58 -39.03 -16.88
N PHE G 141 6.95 -38.04 -16.23
CA PHE G 141 7.02 -36.61 -16.48
C PHE G 141 6.50 -36.20 -17.86
N TYR G 142 5.79 -37.07 -18.55
CA TYR G 142 5.19 -36.75 -19.84
C TYR G 142 3.76 -37.28 -19.88
N SER G 143 2.90 -36.57 -20.59
CA SER G 143 1.49 -36.92 -20.69
C SER G 143 1.20 -38.00 -21.73
N GLY G 144 2.23 -38.62 -22.31
CA GLY G 144 2.04 -39.77 -23.17
C GLY G 144 1.69 -41.01 -22.37
N SER G 145 1.58 -42.12 -23.09
CA SER G 145 1.15 -43.38 -22.48
C SER G 145 1.85 -44.56 -23.12
N TYR G 146 2.25 -45.51 -22.28
CA TYR G 146 2.68 -46.84 -22.70
C TYR G 146 1.78 -47.83 -21.97
N ASP G 147 0.93 -48.53 -22.71
CA ASP G 147 -0.17 -49.27 -22.12
C ASP G 147 0.20 -50.74 -21.89
N TYR G 148 -0.10 -51.22 -20.69
CA TYR G 148 0.01 -52.63 -20.34
C TYR G 148 -1.12 -52.97 -19.38
N TRP G 149 -1.76 -54.11 -19.60
CA TRP G 149 -2.94 -54.50 -18.84
C TRP G 149 -2.59 -55.62 -17.87
N GLY G 150 -2.89 -55.40 -16.59
CA GLY G 150 -2.58 -56.37 -15.55
C GLY G 150 -3.63 -57.45 -15.39
N GLN G 151 -4.90 -57.05 -15.27
CA GLN G 151 -5.98 -57.98 -14.96
C GLN G 151 -7.28 -57.41 -15.50
N GLY G 152 -8.16 -58.30 -15.94
CA GLY G 152 -9.48 -57.90 -16.41
C GLY G 152 -10.57 -58.77 -15.83
N THR G 153 -11.68 -58.14 -15.51
CA THR G 153 -12.86 -58.84 -15.01
C THR G 153 -13.94 -58.91 -16.08
N GLN G 154 -14.87 -59.84 -15.91
CA GLN G 154 -15.86 -60.18 -16.92
C GLN G 154 -17.20 -59.56 -16.53
N VAL G 155 -17.53 -58.43 -17.15
CA VAL G 155 -18.80 -57.76 -16.92
C VAL G 155 -19.76 -58.24 -18.01
N THR G 156 -20.64 -59.17 -17.65
CA THR G 156 -21.60 -59.76 -18.57
C THR G 156 -23.00 -59.29 -18.19
N VAL G 157 -23.59 -58.45 -19.05
CA VAL G 157 -24.95 -57.97 -18.79
C VAL G 157 -25.97 -58.98 -19.32
N SER G 158 -27.18 -58.89 -18.80
CA SER G 158 -28.27 -59.76 -19.23
C SER G 158 -29.12 -59.10 -20.30
C1 GLC H . -29.37 -8.25 14.88
C2 GLC H . -30.18 -7.48 15.93
C3 GLC H . -29.86 -5.97 15.90
C4 GLC H . -28.37 -5.62 15.63
C5 GLC H . -27.70 -6.64 14.70
C6 GLC H . -26.19 -6.43 14.70
O1 GLC H . -29.78 -7.85 13.57
O2 GLC H . -31.57 -7.68 15.67
O3 GLC H . -30.27 -5.48 17.18
O4 GLC H . -28.28 -4.37 14.94
O5 GLC H . -27.98 -7.99 15.08
O6 GLC H . -25.60 -7.17 15.77
C1 GLC H . -28.26 -3.27 15.87
C2 GLC H . -28.70 -1.99 15.15
C3 GLC H . -27.63 -1.65 14.10
C4 GLC H . -26.26 -1.47 14.79
C5 GLC H . -25.93 -2.77 15.56
C6 GLC H . -24.65 -2.54 16.36
O2 GLC H . -29.95 -2.20 14.52
O3 GLC H . -27.98 -0.44 13.43
O4 GLC H . -25.26 -1.25 13.81
O5 GLC H . -26.98 -3.12 16.48
O6 GLC H . -24.90 -1.57 17.38
PG ATP I . 18.20 22.11 35.80
O1G ATP I . 18.77 20.93 36.54
O2G ATP I . 18.89 22.42 34.49
O3G ATP I . 17.95 23.32 36.67
PB ATP I . 15.68 21.05 36.42
O1B ATP I . 16.15 19.67 36.82
O2B ATP I . 15.44 22.09 37.49
O3B ATP I . 16.72 21.64 35.35
PA ATP I . 12.95 20.38 36.25
O1A ATP I . 12.62 21.28 37.41
O2A ATP I . 11.92 20.17 35.18
O3A ATP I . 14.32 20.91 35.56
O5' ATP I . 13.31 18.93 36.84
C5' ATP I . 13.56 17.84 35.98
C4' ATP I . 12.63 16.70 36.38
O4' ATP I . 12.32 16.80 37.77
C3' ATP I . 11.32 16.78 35.62
O3' ATP I . 11.19 15.66 34.74
C2' ATP I . 10.22 16.75 36.67
O2' ATP I . 9.33 15.66 36.41
C1' ATP I . 10.94 16.53 37.99
N9 ATP I . 10.39 17.46 39.02
C8 ATP I . 10.70 18.77 39.15
N7 ATP I . 10.02 19.33 40.18
C5 ATP I . 9.25 18.38 40.72
C6 ATP I . 8.27 18.29 41.84
N6 ATP I . 7.99 19.37 42.59
N1 ATP I . 7.68 17.10 42.07
C2 ATP I . 7.96 16.02 41.32
N3 ATP I . 8.83 16.02 40.29
C4 ATP I . 9.49 17.15 39.94
PB ADP J . 14.66 28.71 30.86
O1B ADP J . 13.72 28.18 29.81
O2B ADP J . 14.02 28.92 32.21
O3B ADP J . 16.00 28.03 30.90
PA ADP J . 13.94 31.39 30.55
O1A ADP J . 12.55 30.82 30.45
O2A ADP J . 14.32 32.18 31.78
O3A ADP J . 15.00 30.19 30.36
O5' ADP J . 14.22 32.29 29.24
C5' ADP J . 13.26 33.23 28.78
C4' ADP J . 13.89 34.06 27.68
O4' ADP J . 14.92 34.88 28.23
C3' ADP J . 14.54 33.19 26.62
O3' ADP J . 13.80 33.24 25.40
C2' ADP J . 15.93 33.76 26.40
O2' ADP J . 16.08 34.20 25.05
C1' ADP J . 16.05 34.94 27.36
N9 ADP J . 17.31 34.85 28.13
C8 ADP J . 17.67 33.81 28.89
N7 ADP J . 18.89 34.02 29.46
C5 ADP J . 19.32 35.23 29.05
C6 ADP J . 20.50 36.08 29.28
N6 ADP J . 21.52 35.67 30.07
N1 ADP J . 20.55 37.28 28.66
C2 ADP J . 19.55 37.71 27.86
N3 ADP J . 18.44 36.99 27.62
C4 ADP J . 18.26 35.77 28.17
P AMP K . 9.88 30.11 38.15
O1P AMP K . 8.89 30.22 37.01
O2P AMP K . 10.06 28.71 38.68
O3P AMP K . 11.17 30.86 37.93
O5' AMP K . 9.19 30.89 39.35
C5' AMP K . 8.88 32.28 39.24
C4' AMP K . 7.52 32.60 39.80
O4' AMP K . 6.50 31.92 39.03
C3' AMP K . 7.30 32.21 41.27
O3' AMP K . 6.56 33.23 41.93
C2' AMP K . 6.45 30.94 41.17
O2' AMP K . 5.63 30.70 42.28
C1' AMP K . 5.64 31.22 39.90
N9 AMP K . 5.17 30.01 39.22
C8 AMP K . 5.96 29.04 38.71
N7 AMP K . 5.21 28.06 38.15
C5 AMP K . 3.92 28.40 38.29
C6 AMP K . 2.60 27.81 37.91
N6 AMP K . 2.53 26.63 37.25
N1 AMP K . 1.49 28.50 38.26
C2 AMP K . 1.55 29.68 38.90
N3 AMP K . 2.71 30.27 39.27
C4 AMP K . 3.90 29.69 38.99
#